data_4ENA
# 
_entry.id   4ENA 
# 
_audit_conform.dict_name       mmcif_pdbx.dic 
_audit_conform.dict_version    5.379 
_audit_conform.dict_location   http://mmcif.pdb.org/dictionaries/ascii/mmcif_pdbx.dic 
# 
loop_
_database_2.database_id 
_database_2.database_code 
_database_2.pdbx_database_accession 
_database_2.pdbx_DOI 
PDB   4ENA         pdb_00004ena 10.2210/pdb4ena/pdb 
NDB   NA1731       ?            ?                   
RCSB  RCSB071832   ?            ?                   
WWPDB D_1000071832 ?            ?                   
# 
loop_
_pdbx_database_related.db_name 
_pdbx_database_related.db_id 
_pdbx_database_related.details 
_pdbx_database_related.content_type 
PDB 4EN5 . unspecified 
PDB 4ENB . unspecified 
PDB 4ENC . unspecified 
PDB 3VRS . unspecified 
# 
_pdbx_database_status.status_code                     REL 
_pdbx_database_status.entry_id                        4ENA 
_pdbx_database_status.recvd_initial_deposition_date   2012-04-12 
_pdbx_database_status.deposit_site                    RCSB 
_pdbx_database_status.process_site                    RCSB 
_pdbx_database_status.status_code_sf                  REL 
_pdbx_database_status.status_code_mr                  ? 
_pdbx_database_status.SG_entry                        ? 
_pdbx_database_status.status_code_cs                  ? 
_pdbx_database_status.methods_development_category    ? 
_pdbx_database_status.pdb_format_compatible           Y 
_pdbx_database_status.status_code_nmr_data            ? 
# 
loop_
_audit_author.name 
_audit_author.pdbx_ordinal 
'Ren, A.M.'         1 
'Rajashankar, K.R.' 2 
'Patel, D.J.'       3 
# 
_citation.id                        primary 
_citation.title                     'Fluoride ion encapsulation by Mg2+ ions and phosphates in a fluoride riboswitch.' 
_citation.journal_abbrev            Nature 
_citation.journal_volume            486 
_citation.page_first                85 
_citation.page_last                 89 
_citation.year                      2012 
_citation.journal_id_ASTM           NATUAS 
_citation.country                   UK 
_citation.journal_id_ISSN           0028-0836 
_citation.journal_id_CSD            0006 
_citation.book_publisher            ? 
_citation.pdbx_database_id_PubMed   22678284 
_citation.pdbx_database_id_DOI      10.1038/nature11152 
# 
loop_
_citation_author.citation_id 
_citation_author.name 
_citation_author.ordinal 
_citation_author.identifier_ORCID 
primary 'Ren, A.'           1 ? 
primary 'Rajashankar, K.R.' 2 ? 
primary 'Patel, D.J.'       3 ? 
# 
_cell.entry_id           4ENA 
_cell.length_a           58.742 
_cell.length_b           77.149 
_cell.length_c           42.477 
_cell.angle_alpha        90.00 
_cell.angle_beta         90.00 
_cell.angle_gamma        90.00 
_cell.Z_PDB              4 
_cell.pdbx_unique_axis   ? 
_cell.length_a_esd       ? 
_cell.length_b_esd       ? 
_cell.length_c_esd       ? 
_cell.angle_alpha_esd    ? 
_cell.angle_beta_esd     ? 
_cell.angle_gamma_esd    ? 
# 
_symmetry.entry_id                         4ENA 
_symmetry.space_group_name_H-M             'P 21 21 2' 
_symmetry.pdbx_full_space_group_name_H-M   ? 
_symmetry.cell_setting                     ? 
_symmetry.Int_Tables_number                18 
_symmetry.space_group_name_Hall            ? 
# 
loop_
_entity.id 
_entity.type 
_entity.src_method 
_entity.pdbx_description 
_entity.formula_weight 
_entity.pdbx_number_of_molecules 
_entity.pdbx_ec 
_entity.pdbx_mutation 
_entity.pdbx_fragment 
_entity.details 
1 polymer     syn 'Fluoride riboswitch' 16936.996 1  ? ? ? ? 
2 non-polymer syn 'CESIUM ION'          132.905   5  ? ? ? ? 
3 non-polymer syn 'MAGNESIUM ION'       24.305    7  ? ? ? ? 
4 non-polymer syn 'FLUORIDE ION'        18.998    1  ? ? ? ? 
5 water       nat water                 18.015    19 ? ? ? ? 
# 
_entity_poly.entity_id                      1 
_entity_poly.type                           polyribonucleotide 
_entity_poly.nstd_linkage                   no 
_entity_poly.nstd_monomer                   yes 
_entity_poly.pdbx_seq_one_letter_code       '(GTP)GGCGAUGAGGCCCGCCCAAACUGCCCUGAAAAGGGCUGAUGGCCUCUACUG' 
_entity_poly.pdbx_seq_one_letter_code_can   GGGCGAUGAGGCCCGCCCAAACUGCCCUGAAAAGGGCUGAUGGCCUCUACUG 
_entity_poly.pdbx_strand_id                 A 
_entity_poly.pdbx_target_identifier         ? 
# 
loop_
_entity_poly_seq.entity_id 
_entity_poly_seq.num 
_entity_poly_seq.mon_id 
_entity_poly_seq.hetero 
1 1  GTP n 
1 2  G   n 
1 3  G   n 
1 4  C   n 
1 5  G   n 
1 6  A   n 
1 7  U   n 
1 8  G   n 
1 9  A   n 
1 10 G   n 
1 11 G   n 
1 12 C   n 
1 13 C   n 
1 14 C   n 
1 15 G   n 
1 16 C   n 
1 17 C   n 
1 18 C   n 
1 19 A   n 
1 20 A   n 
1 21 A   n 
1 22 C   n 
1 23 U   n 
1 24 G   n 
1 25 C   n 
1 26 C   n 
1 27 C   n 
1 28 U   n 
1 29 G   n 
1 30 A   n 
1 31 A   n 
1 32 A   n 
1 33 A   n 
1 34 G   n 
1 35 G   n 
1 36 G   n 
1 37 C   n 
1 38 U   n 
1 39 G   n 
1 40 A   n 
1 41 U   n 
1 42 G   n 
1 43 G   n 
1 44 C   n 
1 45 C   n 
1 46 U   n 
1 47 C   n 
1 48 U   n 
1 49 A   n 
1 50 C   n 
1 51 U   n 
1 52 G   n 
# 
_pdbx_entity_src_syn.entity_id              1 
_pdbx_entity_src_syn.pdbx_src_id            1 
_pdbx_entity_src_syn.pdbx_alt_source_flag   sample 
_pdbx_entity_src_syn.pdbx_beg_seq_num       ? 
_pdbx_entity_src_syn.pdbx_end_seq_num       ? 
_pdbx_entity_src_syn.organism_scientific    'Thermotoga petrophila' 
_pdbx_entity_src_syn.organism_common_name   ? 
_pdbx_entity_src_syn.ncbi_taxonomy_id       93929 
_pdbx_entity_src_syn.details                'RNA was prepared by in vitro transcription with T7 RNA polymerase.' 
# 
_struct_ref.id                         1 
_struct_ref.db_name                    PDB 
_struct_ref.db_code                    4ENA 
_struct_ref.pdbx_db_accession          4ENA 
_struct_ref.entity_id                  1 
_struct_ref.pdbx_align_begin           1 
_struct_ref.pdbx_seq_one_letter_code   '(GTP)GGCGAUGAGGCCCGCCCAAACUGCCCUGAAAAGGGCUGAUGGCCUCUACUG' 
_struct_ref.pdbx_db_isoform            ? 
# 
_struct_ref_seq.align_id                      1 
_struct_ref_seq.ref_id                        1 
_struct_ref_seq.pdbx_PDB_id_code              4ENA 
_struct_ref_seq.pdbx_strand_id                A 
_struct_ref_seq.seq_align_beg                 1 
_struct_ref_seq.pdbx_seq_align_beg_ins_code   ? 
_struct_ref_seq.seq_align_end                 52 
_struct_ref_seq.pdbx_seq_align_end_ins_code   ? 
_struct_ref_seq.pdbx_db_accession             4ENA 
_struct_ref_seq.db_align_beg                  1 
_struct_ref_seq.pdbx_db_align_beg_ins_code    ? 
_struct_ref_seq.db_align_end                  52 
_struct_ref_seq.pdbx_db_align_end_ins_code    ? 
_struct_ref_seq.pdbx_auth_seq_align_beg       1 
_struct_ref_seq.pdbx_auth_seq_align_end       52 
# 
loop_
_chem_comp.id 
_chem_comp.type 
_chem_comp.mon_nstd_flag 
_chem_comp.name 
_chem_comp.pdbx_synonyms 
_chem_comp.formula 
_chem_comp.formula_weight 
A   'RNA linking' y "ADENOSINE-5'-MONOPHOSPHATE" ? 'C10 H14 N5 O7 P'   347.221 
C   'RNA linking' y "CYTIDINE-5'-MONOPHOSPHATE"  ? 'C9 H14 N3 O8 P'    323.197 
CS  non-polymer   . 'CESIUM ION'                 ? 'Cs 1'              132.905 
F   non-polymer   . 'FLUORIDE ION'               ? 'F -1'              18.998  
G   'RNA linking' y "GUANOSINE-5'-MONOPHOSPHATE" ? 'C10 H14 N5 O8 P'   363.221 
GTP non-polymer   n "GUANOSINE-5'-TRIPHOSPHATE"  ? 'C10 H16 N5 O14 P3' 523.180 
HOH non-polymer   . WATER                        ? 'H2 O'              18.015  
MG  non-polymer   . 'MAGNESIUM ION'              ? 'Mg 2'              24.305  
U   'RNA linking' y "URIDINE-5'-MONOPHOSPHATE"   ? 'C9 H13 N2 O9 P'    324.181 
# 
_exptl.entry_id          4ENA 
_exptl.method            'X-RAY DIFFRACTION' 
_exptl.crystals_number   ? 
# 
_exptl_crystal.id                    1 
_exptl_crystal.density_meas          ? 
_exptl_crystal.density_Matthews      2.84 
_exptl_crystal.density_percent_sol   56.71 
_exptl_crystal.description           ? 
_exptl_crystal.F_000                 ? 
_exptl_crystal.preparation           ? 
# 
_exptl_crystal_grow.crystal_id      1 
_exptl_crystal_grow.method          'VAPOR DIFFUSION' 
_exptl_crystal_grow.temp            293 
_exptl_crystal_grow.temp_details    ? 
_exptl_crystal_grow.pH              7.0 
_exptl_crystal_grow.pdbx_details    
;0.1 M sodium cacodylate, pH 7.0, 20 mM spermine, 100 mM cesium chloride, 50 mM magnesium chloride, 20% MPD, VAPOR DIFFUSION, temperature 293K
;
_exptl_crystal_grow.pdbx_pH_range   ? 
# 
_diffrn.id                     1 
_diffrn.ambient_temp           100 
_diffrn.ambient_temp_details   ? 
_diffrn.crystal_id             1 
# 
_diffrn_detector.diffrn_id              1 
_diffrn_detector.detector               CCD 
_diffrn_detector.type                   'ADSC QUANTUM 315' 
_diffrn_detector.pdbx_collection_date   ? 
_diffrn_detector.details                ? 
# 
_diffrn_radiation.diffrn_id                        1 
_diffrn_radiation.wavelength_id                    1 
_diffrn_radiation.pdbx_monochromatic_or_laue_m_l   M 
_diffrn_radiation.monochromator                    'double crystal Si(111)' 
_diffrn_radiation.pdbx_diffrn_protocol             'SINGLE WAVELENGTH' 
_diffrn_radiation.pdbx_scattering_type             x-ray 
# 
_diffrn_radiation_wavelength.id           1 
_diffrn_radiation_wavelength.wavelength   . 
_diffrn_radiation_wavelength.wt           1.0 
# 
_diffrn_source.diffrn_id                   1 
_diffrn_source.source                      SYNCHROTRON 
_diffrn_source.type                        'APS BEAMLINE 24-ID-C' 
_diffrn_source.pdbx_synchrotron_site       APS 
_diffrn_source.pdbx_synchrotron_beamline   24-ID-C 
_diffrn_source.pdbx_wavelength             ? 
_diffrn_source.pdbx_wavelength_list        ? 
# 
_reflns.entry_id                     4ENA 
_reflns.observed_criterion_sigma_I   ? 
_reflns.observed_criterion_sigma_F   ? 
_reflns.d_resolution_low             20.0 
_reflns.d_resolution_high            2.85 
_reflns.number_obs                   4798 
_reflns.number_all                   ? 
_reflns.percent_possible_obs         ? 
_reflns.pdbx_Rmerge_I_obs            0.106 
_reflns.pdbx_Rsym_value              0.102 
_reflns.pdbx_netI_over_sigmaI        13.7 
_reflns.B_iso_Wilson_estimate        ? 
_reflns.pdbx_redundancy              4.4 
_reflns.R_free_details               ? 
_reflns.limit_h_max                  ? 
_reflns.limit_h_min                  ? 
_reflns.limit_k_max                  ? 
_reflns.limit_k_min                  ? 
_reflns.limit_l_max                  ? 
_reflns.limit_l_min                  ? 
_reflns.observed_criterion_F_max     ? 
_reflns.observed_criterion_F_min     ? 
_reflns.pdbx_chi_squared             ? 
_reflns.pdbx_scaling_rejects         ? 
_reflns.pdbx_ordinal                 1 
_reflns.pdbx_diffrn_id               1 
# 
_refine.entry_id                                 4ENA 
_refine.ls_number_reflns_obs                     4798 
_refine.ls_number_reflns_all                     ? 
_refine.pdbx_ls_sigma_I                          ? 
_refine.pdbx_ls_sigma_F                          1.35 
_refine.pdbx_data_cutoff_high_absF               ? 
_refine.pdbx_data_cutoff_low_absF                ? 
_refine.pdbx_data_cutoff_high_rms_absF           ? 
_refine.ls_d_res_low                             19.973 
_refine.ls_d_res_high                            2.850 
_refine.ls_percent_reflns_obs                    96.82 
_refine.ls_R_factor_obs                          0.2292 
_refine.ls_R_factor_all                          ? 
_refine.ls_R_factor_R_work                       0.2251 
_refine.ls_R_factor_R_free                       0.2640 
_refine.ls_R_factor_R_free_error                 ? 
_refine.ls_R_factor_R_free_error_details         ? 
_refine.ls_percent_reflns_R_free                 10.19 
_refine.ls_number_reflns_R_free                  459 
_refine.ls_number_parameters                     ? 
_refine.ls_number_restraints                     ? 
_refine.occupancy_min                            ? 
_refine.occupancy_max                            ? 
_refine.correlation_coeff_Fo_to_Fc               ? 
_refine.correlation_coeff_Fo_to_Fc_free          ? 
_refine.B_iso_mean                               ? 
_refine.aniso_B[1][1]                            5.5137 
_refine.aniso_B[2][2]                            -17.1585 
_refine.aniso_B[3][3]                            11.6449 
_refine.aniso_B[1][2]                            -0.0000 
_refine.aniso_B[1][3]                            0.0000 
_refine.aniso_B[2][3]                            -0.0000 
_refine.solvent_model_details                    'FLAT BULK SOLVENT MODEL' 
_refine.solvent_model_param_ksol                 0.287 
_refine.solvent_model_param_bsol                 22.015 
_refine.pdbx_solvent_vdw_probe_radii             1.00 
_refine.pdbx_solvent_ion_probe_radii             ? 
_refine.pdbx_solvent_shrinkage_radii             0.73 
_refine.pdbx_ls_cross_valid_method               ? 
_refine.details                                  ? 
_refine.pdbx_starting_model                      'PDB ENTRY 4ENB' 
_refine.pdbx_method_to_determine_struct          'MOLECULAR REPLACEMENT' 
_refine.pdbx_isotropic_thermal_model             ? 
_refine.pdbx_stereochemistry_target_values       ML 
_refine.pdbx_stereochem_target_val_spec_case     ? 
_refine.pdbx_R_Free_selection_details            ? 
_refine.pdbx_overall_ESU_R                       ? 
_refine.pdbx_overall_ESU_R_Free                  ? 
_refine.overall_SU_ML                            0.52 
_refine.pdbx_overall_phase_error                 27.46 
_refine.overall_SU_B                             ? 
_refine.overall_SU_R_Cruickshank_DPI             ? 
_refine.ls_redundancy_reflns_obs                 ? 
_refine.B_iso_min                                ? 
_refine.B_iso_max                                ? 
_refine.overall_SU_R_free                        ? 
_refine.ls_wR_factor_R_free                      ? 
_refine.ls_wR_factor_R_work                      ? 
_refine.overall_FOM_free_R_set                   ? 
_refine.overall_FOM_work_R_set                   ? 
_refine.pdbx_diffrn_id                           1 
_refine.pdbx_refine_id                           'X-RAY DIFFRACTION' 
_refine.pdbx_TLS_residual_ADP_flag               ? 
_refine.pdbx_overall_SU_R_free_Cruickshank_DPI   ? 
_refine.pdbx_overall_SU_R_Blow_DPI               ? 
_refine.pdbx_overall_SU_R_free_Blow_DPI          ? 
# 
_refine_hist.pdbx_refine_id                   'X-RAY DIFFRACTION' 
_refine_hist.cycle_id                         LAST 
_refine_hist.pdbx_number_atoms_protein        0 
_refine_hist.pdbx_number_atoms_nucleic_acid   1122 
_refine_hist.pdbx_number_atoms_ligand         13 
_refine_hist.number_atoms_solvent             19 
_refine_hist.number_atoms_total               1154 
_refine_hist.d_res_high                       2.850 
_refine_hist.d_res_low                        19.973 
# 
loop_
_refine_ls_restr.type 
_refine_ls_restr.dev_ideal 
_refine_ls_restr.dev_ideal_target 
_refine_ls_restr.weight 
_refine_ls_restr.number 
_refine_ls_restr.pdbx_restraint_function 
_refine_ls_restr.pdbx_refine_id 
f_bond_d           0.036  ? ? 1288 ? 'X-RAY DIFFRACTION' 
f_angle_d          1.126  ? ? 2000 ? 'X-RAY DIFFRACTION' 
f_dihedral_angle_d 16.860 ? ? 623  ? 'X-RAY DIFFRACTION' 
f_chiral_restr     0.061  ? ? 259  ? 'X-RAY DIFFRACTION' 
f_plane_restr      0.009  ? ? 52   ? 'X-RAY DIFFRACTION' 
# 
loop_
_refine_ls_shell.pdbx_total_number_of_bins_used 
_refine_ls_shell.d_res_high 
_refine_ls_shell.d_res_low 
_refine_ls_shell.number_reflns_R_work 
_refine_ls_shell.R_factor_R_work 
_refine_ls_shell.percent_reflns_obs 
_refine_ls_shell.R_factor_R_free 
_refine_ls_shell.R_factor_R_free_error 
_refine_ls_shell.percent_reflns_R_free 
_refine_ls_shell.number_reflns_R_free 
_refine_ls_shell.number_reflns_all 
_refine_ls_shell.R_factor_all 
_refine_ls_shell.number_reflns_obs 
_refine_ls_shell.redundancy_reflns_obs 
_refine_ls_shell.pdbx_refine_id 
. 2.850  3.0281  1265 0.4305 96.0 0.4256 . . 138 . . . . 'X-RAY DIFFRACTION' 
. 3.0281 3.2609  1258 0.2774 96.0 0.3108 . . 137 . . . . 'X-RAY DIFFRACTION' 
. 3.2609 3.5874  1235 0.2446 96.0 0.3043 . . 142 . . . . 'X-RAY DIFFRACTION' 
. 3.5874 4.1026  1264 0.2041 97.0 0.2583 . . 145 . . . . 'X-RAY DIFFRACTION' 
. 4.1026 5.1541  1285 0.1950 98.0 0.2332 . . 142 . . . . 'X-RAY DIFFRACTION' 
. 5.1541 19.9736 1246 0.1953 97.0 0.2298 . . 153 . . . . 'X-RAY DIFFRACTION' 
# 
_struct.entry_id                  4ENA 
_struct.title                     'Crystal structure of fluoride riboswitch, soaked in Cs+' 
_struct.pdbx_model_details        ? 
_struct.pdbx_CASP_flag            ? 
_struct.pdbx_model_type_details   ? 
# 
_struct_keywords.entry_id        4ENA 
_struct_keywords.pdbx_keywords   RNA 
_struct_keywords.text            'pseudoknot, RNA' 
# 
loop_
_struct_asym.id 
_struct_asym.pdbx_blank_PDB_chainid_flag 
_struct_asym.pdbx_modified 
_struct_asym.entity_id 
_struct_asym.details 
A N N 1 ? 
B N N 2 ? 
C N N 2 ? 
D N N 2 ? 
E N N 2 ? 
F N N 2 ? 
G N N 3 ? 
H N N 3 ? 
I N N 3 ? 
J N N 3 ? 
K N N 3 ? 
L N N 3 ? 
M N N 3 ? 
N N N 4 ? 
O N N 5 ? 
# 
_struct_biol.id        1 
_struct_biol.details   ? 
# 
loop_
_struct_conn.id 
_struct_conn.conn_type_id 
_struct_conn.pdbx_leaving_atom_flag 
_struct_conn.pdbx_PDB_id 
_struct_conn.ptnr1_label_asym_id 
_struct_conn.ptnr1_label_comp_id 
_struct_conn.ptnr1_label_seq_id 
_struct_conn.ptnr1_label_atom_id 
_struct_conn.pdbx_ptnr1_label_alt_id 
_struct_conn.pdbx_ptnr1_PDB_ins_code 
_struct_conn.pdbx_ptnr1_standard_comp_id 
_struct_conn.ptnr1_symmetry 
_struct_conn.ptnr2_label_asym_id 
_struct_conn.ptnr2_label_comp_id 
_struct_conn.ptnr2_label_seq_id 
_struct_conn.ptnr2_label_atom_id 
_struct_conn.pdbx_ptnr2_label_alt_id 
_struct_conn.pdbx_ptnr2_PDB_ins_code 
_struct_conn.ptnr1_auth_asym_id 
_struct_conn.ptnr1_auth_comp_id 
_struct_conn.ptnr1_auth_seq_id 
_struct_conn.ptnr2_auth_asym_id 
_struct_conn.ptnr2_auth_comp_id 
_struct_conn.ptnr2_auth_seq_id 
_struct_conn.ptnr2_symmetry 
_struct_conn.pdbx_ptnr3_label_atom_id 
_struct_conn.pdbx_ptnr3_label_seq_id 
_struct_conn.pdbx_ptnr3_label_comp_id 
_struct_conn.pdbx_ptnr3_label_asym_id 
_struct_conn.pdbx_ptnr3_label_alt_id 
_struct_conn.pdbx_ptnr3_PDB_ins_code 
_struct_conn.details 
_struct_conn.pdbx_dist_value 
_struct_conn.pdbx_value_order 
_struct_conn.pdbx_role 
covale1  covale both ? A GTP 1  "O3'" ? ? ? 1_555 A G   2  P  ? ? A GTP 1   A G   2   1_555 ? ? ? ? ? ? ?                       
1.547 ? ? 
metalc1  metalc ?    ? A GTP 1  O3G   ? ? ? 1_555 H MG  .  MG ? ? A GTP 1   A MG  107 1_555 ? ? ? ? ? ? ?                       
2.338 ? ? 
metalc2  metalc ?    ? A GTP 1  O2G   ? ? ? 1_555 H MG  .  MG ? ? A GTP 1   A MG  107 1_555 ? ? ? ? ? ? ?                       
2.806 ? ? 
metalc3  metalc ?    ? A G   5  OP1   ? ? ? 1_555 B CS  .  CS ? ? A G   5   A CS  101 1_555 ? ? ? ? ? ? ?                       
2.482 ? ? 
metalc4  metalc ?    ? A A   6  OP2   ? ? ? 1_555 I MG  .  MG ? ? A A   6   A MG  108 1_555 ? ? ? ? ? ? ?                       
1.989 ? ? 
metalc5  metalc ?    ? A A   6  OP1   ? ? ? 1_555 J MG  .  MG ? ? A A   6   A MG  109 1_555 ? ? ? ? ? ? ?                       
2.078 ? ? 
metalc6  metalc ?    ? A U   7  OP2   ? ? ? 1_555 I MG  .  MG ? ? A U   7   A MG  108 1_555 ? ? ? ? ? ? ?                       
2.142 ? ? 
metalc7  metalc ?    ? A U   7  OP1   ? ? ? 1_555 K MG  .  MG ? ? A U   7   A MG  110 1_555 ? ? ? ? ? ? ?                       
2.597 ? ? 
metalc8  metalc ?    ? A G   8  OP2   ? ? ? 1_555 K MG  .  MG ? ? A G   8   A MG  110 1_555 ? ? ? ? ? ? ?                       
2.492 ? ? 
metalc9  metalc ?    ? A G   29 O6    ? ? ? 1_555 G MG  .  MG ? ? A G   29  A MG  106 1_555 ? ? ? ? ? ? ?                       
2.661 ? ? 
metalc10 metalc ?    ? A G   35 O6    ? ? ? 1_555 F CS  .  CS ? ? A G   35  A CS  105 1_555 ? ? ? ? ? ? ?                       
2.721 ? ? 
metalc11 metalc ?    ? A C   37 O2    ? ? ? 1_555 E CS  .  CS ? ? A C   37  A CS  104 1_555 ? ? ? ? ? ? ?                       
2.694 ? ? 
metalc12 metalc ?    ? A A   40 OP2   ? ? ? 1_555 L MG  .  MG ? ? A A   40  A MG  111 1_555 ? ? ? ? ? ? ?                       
2.059 ? ? 
metalc13 metalc ?    ? A U   41 OP1   ? ? ? 1_555 I MG  .  MG ? ? A U   41  A MG  108 1_555 ? ? ? ? ? ? ?                       
2.028 ? ? 
metalc14 metalc ?    ? A G   42 OP2   ? ? ? 1_555 I MG  .  MG ? ? A G   42  A MG  108 1_555 ? ? ? ? ? ? ?                       
2.292 ? ? 
metalc15 metalc ?    ? A G   42 OP1   ? ? ? 1_555 J MG  .  MG ? ? A G   42  A MG  109 1_555 ? ? ? ? ? ? ?                       
2.245 ? ? 
metalc16 metalc ?    ? B CS  .  CS    ? ? ? 1_555 O HOH .  O  ? ? A CS  101 A HOH 215 1_555 ? ? ? ? ? ? ?                       
2.471 ? ? 
metalc17 metalc ?    ? B CS  .  CS    ? ? ? 1_555 O HOH .  O  ? ? A CS  101 A HOH 216 1_555 ? ? ? ? ? ? ?                       
2.376 ? ? 
metalc18 metalc ?    ? B CS  .  CS    ? ? ? 1_555 O HOH .  O  ? ? A CS  101 A HOH 218 1_555 ? ? ? ? ? ? ?                       
2.581 ? ? 
metalc19 metalc ?    ? C CS  .  CS    ? ? ? 1_555 O HOH .  O  ? ? A CS  102 A HOH 210 1_555 ? ? ? ? ? ? ?                       
2.615 ? ? 
metalc20 metalc ?    ? C CS  .  CS    ? ? ? 1_555 O HOH .  O  ? ? A CS  102 A HOH 219 1_555 ? ? ? ? ? ? ?                       
2.527 ? ? 
metalc21 metalc ?    ? F CS  .  CS    ? ? ? 1_555 O HOH .  O  ? ? A CS  105 A HOH 213 1_555 ? ? ? ? ? ? ?                       
2.558 ? ? 
metalc22 metalc ?    ? F CS  .  CS    ? ? ? 1_555 O HOH .  O  ? ? A CS  105 A HOH 214 1_555 ? ? ? ? ? ? ?                       
2.551 ? ? 
metalc23 metalc ?    ? G MG  .  MG    ? ? ? 1_555 O HOH .  O  ? ? A MG  106 A HOH 208 1_555 ? ? ? ? ? ? ?                       
2.164 ? ? 
metalc24 metalc ?    ? G MG  .  MG    ? ? ? 1_555 O HOH .  O  ? ? A MG  106 A HOH 211 1_555 ? ? ? ? ? ? ?                       
2.051 ? ? 
metalc25 metalc ?    ? I MG  .  MG    ? ? ? 1_555 O HOH .  O  ? ? A MG  108 A HOH 201 1_555 ? ? ? ? ? ? ?                       
2.057 ? ? 
metalc26 metalc ?    ? J MG  .  MG    ? ? ? 1_555 O HOH .  O  ? ? A MG  109 A HOH 219 1_555 ? ? ? ? ? ? ?                       
2.027 ? ? 
metalc27 metalc ?    ? L MG  .  MG    ? ? ? 1_555 O HOH .  O  ? ? A MG  111 A HOH 202 1_555 ? ? ? ? ? ? ?                       
2.059 ? ? 
metalc28 metalc ?    ? L MG  .  MG    ? ? ? 1_555 O HOH .  O  ? ? A MG  111 A HOH 203 1_555 ? ? ? ? ? ? ?                       
2.082 ? ? 
metalc29 metalc ?    ? L MG  .  MG    ? ? ? 1_555 O HOH .  O  ? ? A MG  111 A HOH 204 1_555 ? ? ? ? ? ? ?                       
2.100 ? ? 
metalc30 metalc ?    ? L MG  .  MG    ? ? ? 1_555 O HOH .  O  ? ? A MG  111 A HOH 205 1_555 ? ? ? ? ? ? ?                       
2.039 ? ? 
metalc31 metalc ?    ? M MG  .  MG    ? ? ? 1_555 O HOH .  O  ? ? A MG  112 A HOH 210 1_555 ? ? ? ? ? ? ?                       
2.168 ? ? 
metalc32 metalc ?    ? M MG  .  MG    ? ? ? 1_555 O HOH .  O  ? ? A MG  112 A HOH 217 1_555 ? ? ? ? ? ? ?                       
2.104 ? ? 
hydrog1  hydrog ?    ? A G   2  N1    ? ? ? 1_555 A C   17 N3 ? ? A G   2   A C   17  1_555 ? ? ? ? ? ? WATSON-CRICK            ? 
? ? 
hydrog2  hydrog ?    ? A G   2  N2    ? ? ? 1_555 A C   17 O2 ? ? A G   2   A C   17  1_555 ? ? ? ? ? ? WATSON-CRICK            ? 
? ? 
hydrog3  hydrog ?    ? A G   2  O6    ? ? ? 1_555 A C   17 N4 ? ? A G   2   A C   17  1_555 ? ? ? ? ? ? WATSON-CRICK            ? 
? ? 
hydrog4  hydrog ?    ? A G   3  N1    ? ? ? 1_555 A C   16 N3 ? ? A G   3   A C   16  1_555 ? ? ? ? ? ? WATSON-CRICK            ? 
? ? 
hydrog5  hydrog ?    ? A G   3  N2    ? ? ? 1_555 A C   16 O2 ? ? A G   3   A C   16  1_555 ? ? ? ? ? ? WATSON-CRICK            ? 
? ? 
hydrog6  hydrog ?    ? A G   3  O6    ? ? ? 1_555 A C   16 N4 ? ? A G   3   A C   16  1_555 ? ? ? ? ? ? WATSON-CRICK            ? 
? ? 
hydrog7  hydrog ?    ? A G   3  N2    ? ? ? 1_555 A A   21 N3 ? ? A G   3   A A   21  1_555 ? ? ? ? ? ? 'G-A MISPAIR'           ? 
? ? 
hydrog8  hydrog ?    ? A C   4  N3    ? ? ? 1_555 A G   15 N1 ? ? A C   4   A G   15  1_555 ? ? ? ? ? ? WATSON-CRICK            ? 
? ? 
hydrog9  hydrog ?    ? A C   4  N4    ? ? ? 1_555 A G   15 O6 ? ? A C   4   A G   15  1_555 ? ? ? ? ? ? WATSON-CRICK            ? 
? ? 
hydrog10 hydrog ?    ? A C   4  O2    ? ? ? 1_555 A G   15 N2 ? ? A C   4   A G   15  1_555 ? ? ? ? ? ? WATSON-CRICK            ? 
? ? 
hydrog11 hydrog ?    ? A G   5  N1    ? ? ? 1_555 A C   14 N3 ? ? A G   5   A C   14  1_555 ? ? ? ? ? ? WATSON-CRICK            ? 
? ? 
hydrog12 hydrog ?    ? A G   5  N2    ? ? ? 1_555 A C   14 O2 ? ? A G   5   A C   14  1_555 ? ? ? ? ? ? WATSON-CRICK            ? 
? ? 
hydrog13 hydrog ?    ? A G   5  O6    ? ? ? 1_555 A C   14 N4 ? ? A G   5   A C   14  1_555 ? ? ? ? ? ? WATSON-CRICK            ? 
? ? 
hydrog14 hydrog ?    ? A A   6  N1    ? ? ? 1_555 A U   38 N3 ? ? A A   6   A U   38  1_555 ? ? ? ? ? ? 'REVERSED WATSON-CRICK' ? 
? ? 
hydrog15 hydrog ?    ? A A   6  N6    ? ? ? 1_555 A U   38 O2 ? ? A A   6   A U   38  1_555 ? ? ? ? ? ? 'REVERSED WATSON-CRICK' ? 
? ? 
hydrog16 hydrog ?    ? A G   8  N1    ? ? ? 1_555 A C   47 N3 ? ? A G   8   A C   47  1_555 ? ? ? ? ? ? WATSON-CRICK            ? 
? ? 
hydrog17 hydrog ?    ? A G   8  N2    ? ? ? 1_555 A C   47 O2 ? ? A G   8   A C   47  1_555 ? ? ? ? ? ? WATSON-CRICK            ? 
? ? 
hydrog18 hydrog ?    ? A G   8  O6    ? ? ? 1_555 A C   47 N4 ? ? A G   8   A C   47  1_555 ? ? ? ? ? ? WATSON-CRICK            ? 
? ? 
hydrog19 hydrog ?    ? A A   9  N1    ? ? ? 1_555 A U   46 N3 ? ? A A   9   A U   46  1_555 ? ? ? ? ? ? WATSON-CRICK            ? 
? ? 
hydrog20 hydrog ?    ? A A   9  N6    ? ? ? 1_555 A U   46 O4 ? ? A A   9   A U   46  1_555 ? ? ? ? ? ? WATSON-CRICK            ? 
? ? 
hydrog21 hydrog ?    ? A G   10 N1    ? ? ? 1_555 A C   45 N3 ? ? A G   10  A C   45  1_555 ? ? ? ? ? ? WATSON-CRICK            ? 
? ? 
hydrog22 hydrog ?    ? A G   10 N2    ? ? ? 1_555 A C   45 O2 ? ? A G   10  A C   45  1_555 ? ? ? ? ? ? WATSON-CRICK            ? 
? ? 
hydrog23 hydrog ?    ? A G   10 O6    ? ? ? 1_555 A C   45 N4 ? ? A G   10  A C   45  1_555 ? ? ? ? ? ? WATSON-CRICK            ? 
? ? 
hydrog24 hydrog ?    ? A G   11 N1    ? ? ? 1_555 A C   44 N3 ? ? A G   11  A C   44  1_555 ? ? ? ? ? ? WATSON-CRICK            ? 
? ? 
hydrog25 hydrog ?    ? A G   11 N2    ? ? ? 1_555 A C   44 O2 ? ? A G   11  A C   44  1_555 ? ? ? ? ? ? WATSON-CRICK            ? 
? ? 
hydrog26 hydrog ?    ? A G   11 O6    ? ? ? 1_555 A C   44 N4 ? ? A G   11  A C   44  1_555 ? ? ? ? ? ? WATSON-CRICK            ? 
? ? 
hydrog27 hydrog ?    ? A C   12 N3    ? ? ? 1_555 A G   43 N1 ? ? A C   12  A G   43  1_555 ? ? ? ? ? ? WATSON-CRICK            ? 
? ? 
hydrog28 hydrog ?    ? A C   12 N4    ? ? ? 1_555 A G   43 O6 ? ? A C   12  A G   43  1_555 ? ? ? ? ? ? WATSON-CRICK            ? 
? ? 
hydrog29 hydrog ?    ? A C   12 O2    ? ? ? 1_555 A G   43 N2 ? ? A C   12  A G   43  1_555 ? ? ? ? ? ? WATSON-CRICK            ? 
? ? 
hydrog30 hydrog ?    ? A C   13 N3    ? ? ? 1_555 A G   42 N1 ? ? A C   13  A G   42  1_555 ? ? ? ? ? ? WATSON-CRICK            ? 
? ? 
hydrog31 hydrog ?    ? A C   13 N4    ? ? ? 1_555 A G   42 O6 ? ? A C   13  A G   42  1_555 ? ? ? ? ? ? WATSON-CRICK            ? 
? ? 
hydrog32 hydrog ?    ? A C   13 O2    ? ? ? 1_555 A G   42 N2 ? ? A C   13  A G   42  1_555 ? ? ? ? ? ? WATSON-CRICK            ? 
? ? 
hydrog33 hydrog ?    ? A G   24 N1    ? ? ? 1_555 A C   37 N3 ? ? A G   24  A C   37  1_555 ? ? ? ? ? ? 'G-C PAIR'              ? 
? ? 
hydrog34 hydrog ?    ? A C   25 N3    ? ? ? 1_555 A G   36 N1 ? ? A C   25  A G   36  1_555 ? ? ? ? ? ? WATSON-CRICK            ? 
? ? 
hydrog35 hydrog ?    ? A C   25 N4    ? ? ? 1_555 A G   36 O6 ? ? A C   25  A G   36  1_555 ? ? ? ? ? ? WATSON-CRICK            ? 
? ? 
hydrog36 hydrog ?    ? A C   25 O2    ? ? ? 1_555 A G   36 N2 ? ? A C   25  A G   36  1_555 ? ? ? ? ? ? WATSON-CRICK            ? 
? ? 
hydrog37 hydrog ?    ? A C   26 N3    ? ? ? 1_555 A G   35 N1 ? ? A C   26  A G   35  1_555 ? ? ? ? ? ? WATSON-CRICK            ? 
? ? 
hydrog38 hydrog ?    ? A C   26 N4    ? ? ? 1_555 A G   35 O6 ? ? A C   26  A G   35  1_555 ? ? ? ? ? ? WATSON-CRICK            ? 
? ? 
hydrog39 hydrog ?    ? A C   26 O2    ? ? ? 1_555 A G   35 N2 ? ? A C   26  A G   35  1_555 ? ? ? ? ? ? WATSON-CRICK            ? 
? ? 
hydrog40 hydrog ?    ? A C   27 N3    ? ? ? 1_555 A G   34 N1 ? ? A C   27  A G   34  1_555 ? ? ? ? ? ? WATSON-CRICK            ? 
? ? 
hydrog41 hydrog ?    ? A C   27 N4    ? ? ? 1_555 A G   34 O6 ? ? A C   27  A G   34  1_555 ? ? ? ? ? ? WATSON-CRICK            ? 
? ? 
hydrog42 hydrog ?    ? A C   27 O2    ? ? ? 1_555 A G   34 N2 ? ? A C   27  A G   34  1_555 ? ? ? ? ? ? WATSON-CRICK            ? 
? ? 
hydrog43 hydrog ?    ? A U   28 N3    ? ? ? 1_555 A A   33 N1 ? ? A U   28  A A   33  1_555 ? ? ? ? ? ? WATSON-CRICK            ? 
? ? 
hydrog44 hydrog ?    ? A U   28 O4    ? ? ? 1_555 A A   33 N6 ? ? A U   28  A A   33  1_555 ? ? ? ? ? ? WATSON-CRICK            ? 
? ? 
hydrog45 hydrog ?    ? A G   29 N2    ? ? ? 1_555 A A   32 N7 ? ? A G   29  A A   32  1_555 ? ? ? ? ? ? 'G-A MISPAIR'           ? 
? ? 
hydrog46 hydrog ?    ? A A   40 N6    ? ? ? 1_555 A U   48 O2 ? ? A A   40  A U   48  1_555 ? ? ? ? ? ? 'REVERSED HOOGSTEEN'    ? 
? ? 
hydrog47 hydrog ?    ? A A   40 N7    ? ? ? 1_555 A U   48 N3 ? ? A A   40  A U   48  1_555 ? ? ? ? ? ? 'REVERSED HOOGSTEEN'    ? 
? ? 
# 
loop_
_struct_conn_type.id 
_struct_conn_type.criteria 
_struct_conn_type.reference 
covale ? ? 
metalc ? ? 
hydrog ? ? 
# 
loop_
_struct_site.id 
_struct_site.pdbx_evidence_code 
_struct_site.pdbx_auth_asym_id 
_struct_site.pdbx_auth_comp_id 
_struct_site.pdbx_auth_seq_id 
_struct_site.pdbx_auth_ins_code 
_struct_site.pdbx_num_residues 
_struct_site.details 
AC1 Software A CS 101 ? 4 'BINDING SITE FOR RESIDUE CS A 101' 
AC2 Software A CS 102 ? 2 'BINDING SITE FOR RESIDUE CS A 102' 
AC3 Software A CS 104 ? 1 'BINDING SITE FOR RESIDUE CS A 104' 
AC4 Software A CS 105 ? 3 'BINDING SITE FOR RESIDUE CS A 105' 
AC5 Software A MG 106 ? 3 'BINDING SITE FOR RESIDUE MG A 106' 
AC6 Software A MG 107 ? 2 'BINDING SITE FOR RESIDUE MG A 107' 
AC7 Software A MG 108 ? 8 'BINDING SITE FOR RESIDUE MG A 108' 
AC8 Software A MG 109 ? 6 'BINDING SITE FOR RESIDUE MG A 109' 
AC9 Software A MG 110 ? 6 'BINDING SITE FOR RESIDUE MG A 110' 
BC1 Software A MG 111 ? 5 'BINDING SITE FOR RESIDUE MG A 111' 
BC2 Software A MG 112 ? 4 'BINDING SITE FOR RESIDUE MG A 112' 
BC3 Software A F  113 ? 7 'BINDING SITE FOR RESIDUE F A 113'  
# 
loop_
_struct_site_gen.id 
_struct_site_gen.site_id 
_struct_site_gen.pdbx_num_res 
_struct_site_gen.label_comp_id 
_struct_site_gen.label_asym_id 
_struct_site_gen.label_seq_id 
_struct_site_gen.pdbx_auth_ins_code 
_struct_site_gen.auth_comp_id 
_struct_site_gen.auth_asym_id 
_struct_site_gen.auth_seq_id 
_struct_site_gen.label_atom_id 
_struct_site_gen.label_alt_id 
_struct_site_gen.symmetry 
_struct_site_gen.details 
1  AC1 4 G   A 5  ? G   A 5   . ? 1_555 ? 
2  AC1 4 HOH O .  ? HOH A 215 . ? 1_555 ? 
3  AC1 4 HOH O .  ? HOH A 216 . ? 1_555 ? 
4  AC1 4 HOH O .  ? HOH A 218 . ? 1_555 ? 
5  AC2 2 HOH O .  ? HOH A 210 . ? 1_555 ? 
6  AC2 2 HOH O .  ? HOH A 219 . ? 1_555 ? 
7  AC3 1 C   A 37 ? C   A 37  . ? 1_555 ? 
8  AC4 3 G   A 35 ? G   A 35  . ? 1_555 ? 
9  AC4 3 HOH O .  ? HOH A 213 . ? 1_555 ? 
10 AC4 3 HOH O .  ? HOH A 214 . ? 1_555 ? 
11 AC5 3 G   A 29 ? G   A 29  . ? 1_555 ? 
12 AC5 3 HOH O .  ? HOH A 208 . ? 1_555 ? 
13 AC5 3 HOH O .  ? HOH A 211 . ? 1_555 ? 
14 AC6 2 GTP A 1  ? GTP A 1   . ? 1_555 ? 
15 AC6 2 C   A 18 ? C   A 18  . ? 2_665 ? 
16 AC7 8 A   A 6  ? A   A 6   . ? 1_555 ? 
17 AC7 8 U   A 7  ? U   A 7   . ? 1_555 ? 
18 AC7 8 U   A 41 ? U   A 41  . ? 1_555 ? 
19 AC7 8 G   A 42 ? G   A 42  . ? 1_555 ? 
20 AC7 8 MG  J .  ? MG  A 109 . ? 1_555 ? 
21 AC7 8 MG  K .  ? MG  A 110 . ? 1_555 ? 
22 AC7 8 F   N .  ? F   A 113 . ? 1_555 ? 
23 AC7 8 HOH O .  ? HOH A 201 . ? 1_555 ? 
24 AC8 6 A   A 6  ? A   A 6   . ? 1_555 ? 
25 AC8 6 G   A 42 ? G   A 42  . ? 1_555 ? 
26 AC8 6 MG  I .  ? MG  A 108 . ? 1_555 ? 
27 AC8 6 MG  K .  ? MG  A 110 . ? 1_555 ? 
28 AC8 6 F   N .  ? F   A 113 . ? 1_555 ? 
29 AC8 6 HOH O .  ? HOH A 219 . ? 1_555 ? 
30 AC9 6 U   A 7  ? U   A 7   . ? 1_555 ? 
31 AC9 6 G   A 8  ? G   A 8   . ? 1_555 ? 
32 AC9 6 U   A 41 ? U   A 41  . ? 1_555 ? 
33 AC9 6 MG  I .  ? MG  A 108 . ? 1_555 ? 
34 AC9 6 MG  J .  ? MG  A 109 . ? 1_555 ? 
35 AC9 6 F   N .  ? F   A 113 . ? 1_555 ? 
36 BC1 5 A   A 40 ? A   A 40  . ? 1_555 ? 
37 BC1 5 HOH O .  ? HOH A 202 . ? 1_555 ? 
38 BC1 5 HOH O .  ? HOH A 203 . ? 1_555 ? 
39 BC1 5 HOH O .  ? HOH A 204 . ? 1_555 ? 
40 BC1 5 HOH O .  ? HOH A 205 . ? 1_555 ? 
41 BC2 4 G   A 10 ? G   A 10  . ? 1_555 ? 
42 BC2 4 G   A 11 ? G   A 11  . ? 1_555 ? 
43 BC2 4 HOH O .  ? HOH A 210 . ? 1_555 ? 
44 BC2 4 HOH O .  ? HOH A 217 . ? 1_555 ? 
45 BC3 7 A   A 6  ? A   A 6   . ? 1_555 ? 
46 BC3 7 U   A 7  ? U   A 7   . ? 1_555 ? 
47 BC3 7 U   A 41 ? U   A 41  . ? 1_555 ? 
48 BC3 7 G   A 42 ? G   A 42  . ? 1_555 ? 
49 BC3 7 MG  I .  ? MG  A 108 . ? 1_555 ? 
50 BC3 7 MG  J .  ? MG  A 109 . ? 1_555 ? 
51 BC3 7 MG  K .  ? MG  A 110 . ? 1_555 ? 
# 
_atom_sites.entry_id                    4ENA 
_atom_sites.fract_transf_matrix[1][1]   -0.00600075 
_atom_sites.fract_transf_matrix[1][2]   0.00785223 
_atom_sites.fract_transf_matrix[1][3]   -0.01386182 
_atom_sites.fract_transf_matrix[2][1]   0.01166321 
_atom_sites.fract_transf_matrix[2][2]   0.00526403 
_atom_sites.fract_transf_matrix[2][3]   -0.00206709 
_atom_sites.fract_transf_matrix[3][1]   0.00605316 
_atom_sites.fract_transf_matrix[3][2]   -0.01857172 
_atom_sites.fract_transf_matrix[3][3]   -0.01314063 
_atom_sites.fract_transf_vector[1]      0.222229 
_atom_sites.fract_transf_vector[2]      0.261010 
_atom_sites.fract_transf_vector[3]      0.237632 
# 
loop_
_atom_type.symbol 
C  
CS 
F  
MG 
N  
O  
P  
# 
loop_
_atom_site.group_PDB 
_atom_site.id 
_atom_site.type_symbol 
_atom_site.label_atom_id 
_atom_site.label_alt_id 
_atom_site.label_comp_id 
_atom_site.label_asym_id 
_atom_site.label_entity_id 
_atom_site.label_seq_id 
_atom_site.pdbx_PDB_ins_code 
_atom_site.Cartn_x 
_atom_site.Cartn_y 
_atom_site.Cartn_z 
_atom_site.occupancy 
_atom_site.B_iso_or_equiv 
_atom_site.pdbx_formal_charge 
_atom_site.auth_seq_id 
_atom_site.auth_comp_id 
_atom_site.auth_asym_id 
_atom_site.auth_atom_id 
_atom_site.pdbx_PDB_model_num 
HETATM 1    P  PG    . GTP A 1 1  ? 22.946  7.144   -20.984 1.00 84.29  ? 1   GTP A PG    1 
HETATM 2    O  O1G   . GTP A 1 1  ? 23.619  8.145   -20.043 1.00 79.35  ? 1   GTP A O1G   1 
HETATM 3    O  O2G   . GTP A 1 1  ? 23.817  5.903   -21.066 1.00 83.96  ? 1   GTP A O2G   1 
HETATM 4    O  O3G   . GTP A 1 1  ? 22.903  7.682   -22.409 1.00 74.78  ? 1   GTP A O3G   1 
HETATM 5    O  O3B   . GTP A 1 1  ? 21.418  6.760   -20.505 1.00 83.09  ? 1   GTP A O3B   1 
HETATM 6    P  PB    . GTP A 1 1  ? 20.855  6.660   -18.964 1.00 89.88  ? 1   GTP A PB    1 
HETATM 7    O  O1B   . GTP A 1 1  ? 21.700  7.505   -18.017 1.00 83.70  ? 1   GTP A O1B   1 
HETATM 8    O  O2B   . GTP A 1 1  ? 20.812  5.186   -18.569 1.00 84.24  ? 1   GTP A O2B   1 
HETATM 9    O  O3A   . GTP A 1 1  ? 19.340  7.263   -18.895 1.00 83.88  ? 1   GTP A O3A   1 
HETATM 10   P  PA    . GTP A 1 1  ? 18.377  7.058   -17.582 1.00 89.60  ? 1   GTP A PA    1 
HETATM 11   O  O1A   . GTP A 1 1  ? 19.141  6.262   -16.529 1.00 85.01  ? 1   GTP A O1A   1 
HETATM 12   O  O2A   . GTP A 1 1  ? 17.054  6.366   -17.933 1.00 77.88  ? 1   GTP A O2A   1 
HETATM 13   O  "O5'" . GTP A 1 1  ? 18.116  8.580   -17.019 1.00 83.82  ? 1   GTP A "O5'" 1 
HETATM 14   C  "C5'" . GTP A 1 1  ? 17.028  8.933   -16.149 1.00 79.34  ? 1   GTP A "C5'" 1 
HETATM 15   C  "C4'" . GTP A 1 1  ? 15.894  9.812   -16.722 1.00 74.92  ? 1   GTP A "C4'" 1 
HETATM 16   O  "O4'" . GTP A 1 1  ? 16.240  10.502  -17.913 1.00 73.81  ? 1   GTP A "O4'" 1 
HETATM 17   C  "C3'" . GTP A 1 1  ? 14.661  8.971   -17.040 1.00 76.12  ? 1   GTP A "C3'" 1 
HETATM 18   O  "O3'" . GTP A 1 1  ? 13.549  9.664   -16.524 1.00 75.59  ? 1   GTP A "O3'" 1 
HETATM 19   C  "C2'" . GTP A 1 1  ? 14.561  8.908   -18.559 1.00 75.98  ? 1   GTP A "C2'" 1 
HETATM 20   O  "O2'" . GTP A 1 1  ? 13.221  8.958   -19.039 1.00 72.51  ? 1   GTP A "O2'" 1 
HETATM 21   C  "C1'" . GTP A 1 1  ? 15.392  10.109  -18.996 1.00 74.02  ? 1   GTP A "C1'" 1 
HETATM 22   N  N9    . GTP A 1 1  ? 16.258  9.786   -20.140 1.00 71.86  ? 1   GTP A N9    1 
HETATM 23   C  C8    . GTP A 1 1  ? 15.968  9.107   -21.303 1.00 71.40  ? 1   GTP A C8    1 
HETATM 24   N  N7    . GTP A 1 1  ? 17.086  9.081   -22.075 1.00 69.61  ? 1   GTP A N7    1 
HETATM 25   C  C5    . GTP A 1 1  ? 18.064  9.747   -21.410 1.00 71.13  ? 1   GTP A C5    1 
HETATM 26   C  C6    . GTP A 1 1  ? 19.383  10.032  -21.710 1.00 71.20  ? 1   GTP A C6    1 
HETATM 27   O  O6    . GTP A 1 1  ? 19.852  9.641   -22.776 1.00 72.23  ? 1   GTP A O6    1 
HETATM 28   N  N1    . GTP A 1 1  ? 20.159  10.749  -20.818 1.00 70.41  ? 1   GTP A N1    1 
HETATM 29   C  C2    . GTP A 1 1  ? 19.610  11.181  -19.628 1.00 71.81  ? 1   GTP A C2    1 
HETATM 30   N  N2    . GTP A 1 1  ? 20.337  11.874  -18.758 1.00 72.61  ? 1   GTP A N2    1 
HETATM 31   N  N3    . GTP A 1 1  ? 18.300  10.898  -19.329 1.00 70.31  ? 1   GTP A N3    1 
HETATM 32   C  C4    . GTP A 1 1  ? 17.553  10.196  -20.206 1.00 71.06  ? 1   GTP A C4    1 
ATOM   33   P  P     . G   A 1 2  ? 12.538  8.600   -16.035 1.00 71.12  ? 2   G   A P     1 
ATOM   34   O  OP1   . G   A 1 2  ? 12.534  8.752   -14.557 1.00 71.56  ? 2   G   A OP1   1 
ATOM   35   O  OP2   . G   A 1 2  ? 12.811  7.268   -16.639 1.00 70.71  ? 2   G   A OP2   1 
ATOM   36   O  "O5'" . G   A 1 2  ? 11.242  9.260   -16.681 1.00 68.32  ? 2   G   A "O5'" 1 
ATOM   37   C  "C5'" . G   A 1 2  ? 10.566  10.330  -16.044 1.00 65.92  ? 2   G   A "C5'" 1 
ATOM   38   C  "C4'" . G   A 1 2  ? 9.098   10.314  -16.377 1.00 67.75  ? 2   G   A "C4'" 1 
ATOM   39   O  "O4'" . G   A 1 2  ? 8.890   9.601   -17.625 1.00 69.21  ? 2   G   A "O4'" 1 
ATOM   40   C  "C3'" . G   A 1 2  ? 8.207   9.588   -15.388 1.00 65.24  ? 2   G   A "C3'" 1 
ATOM   41   O  "O3'" . G   A 1 2  ? 7.864   10.383  -14.273 1.00 63.58  ? 2   G   A "O3'" 1 
ATOM   42   C  "C2'" . G   A 1 2  ? 7.015   9.175   -16.242 1.00 64.53  ? 2   G   A "C2'" 1 
ATOM   43   O  "O2'" . G   A 1 2  ? 6.144   10.272  -16.460 1.00 62.59  ? 2   G   A "O2'" 1 
ATOM   44   C  "C1'" . G   A 1 2  ? 7.706   8.834   -17.560 1.00 66.66  ? 2   G   A "C1'" 1 
ATOM   45   N  N9    . G   A 1 2  ? 8.080   7.413   -17.626 1.00 66.60  ? 2   G   A N9    1 
ATOM   46   C  C8    . G   A 1 2  ? 9.362   6.916   -17.635 1.00 66.21  ? 2   G   A C8    1 
ATOM   47   N  N7    . G   A 1 2  ? 9.424   5.616   -17.688 1.00 64.78  ? 2   G   A N7    1 
ATOM   48   C  C5    . G   A 1 2  ? 8.089   5.241   -17.702 1.00 66.36  ? 2   G   A C5    1 
ATOM   49   C  C6    . G   A 1 2  ? 7.527   3.948   -17.743 1.00 65.61  ? 2   G   A C6    1 
ATOM   50   O  O6    . G   A 1 2  ? 8.149   2.876   -17.778 1.00 67.82  ? 2   G   A O6    1 
ATOM   51   N  N1    . G   A 1 2  ? 6.135   3.987   -17.739 1.00 62.16  ? 2   G   A N1    1 
ATOM   52   C  C2    . G   A 1 2  ? 5.382   5.130   -17.699 1.00 64.27  ? 2   G   A C2    1 
ATOM   53   N  N2    . G   A 1 2  ? 4.046   4.963   -17.705 1.00 63.38  ? 2   G   A N2    1 
ATOM   54   N  N3    . G   A 1 2  ? 5.898   6.351   -17.659 1.00 64.22  ? 2   G   A N3    1 
ATOM   55   C  C4    . G   A 1 2  ? 7.243   6.327   -17.664 1.00 65.54  ? 2   G   A C4    1 
ATOM   56   P  P     . G   A 1 3  ? 7.862   9.734   -12.812 1.00 65.37  ? 3   G   A P     1 
ATOM   57   O  OP1   . G   A 1 3  ? 7.821   10.850  -11.831 1.00 63.92  ? 3   G   A OP1   1 
ATOM   58   O  OP2   . G   A 1 3  ? 8.999   8.782   -12.761 1.00 64.96  ? 3   G   A OP2   1 
ATOM   59   O  "O5'" . G   A 1 3  ? 6.481   8.943   -12.793 1.00 61.58  ? 3   G   A "O5'" 1 
ATOM   60   C  "C5'" . G   A 1 3  ? 5.262   9.637   -13.006 1.00 60.52  ? 3   G   A "C5'" 1 
ATOM   61   C  "C4'" . G   A 1 3  ? 4.101   8.698   -13.174 1.00 58.65  ? 3   G   A "C4'" 1 
ATOM   62   O  "O4'" . G   A 1 3  ? 4.274   7.907   -14.372 1.00 59.14  ? 3   G   A "O4'" 1 
ATOM   63   C  "C3'" . G   A 1 3  ? 3.909   7.668   -12.080 1.00 57.38  ? 3   G   A "C3'" 1 
ATOM   64   O  "O3'" . G   A 1 3  ? 3.266   8.197   -10.939 1.00 56.34  ? 3   G   A "O3'" 1 
ATOM   65   C  "C2'" . G   A 1 3  ? 3.093   6.602   -12.791 1.00 58.55  ? 3   G   A "C2'" 1 
ATOM   66   O  "O2'" . G   A 1 3  ? 1.740   7.016   -12.927 1.00 59.70  ? 3   G   A "O2'" 1 
ATOM   67   C  "C1'" . G   A 1 3  ? 3.738   6.617   -14.172 1.00 58.32  ? 3   G   A "C1'" 1 
ATOM   68   N  N9    . G   A 1 3  ? 4.831   5.635   -14.279 1.00 59.19  ? 3   G   A N9    1 
ATOM   69   C  C8    . G   A 1 3  ? 6.179   5.888   -14.331 1.00 59.46  ? 3   G   A C8    1 
ATOM   70   N  N7    . G   A 1 3  ? 6.895   4.808   -14.440 1.00 58.30  ? 3   G   A N7    1 
ATOM   71   C  C5    . G   A 1 3  ? 5.971   3.783   -14.460 1.00 58.06  ? 3   G   A C5    1 
ATOM   72   C  C6    . G   A 1 3  ? 6.157   2.385   -14.551 1.00 59.14  ? 3   G   A C6    1 
ATOM   73   O  O6    . G   A 1 3  ? 7.213   1.753   -14.638 1.00 59.85  ? 3   G   A O6    1 
ATOM   74   N  N1    . G   A 1 3  ? 4.945   1.704   -14.533 1.00 58.68  ? 3   G   A N1    1 
ATOM   75   C  C2    . G   A 1 3  ? 3.721   2.301   -14.427 1.00 58.15  ? 3   G   A C2    1 
ATOM   76   N  N2    . G   A 1 3  ? 2.676   1.474   -14.418 1.00 59.44  ? 3   G   A N2    1 
ATOM   77   N  N3    . G   A 1 3  ? 3.532   3.601   -14.336 1.00 57.56  ? 3   G   A N3    1 
ATOM   78   C  C4    . G   A 1 3  ? 4.693   4.275   -14.363 1.00 58.15  ? 3   G   A C4    1 
ATOM   79   P  P     . C   A 1 4  ? 3.597   7.627   -9.480  1.00 57.58  ? 4   C   A P     1 
ATOM   80   O  OP1   . C   A 1 4  ? 2.876   8.479   -8.507  1.00 56.80  ? 4   C   A OP1   1 
ATOM   81   O  OP2   . C   A 1 4  ? 5.067   7.514   -9.376  1.00 58.87  ? 4   C   A OP2   1 
ATOM   82   O  "O5'" . C   A 1 4  ? 2.948   6.177   -9.508  1.00 57.27  ? 4   C   A "O5'" 1 
ATOM   83   C  "C5'" . C   A 1 4  ? 1.557   6.009   -9.704  1.00 55.92  ? 4   C   A "C5'" 1 
ATOM   84   C  "C4'" . C   A 1 4  ? 1.205   4.561   -9.910  1.00 56.55  ? 4   C   A "C4'" 1 
ATOM   85   O  "O4'" . C   A 1 4  ? 1.867   4.047   -11.097 1.00 58.23  ? 4   C   A "O4'" 1 
ATOM   86   C  "C3'" . C   A 1 4  ? 1.669   3.620   -8.835  1.00 55.00  ? 4   C   A "C3'" 1 
ATOM   87   O  "O3'" . C   A 1 4  ? 0.888   3.684   -7.677  1.00 55.53  ? 4   C   A "O3'" 1 
ATOM   88   C  "C2'" . C   A 1 4  ? 1.623   2.282   -9.548  1.00 54.95  ? 4   C   A "C2'" 1 
ATOM   89   O  "O2'" . C   A 1 4  ? 0.287   1.861   -9.725  1.00 55.57  ? 4   C   A "O2'" 1 
ATOM   90   C  "C1'" . C   A 1 4  ? 2.173   2.680   -10.913 1.00 56.57  ? 4   C   A "C1'" 1 
ATOM   91   N  N1    . C   A 1 4  ? 3.638   2.508   -10.990 1.00 55.21  ? 4   C   A N1    1 
ATOM   92   C  C2    . C   A 1 4  ? 4.139   1.229   -11.194 1.00 55.56  ? 4   C   A C2    1 
ATOM   93   O  O2    . C   A 1 4  ? 3.353   0.299   -11.319 1.00 57.17  ? 4   C   A O2    1 
ATOM   94   N  N3    . C   A 1 4  ? 5.460   1.029   -11.260 1.00 56.69  ? 4   C   A N3    1 
ATOM   95   C  C4    . C   A 1 4  ? 6.281   2.070   -11.122 1.00 57.19  ? 4   C   A C4    1 
ATOM   96   N  N4    . C   A 1 4  ? 7.591   1.842   -11.208 1.00 57.18  ? 4   C   A N4    1 
ATOM   97   C  C5    . C   A 1 4  ? 5.805   3.391   -10.895 1.00 55.46  ? 4   C   A C5    1 
ATOM   98   C  C6    . C   A 1 4  ? 4.485   3.566   -10.839 1.00 55.52  ? 4   C   A C6    1 
ATOM   99   P  P     . G   A 1 5  ? 1.550   3.359   -6.266  1.00 53.74  ? 5   G   A P     1 
ATOM   100  O  OP1   . G   A 1 5  ? 0.584   3.751   -5.249  1.00 60.06  ? 5   G   A OP1   1 
ATOM   101  O  OP2   . G   A 1 5  ? 2.885   3.985   -6.249  1.00 56.66  ? 5   G   A OP2   1 
ATOM   102  O  "O5'" . G   A 1 5  ? 1.695   1.775   -6.296  1.00 55.11  ? 5   G   A "O5'" 1 
ATOM   103  C  "C5'" . G   A 1 5  ? 0.580   0.939   -6.040  1.00 55.35  ? 5   G   A "C5'" 1 
ATOM   104  C  "C4'" . G   A 1 5  ? 0.972   -0.517  -5.995  1.00 56.64  ? 5   G   A "C4'" 1 
ATOM   105  O  "O4'" . G   A 1 5  ? 1.584   -0.903  -7.256  1.00 58.14  ? 5   G   A "O4'" 1 
ATOM   106  C  "C3'" . G   A 1 5  ? 2.006   -0.906  -4.946  1.00 58.31  ? 5   G   A "C3'" 1 
ATOM   107  O  "O3'" . G   A 1 5  ? 1.439   -1.101  -3.653  1.00 56.20  ? 5   G   A "O3'" 1 
ATOM   108  C  "C2'" . G   A 1 5  ? 2.604   -2.177  -5.540  1.00 58.38  ? 5   G   A "C2'" 1 
ATOM   109  O  "O2'" . G   A 1 5  ? 1.710   -3.270  -5.355  1.00 60.78  ? 5   G   A "O2'" 1 
ATOM   110  C  "C1'" . G   A 1 5  ? 2.624   -1.830  -7.026  1.00 57.34  ? 5   G   A "C1'" 1 
ATOM   111  N  N9    . G   A 1 5  ? 3.898   -1.212  -7.444  1.00 57.41  ? 5   G   A N9    1 
ATOM   112  C  C8    . G   A 1 5  ? 4.167   0.126   -7.510  1.00 55.93  ? 5   G   A C8    1 
ATOM   113  N  N7    . G   A 1 5  ? 5.369   0.385   -7.934  1.00 57.25  ? 5   G   A N7    1 
ATOM   114  C  C5    . G   A 1 5  ? 5.940   -0.848  -8.173  1.00 58.28  ? 5   G   A C5    1 
ATOM   115  C  C6    . G   A 1 5  ? 7.238   -1.194  -8.648  1.00 60.74  ? 5   G   A C6    1 
ATOM   116  O  O6    . G   A 1 5  ? 8.185   -0.458  -8.955  1.00 60.62  ? 5   G   A O6    1 
ATOM   117  N  N1    . G   A 1 5  ? 7.395   -2.568  -8.747  1.00 62.22  ? 5   G   A N1    1 
ATOM   118  C  C2    . G   A 1 5  ? 6.427   -3.485  -8.430  1.00 62.26  ? 5   G   A C2    1 
ATOM   119  N  N2    . G   A 1 5  ? 6.760   -4.771  -8.589  1.00 63.77  ? 5   G   A N2    1 
ATOM   120  N  N3    . G   A 1 5  ? 5.221   -3.174  -7.990  1.00 61.35  ? 5   G   A N3    1 
ATOM   121  C  C4    . G   A 1 5  ? 5.041   -1.844  -7.881  1.00 59.48  ? 5   G   A C4    1 
ATOM   122  P  P     . A   A 1 6  ? 1.179   0.143   -2.678  1.00 50.47  ? 6   A   A P     1 
ATOM   123  O  OP1   . A   A 1 6  ? 1.952   1.288   -3.199  1.00 53.83  ? 6   A   A OP1   1 
ATOM   124  O  OP2   . A   A 1 6  ? 1.443   -0.321  -1.298  1.00 52.60  ? 6   A   A OP2   1 
ATOM   125  O  "O5'" . A   A 1 6  ? -0.365  0.413   -2.864  1.00 52.93  ? 6   A   A "O5'" 1 
ATOM   126  C  "C5'" . A   A 1 6  ? -1.325  -0.483  -2.342  1.00 51.36  ? 6   A   A "C5'" 1 
ATOM   127  C  "C4'" . A   A 1 6  ? -2.253  0.217   -1.395  1.00 50.32  ? 6   A   A "C4'" 1 
ATOM   128  O  "O4'" . A   A 1 6  ? -3.266  -0.711  -0.927  1.00 52.82  ? 6   A   A "O4'" 1 
ATOM   129  C  "C3'" . A   A 1 6  ? -1.631  0.731   -0.114  1.00 50.16  ? 6   A   A "C3'" 1 
ATOM   130  O  "O3'" . A   A 1 6  ? -0.903  1.938   -0.283  1.00 51.30  ? 6   A   A "O3'" 1 
ATOM   131  C  "C2'" . A   A 1 6  ? -2.851  0.844   0.787   1.00 49.13  ? 6   A   A "C2'" 1 
ATOM   132  O  "O2'" . A   A 1 6  ? -3.686  1.910   0.368   1.00 48.38  ? 6   A   A "O2'" 1 
ATOM   133  C  "C1'" . A   A 1 6  ? -3.555  -0.452  0.430   1.00 49.98  ? 6   A   A "C1'" 1 
ATOM   134  N  N9    . A   A 1 6  ? -3.046  -1.575  1.224   1.00 47.50  ? 6   A   A N9    1 
ATOM   135  C  C8    . A   A 1 6  ? -2.343  -2.649  0.772   1.00 47.63  ? 6   A   A C8    1 
ATOM   136  N  N7    . A   A 1 6  ? -2.031  -3.500  1.713   1.00 47.12  ? 6   A   A N7    1 
ATOM   137  C  C5    . A   A 1 6  ? -2.573  -2.934  2.843   1.00 45.80  ? 6   A   A C5    1 
ATOM   138  C  C6    . A   A 1 6  ? -2.575  -3.354  4.165   1.00 46.88  ? 6   A   A C6    1 
ATOM   139  N  N6    . A   A 1 6  ? -1.991  -4.485  4.564   1.00 46.27  ? 6   A   A N6    1 
ATOM   140  N  N1    . A   A 1 6  ? -3.204  -2.564  5.057   1.00 47.66  ? 6   A   A N1    1 
ATOM   141  C  C2    . A   A 1 6  ? -3.785  -1.439  4.624   1.00 47.13  ? 6   A   A C2    1 
ATOM   142  N  N3    . A   A 1 6  ? -3.850  -0.937  3.399   1.00 46.65  ? 6   A   A N3    1 
ATOM   143  C  C4    . A   A 1 6  ? -3.209  -1.752  2.558   1.00 46.30  ? 6   A   A C4    1 
ATOM   144  P  P     . U   A 1 7  ? 0.325   2.280   0.685   1.00 43.62  ? 7   U   A P     1 
ATOM   145  O  OP1   . U   A 1 7  ? 1.201   3.209   -0.023  1.00 51.11  ? 7   U   A OP1   1 
ATOM   146  O  OP2   . U   A 1 7  ? 0.878   1.003   1.143   1.00 47.04  ? 7   U   A OP2   1 
ATOM   147  O  "O5'" . U   A 1 7  ? -0.382  3.040   1.864   1.00 47.54  ? 7   U   A "O5'" 1 
ATOM   148  C  "C5'" . U   A 1 7  ? -0.979  4.298   1.632   1.00 47.62  ? 7   U   A "C5'" 1 
ATOM   149  C  "C4'" . U   A 1 7  ? -0.612  5.278   2.697   1.00 48.41  ? 7   U   A "C4'" 1 
ATOM   150  O  "O4'" . U   A 1 7  ? -0.905  4.711   3.984   1.00 47.98  ? 7   U   A "O4'" 1 
ATOM   151  C  "C3'" . U   A 1 7  ? 0.850   5.667   2.776   1.00 48.36  ? 7   U   A "C3'" 1 
ATOM   152  O  "O3'" . U   A 1 7  ? 1.168   6.707   1.854   1.00 50.38  ? 7   U   A "O3'" 1 
ATOM   153  C  "C2'" . U   A 1 7  ? 1.000   6.093   4.231   1.00 47.58  ? 7   U   A "C2'" 1 
ATOM   154  O  "O2'" . U   A 1 7  ? 0.593   7.442   4.380   1.00 50.87  ? 7   U   A "O2'" 1 
ATOM   155  C  "C1'" . U   A 1 7  ? -0.031  5.217   4.944   1.00 44.94  ? 7   U   A "C1'" 1 
ATOM   156  N  N1    . U   A 1 7  ? 0.554   4.076   5.680   1.00 45.53  ? 7   U   A N1    1 
ATOM   157  C  C2    . U   A 1 7  ? 0.563   4.127   7.064   1.00 45.27  ? 7   U   A C2    1 
ATOM   158  O  O2    . U   A 1 7  ? 0.178   5.080   7.700   1.00 47.47  ? 7   U   A O2    1 
ATOM   159  N  N3    . U   A 1 7  ? 1.057   3.037   7.714   1.00 43.47  ? 7   U   A N3    1 
ATOM   160  C  C4    . U   A 1 7  ? 1.526   1.894   7.135   1.00 44.31  ? 7   U   A C4    1 
ATOM   161  O  O4    . U   A 1 7  ? 1.946   1.004   7.862   1.00 45.04  ? 7   U   A O4    1 
ATOM   162  C  C5    . U   A 1 7  ? 1.470   1.883   5.709   1.00 44.85  ? 7   U   A C5    1 
ATOM   163  C  C6    . U   A 1 7  ? 0.982   2.938   5.045   1.00 45.87  ? 7   U   A C6    1 
ATOM   164  P  P     . G   A 1 8  ? 2.432   6.584   0.859   1.00 55.64  ? 8   G   A P     1 
ATOM   165  O  OP1   . G   A 1 8  ? 2.025   7.203   -0.433  1.00 53.35  ? 8   G   A OP1   1 
ATOM   166  O  OP2   . G   A 1 8  ? 2.881   5.156   0.857   1.00 51.56  ? 8   G   A OP2   1 
ATOM   167  O  "O5'" . G   A 1 8  ? 3.531   7.496   1.586   1.00 51.01  ? 8   G   A "O5'" 1 
ATOM   168  C  "C5'" . G   A 1 8  ? 3.242   8.837   1.941   1.00 46.28  ? 8   G   A "C5'" 1 
ATOM   169  C  "C4'" . G   A 1 8  ? 4.465   9.565   2.426   1.00 45.04  ? 8   G   A "C4'" 1 
ATOM   170  O  "O4'" . G   A 1 8  ? 4.747   9.205   3.805   1.00 48.31  ? 8   G   A "O4'" 1 
ATOM   171  C  "C3'" . G   A 1 8  ? 5.777   9.274   1.716   1.00 46.10  ? 8   G   A "C3'" 1 
ATOM   172  O  "O3'" . G   A 1 8  ? 5.898   9.942   0.469   1.00 49.64  ? 8   G   A "O3'" 1 
ATOM   173  C  "C2'" . G   A 1 8  ? 6.779   9.759   2.751   1.00 47.16  ? 8   G   A "C2'" 1 
ATOM   174  O  "O2'" . G   A 1 8  ? 6.801   11.177  2.790   1.00 47.02  ? 8   G   A "O2'" 1 
ATOM   175  C  "C1'" . G   A 1 8  ? 6.141   9.250   4.036   1.00 44.61  ? 8   G   A "C1'" 1 
ATOM   176  N  N9    . G   A 1 8  ? 6.606   7.897   4.332   1.00 43.43  ? 8   G   A N9    1 
ATOM   177  C  C8    . G   A 1 8  ? 5.930   6.737   4.115   1.00 45.97  ? 8   G   A C8    1 
ATOM   178  N  N7    . G   A 1 8  ? 6.614   5.672   4.407   1.00 45.36  ? 8   G   A N7    1 
ATOM   179  C  C5    . G   A 1 8  ? 7.830   6.167   4.815   1.00 46.28  ? 8   G   A C5    1 
ATOM   180  C  C6    . G   A 1 8  ? 8.974   5.463   5.263   1.00 49.29  ? 8   G   A C6    1 
ATOM   181  O  O6    . G   A 1 8  ? 9.104   4.230   5.365   1.00 48.98  ? 8   G   A O6    1 
ATOM   182  N  N1    . G   A 1 8  ? 10.003  6.351   5.602   1.00 50.62  ? 8   G   A N1    1 
ATOM   183  C  C2    . G   A 1 8  ? 9.911   7.732   5.496   1.00 50.33  ? 8   G   A C2    1 
ATOM   184  N  N2    . G   A 1 8  ? 10.988  8.453   5.845   1.00 50.66  ? 8   G   A N2    1 
ATOM   185  N  N3    . G   A 1 8  ? 8.837   8.385   5.075   1.00 48.19  ? 8   G   A N3    1 
ATOM   186  C  C4    . G   A 1 8  ? 7.843   7.539   4.756   1.00 45.48  ? 8   G   A C4    1 
ATOM   187  P  P     . A   A 1 9  ? 7.088   9.577   -0.562  1.00 45.43  ? 9   A   A P     1 
ATOM   188  O  OP1   . A   A 1 9  ? 7.038   10.584  -1.634  1.00 44.89  ? 9   A   A OP1   1 
ATOM   189  O  OP2   . A   A 1 9  ? 6.937   8.147   -0.920  1.00 44.34  ? 9   A   A OP2   1 
ATOM   190  O  "O5'" . A   A 1 9  ? 8.407   9.782   0.293   1.00 44.88  ? 9   A   A "O5'" 1 
ATOM   191  C  "C5'" . A   A 1 9  ? 9.219   10.928  0.101   1.00 48.14  ? 9   A   A "C5'" 1 
ATOM   192  C  "C4'" . A   A 1 9  ? 10.568  10.795  0.778   1.00 49.89  ? 9   A   A "C4'" 1 
ATOM   193  O  "O4'" . A   A 1 9  ? 10.440  10.087  2.043   1.00 50.77  ? 9   A   A "O4'" 1 
ATOM   194  C  "C3'" . A   A 1 9  ? 11.614  10.001  0.034   1.00 49.91  ? 9   A   A "C3'" 1 
ATOM   195  O  "O3'" . A   A 1 9  ? 12.200  10.733  -1.014  1.00 51.02  ? 9   A   A "O3'" 1 
ATOM   196  C  "C2'" . A   A 1 9  ? 12.586  9.638   1.150   1.00 51.61  ? 9   A   A "C2'" 1 
ATOM   197  O  "O2'" . A   A 1 9  ? 13.370  10.759  1.505   1.00 51.35  ? 9   A   A "O2'" 1 
ATOM   198  C  "C1'" . A   A 1 9  ? 11.620  9.357   2.300   1.00 50.76  ? 9   A   A "C1'" 1 
ATOM   199  N  N9    . A   A 1 9  ? 11.273  7.934   2.384   1.00 50.98  ? 9   A   A N9    1 
ATOM   200  C  C8    . A   A 1 9  ? 10.084  7.338   2.061   1.00 50.56  ? 9   A   A C8    1 
ATOM   201  N  N7    . A   A 1 9  ? 10.095  6.038   2.216   1.00 52.41  ? 9   A   A N7    1 
ATOM   202  C  C5    . A   A 1 9  ? 11.382  5.766   2.671   1.00 54.74  ? 9   A   A C5    1 
ATOM   203  C  C6    . A   A 1 9  ? 12.035  4.569   3.034   1.00 58.17  ? 9   A   A C6    1 
ATOM   204  N  N6    . A   A 1 9  ? 11.475  3.351   2.995   1.00 57.99  ? 9   A   A N6    1 
ATOM   205  N  N1    . A   A 1 9  ? 13.317  4.673   3.443   1.00 60.96  ? 9   A   A N1    1 
ATOM   206  C  C2    . A   A 1 9  ? 13.891  5.885   3.476   1.00 59.24  ? 9   A   A C2    1 
ATOM   207  N  N3    . A   A 1 9  ? 13.385  7.074   3.166   1.00 55.69  ? 9   A   A N3    1 
ATOM   208  C  C4    . A   A 1 9  ? 12.115  6.935   2.771   1.00 53.49  ? 9   A   A C4    1 
ATOM   209  P  P     . G   A 1 10 ? 12.456  10.042  -2.434  1.00 51.83  ? 10  G   A P     1 
ATOM   210  O  OP1   . G   A 1 10 ? 12.454  11.117  -3.440  1.00 52.36  ? 10  G   A OP1   1 
ATOM   211  O  OP2   . G   A 1 10 ? 11.488  8.945   -2.572  1.00 49.32  ? 10  G   A OP2   1 
ATOM   212  O  "O5'" . G   A 1 10 ? 13.922  9.463   -2.260  1.00 54.92  ? 10  G   A "O5'" 1 
ATOM   213  C  "C5'" . G   A 1 10 ? 14.964  10.296  -1.772  1.00 54.89  ? 10  G   A "C5'" 1 
ATOM   214  C  "C4'" . G   A 1 10 ? 16.175  9.497   -1.366  1.00 58.12  ? 10  G   A "C4'" 1 
ATOM   215  O  "O4'" . G   A 1 10 ? 15.947  8.872   -0.076  1.00 59.32  ? 10  G   A "O4'" 1 
ATOM   216  C  "C3'" . G   A 1 10 ? 16.546  8.327   -2.259  1.00 60.45  ? 10  G   A "C3'" 1 
ATOM   217  O  "O3'" . G   A 1 10 ? 17.204  8.708   -3.448  1.00 60.57  ? 10  G   A "O3'" 1 
ATOM   218  C  "C2'" . G   A 1 10 ? 17.402  7.492   -1.329  1.00 63.03  ? 10  G   A "C2'" 1 
ATOM   219  O  "O2'" . G   A 1 10 ? 18.673  8.099   -1.141  1.00 65.28  ? 10  G   A "O2'" 1 
ATOM   220  C  "C1'" . G   A 1 10 ? 16.611  7.624   -0.031  1.00 61.66  ? 10  G   A "C1'" 1 
ATOM   221  N  N9    . G   A 1 10 ? 15.602  6.554   0.083   1.00 62.68  ? 10  G   A N9    1 
ATOM   222  C  C8    . G   A 1 10 ? 14.259  6.577   -0.215  1.00 60.69  ? 10  G   A C8    1 
ATOM   223  N  N7    . G   A 1 10 ? 13.660  5.427   -0.032  1.00 61.06  ? 10  G   A N7    1 
ATOM   224  C  C5    . G   A 1 10 ? 14.680  4.599   0.402   1.00 64.49  ? 10  G   A C5    1 
ATOM   225  C  C6    . G   A 1 10 ? 14.653  3.234   0.761   1.00 66.90  ? 10  G   A C6    1 
ATOM   226  O  O6    . G   A 1 10 ? 13.680  2.474   0.760   1.00 68.00  ? 10  G   A O6    1 
ATOM   227  N  N1    . G   A 1 10 ? 15.915  2.784   1.145   1.00 69.48  ? 10  G   A N1    1 
ATOM   228  C  C2    . G   A 1 10 ? 17.062  3.551   1.178   1.00 68.67  ? 10  G   A C2    1 
ATOM   229  N  N2    . G   A 1 10 ? 18.191  2.951   1.570   1.00 68.65  ? 10  G   A N2    1 
ATOM   230  N  N3    . G   A 1 10 ? 17.098  4.825   0.842   1.00 67.25  ? 10  G   A N3    1 
ATOM   231  C  C4    . G   A 1 10 ? 15.880  5.274   0.473   1.00 64.89  ? 10  G   A C4    1 
ATOM   232  P  P     . G   A 1 11 ? 16.987  7.842   -4.787  1.00 64.84  ? 11  G   A P     1 
ATOM   233  O  OP1   . G   A 1 11 ? 17.455  8.671   -5.920  1.00 67.64  ? 11  G   A OP1   1 
ATOM   234  O  OP2   . G   A 1 11 ? 15.590  7.381   -4.785  1.00 60.10  ? 11  G   A OP2   1 
ATOM   235  O  "O5'" . G   A 1 11 ? 17.971  6.600   -4.575  1.00 67.87  ? 11  G   A "O5'" 1 
ATOM   236  C  "C5'" . G   A 1 11 ? 19.360  6.797   -4.315  1.00 66.79  ? 11  G   A "C5'" 1 
ATOM   237  C  "C4'" . G   A 1 11 ? 20.082  5.488   -4.068  1.00 69.05  ? 11  G   A "C4'" 1 
ATOM   238  O  "O4'" . G   A 1 11 ? 19.733  4.962   -2.761  1.00 70.14  ? 11  G   A "O4'" 1 
ATOM   239  C  "C3'" . G   A 1 11 ? 19.761  4.349   -5.029  1.00 70.38  ? 11  G   A "C3'" 1 
ATOM   240  O  "O3'" . G   A 1 11 ? 20.490  4.427   -6.237  1.00 70.46  ? 11  G   A "O3'" 1 
ATOM   241  C  "C2'" . G   A 1 11 ? 20.093  3.110   -4.209  1.00 70.84  ? 11  G   A "C2'" 1 
ATOM   242  O  "O2'" . G   A 1 11 ? 21.485  2.864   -4.225  1.00 71.04  ? 11  G   A "O2'" 1 
ATOM   243  C  "C1'" . G   A 1 11 ? 19.696  3.549   -2.801  1.00 70.80  ? 11  G   A "C1'" 1 
ATOM   244  N  N9    . G   A 1 11 ? 18.335  3.106   -2.451  1.00 70.69  ? 11  G   A N9    1 
ATOM   245  C  C8    . G   A 1 11 ? 17.259  3.939   -2.314  1.00 69.40  ? 11  G   A C8    1 
ATOM   246  N  N7    . G   A 1 11 ? 16.162  3.307   -1.999  1.00 70.46  ? 11  G   A N7    1 
ATOM   247  C  C5    . G   A 1 11 ? 16.535  1.980   -1.915  1.00 70.72  ? 11  G   A C5    1 
ATOM   248  C  C6    . G   A 1 11 ? 15.754  0.850   -1.605  1.00 70.95  ? 11  G   A C6    1 
ATOM   249  O  O6    . G   A 1 11 ? 14.553  0.817   -1.339  1.00 72.85  ? 11  G   A O6    1 
ATOM   250  N  N1    . G   A 1 11 ? 16.495  -0.319  -1.630  1.00 72.36  ? 11  G   A N1    1 
ATOM   251  C  C2    . G   A 1 11 ? 17.831  -0.393  -1.916  1.00 72.50  ? 11  G   A C2    1 
ATOM   252  N  N2    . G   A 1 11 ? 18.364  -1.627  -1.891  1.00 70.65  ? 11  G   A N2    1 
ATOM   253  N  N3    . G   A 1 11 ? 18.578  0.670   -2.208  1.00 73.56  ? 11  G   A N3    1 
ATOM   254  C  C4    . G   A 1 11 ? 17.875  1.826   -2.190  1.00 72.35  ? 11  G   A C4    1 
ATOM   255  P  P     . C   A 1 12 ? 19.890  3.795   -7.587  1.00 76.44  ? 12  C   A P     1 
ATOM   256  O  OP1   . C   A 1 12 ? 20.877  4.066   -8.669  1.00 74.54  ? 12  C   A OP1   1 
ATOM   257  O  OP2   . C   A 1 12 ? 18.514  4.317   -7.737  1.00 71.71  ? 12  C   A OP2   1 
ATOM   258  O  "O5'" . C   A 1 12 ? 19.846  2.231   -7.263  1.00 73.89  ? 12  C   A "O5'" 1 
ATOM   259  C  "C5'" . C   A 1 12 ? 21.044  1.470   -7.150  1.00 73.32  ? 12  C   A "C5'" 1 
ATOM   260  C  "C4'" . C   A 1 12 ? 20.754  0.017   -6.853  1.00 73.02  ? 12  C   A "C4'" 1 
ATOM   261  O  "O4'" . C   A 1 12 ? 20.105  -0.097  -5.564  1.00 71.38  ? 12  C   A "O4'" 1 
ATOM   262  C  "C3'" . C   A 1 12 ? 19.806  -0.687  -7.814  1.00 71.17  ? 12  C   A "C3'" 1 
ATOM   263  O  "O3'" . C   A 1 12 ? 20.441  -1.152  -8.983  1.00 68.45  ? 12  C   A "O3'" 1 
ATOM   264  C  "C2'" . C   A 1 12 ? 19.223  -1.806  -6.966  1.00 73.23  ? 12  C   A "C2'" 1 
ATOM   265  O  "O2'" . C   A 1 12 ? 20.101  -2.919  -6.917  1.00 73.31  ? 12  C   A "O2'" 1 
ATOM   266  C  "C1'" . C   A 1 12 ? 19.173  -1.157  -5.584  1.00 73.62  ? 12  C   A "C1'" 1 
ATOM   267  N  N1    . C   A 1 12 ? 17.830  -0.615  -5.283  1.00 73.99  ? 12  C   A N1    1 
ATOM   268  C  C2    . C   A 1 12 ? 16.825  -1.528  -4.968  1.00 72.86  ? 12  C   A C2    1 
ATOM   269  O  O2    . C   A 1 12 ? 17.096  -2.743  -4.962  1.00 73.32  ? 12  C   A O2    1 
ATOM   270  N  N3    . C   A 1 12 ? 15.588  -1.067  -4.680  1.00 72.88  ? 12  C   A N3    1 
ATOM   271  C  C4    . C   A 1 12 ? 15.327  0.239   -4.706  1.00 72.53  ? 12  C   A C4    1 
ATOM   272  N  N4    . C   A 1 12 ? 14.077  0.622   -4.417  1.00 72.23  ? 12  C   A N4    1 
ATOM   273  C  C5    . C   A 1 12 ? 16.335  1.195   -5.029  1.00 73.18  ? 12  C   A C5    1 
ATOM   274  C  C6    . C   A 1 12 ? 17.562  0.731   -5.306  1.00 73.64  ? 12  C   A C6    1 
ATOM   275  P  P     . C   A 1 13 ? 19.570  -1.459  -10.300 1.00 76.78  ? 13  C   A P     1 
ATOM   276  O  OP1   . C   A 1 13 ? 20.525  -1.847  -11.366 1.00 76.02  ? 13  C   A OP1   1 
ATOM   277  O  OP2   . C   A 1 13 ? 18.694  -0.282  -10.528 1.00 75.34  ? 13  C   A OP2   1 
ATOM   278  O  "O5'" . C   A 1 13 ? 18.680  -2.723  -9.871  1.00 72.70  ? 13  C   A "O5'" 1 
ATOM   279  C  "C5'" . C   A 1 13 ? 19.185  -4.049  -9.980  1.00 72.67  ? 13  C   A "C5'" 1 
ATOM   280  C  "C4'" . C   A 1 13 ? 18.205  -5.083  -9.453  1.00 74.58  ? 13  C   A "C4'" 1 
ATOM   281  O  "O4'" . C   A 1 13 ? 17.723  -4.694  -8.134  1.00 74.99  ? 13  C   A "O4'" 1 
ATOM   282  C  "C3'" . C   A 1 13 ? 16.932  -5.291  -10.267 1.00 73.56  ? 13  C   A "C3'" 1 
ATOM   283  O  "O3'" . C   A 1 13 ? 17.119  -6.138  -11.379 1.00 71.60  ? 13  C   A "O3'" 1 
ATOM   284  C  "C2'" . C   A 1 13 ? 15.968  -5.859  -9.241  1.00 72.48  ? 13  C   A "C2'" 1 
ATOM   285  O  "O2'" . C   A 1 13 ? 16.226  -7.237  -9.032  1.00 73.99  ? 13  C   A "O2'" 1 
ATOM   286  C  "C1'" . C   A 1 13 ? 16.371  -5.090  -7.981  1.00 73.91  ? 13  C   A "C1'" 1 
ATOM   287  N  N1    . C   A 1 13 ? 15.533  -3.873  -7.791  1.00 73.53  ? 13  C   A N1    1 
ATOM   288  C  C2    . C   A 1 13 ? 14.201  -4.003  -7.348  1.00 71.62  ? 13  C   A C2    1 
ATOM   289  O  O2    . C   A 1 13 ? 13.745  -5.131  -7.096  1.00 71.08  ? 13  C   A O2    1 
ATOM   290  N  N3    . C   A 1 13 ? 13.442  -2.890  -7.191  1.00 70.21  ? 13  C   A N3    1 
ATOM   291  C  C4    . C   A 1 13 ? 13.958  -1.689  -7.472  1.00 71.58  ? 13  C   A C4    1 
ATOM   292  N  N4    . C   A 1 13 ? 13.190  -0.613  -7.306  1.00 70.50  ? 13  C   A N4    1 
ATOM   293  C  C5    . C   A 1 13 ? 15.301  -1.521  -7.924  1.00 72.26  ? 13  C   A C5    1 
ATOM   294  C  C6    . C   A 1 13 ? 16.039  -2.629  -8.071  1.00 72.78  ? 13  C   A C6    1 
ATOM   295  P  P     . C   A 1 14 ? 16.076  -6.102  -12.599 1.00 76.26  ? 14  C   A P     1 
ATOM   296  O  OP1   . C   A 1 14 ? 16.574  -7.060  -13.621 1.00 74.58  ? 14  C   A OP1   1 
ATOM   297  O  OP2   . C   A 1 14 ? 15.898  -4.682  -12.981 1.00 71.98  ? 14  C   A OP2   1 
ATOM   298  O  "O5'" . C   A 1 14 ? 14.731  -6.660  -11.947 1.00 74.01  ? 14  C   A "O5'" 1 
ATOM   299  C  "C5'" . C   A 1 14 ? 14.537  -8.055  -11.761 1.00 73.16  ? 14  C   A "C5'" 1 
ATOM   300  C  "C4'" . C   A 1 14 ? 13.126  -8.376  -11.334 1.00 71.75  ? 14  C   A "C4'" 1 
ATOM   301  O  "O4'" . C   A 1 14 ? 12.825  -7.723  -10.067 1.00 70.34  ? 14  C   A "O4'" 1 
ATOM   302  C  "C3'" . C   A 1 14 ? 12.018  -7.903  -12.262 1.00 71.40  ? 14  C   A "C3'" 1 
ATOM   303  O  "O3'" . C   A 1 14 ? 11.837  -8.743  -13.394 1.00 71.56  ? 14  C   A "O3'" 1 
ATOM   304  C  "C2'" . C   A 1 14 ? 10.813  -7.858  -11.327 1.00 70.52  ? 14  C   A "C2'" 1 
ATOM   305  O  "O2'" . C   A 1 14 ? 10.289  -9.160  -11.107 1.00 68.06  ? 14  C   A "O2'" 1 
ATOM   306  C  "C1'" . C   A 1 14 ? 11.457  -7.365  -10.027 1.00 70.99  ? 14  C   A "C1'" 1 
ATOM   307  N  N1    . C   A 1 14 ? 11.344  -5.889  -9.887  1.00 70.04  ? 14  C   A N1    1 
ATOM   308  C  C2    . C   A 1 14 ? 10.072  -5.327  -9.655  1.00 68.36  ? 14  C   A C2    1 
ATOM   309  O  O2    . C   A 1 14 ? 9.075   -6.061  -9.562  1.00 68.66  ? 14  C   A O2    1 
ATOM   310  N  N3    . C   A 1 14 ? 9.935   -3.987  -9.545  1.00 67.02  ? 14  C   A N3    1 
ATOM   311  C  C4    . C   A 1 14 ? 11.013  -3.209  -9.653  1.00 68.44  ? 14  C   A C4    1 
ATOM   312  N  N4    . C   A 1 14 ? 10.843  -1.889  -9.537  1.00 67.30  ? 14  C   A N4    1 
ATOM   313  C  C5    . C   A 1 14 ? 12.311  -3.749  -9.895  1.00 69.77  ? 14  C   A C5    1 
ATOM   314  C  C6    . C   A 1 14 ? 12.436  -5.077  -10.001 1.00 69.80  ? 14  C   A C6    1 
ATOM   315  P  P     . G   A 1 15 ? 11.064  -8.200  -14.707 1.00 76.30  ? 15  G   A P     1 
ATOM   316  O  OP1   . G   A 1 15 ? 11.034  -9.323  -15.688 1.00 73.01  ? 15  G   A OP1   1 
ATOM   317  O  OP2   . G   A 1 15 ? 11.710  -6.916  -15.101 1.00 68.24  ? 15  G   A OP2   1 
ATOM   318  O  "O5'" . G   A 1 15 ? 9.585   -7.922  -14.178 1.00 70.27  ? 15  G   A "O5'" 1 
ATOM   319  C  "C5'" . G   A 1 15 ? 8.686   -8.995  -13.946 1.00 68.98  ? 15  G   A "C5'" 1 
ATOM   320  C  "C4'" . G   A 1 15 ? 7.414   -8.529  -13.281 1.00 68.72  ? 15  G   A "C4'" 1 
ATOM   321  O  "O4'" . G   A 1 15 ? 7.730   -7.690  -12.134 1.00 69.85  ? 15  G   A "O4'" 1 
ATOM   322  C  "C3'" . G   A 1 15 ? 6.499   -7.666  -14.128 1.00 67.92  ? 15  G   A "C3'" 1 
ATOM   323  O  "O3'" . G   A 1 15 ? 5.698   -8.422  -15.026 1.00 68.45  ? 15  G   A "O3'" 1 
ATOM   324  C  "C2'" . G   A 1 15 ? 5.696   -6.909  -13.077 1.00 66.96  ? 15  G   A "C2'" 1 
ATOM   325  O  "O2'" . G   A 1 15 ? 4.675   -7.736  -12.541 1.00 66.51  ? 15  G   A "O2'" 1 
ATOM   326  C  "C1'" . G   A 1 15 ? 6.749   -6.684  -11.991 1.00 66.80  ? 15  G   A "C1'" 1 
ATOM   327  N  N9    . G   A 1 15 ? 7.405   -5.357  -12.103 1.00 66.69  ? 15  G   A N9    1 
ATOM   328  C  C8    . G   A 1 15 ? 8.728   -5.120  -12.382 1.00 66.05  ? 15  G   A C8    1 
ATOM   329  N  N7    . G   A 1 15 ? 9.039   -3.851  -12.394 1.00 64.92  ? 15  G   A N7    1 
ATOM   330  C  C5    . G   A 1 15 ? 7.858   -3.195  -12.110 1.00 62.62  ? 15  G   A C5    1 
ATOM   331  C  C6    . G   A 1 15 ? 7.583   -1.812  -11.994 1.00 60.86  ? 15  G   A C6    1 
ATOM   332  O  O6    . G   A 1 15 ? 8.340   -0.851  -12.132 1.00 61.57  ? 15  G   A O6    1 
ATOM   333  N  N1    . G   A 1 15 ? 6.262   -1.574  -11.687 1.00 59.02  ? 15  G   A N1    1 
ATOM   334  C  C2    . G   A 1 15 ? 5.332   -2.542  -11.516 1.00 60.16  ? 15  G   A C2    1 
ATOM   335  N  N2    . G   A 1 15 ? 4.116   -2.105  -11.224 1.00 61.35  ? 15  G   A N2    1 
ATOM   336  N  N3    . G   A 1 15 ? 5.552   -3.833  -11.622 1.00 63.02  ? 15  G   A N3    1 
ATOM   337  C  C4    . G   A 1 15 ? 6.839   -4.102  -11.922 1.00 65.08  ? 15  G   A C4    1 
ATOM   338  P  P     . C   A 1 16 ? 5.491   -7.916  -16.544 1.00 72.19  ? 16  C   A P     1 
ATOM   339  O  OP1   . C   A 1 16 ? 5.093   -9.097  -17.351 1.00 69.55  ? 16  C   A OP1   1 
ATOM   340  O  OP2   . C   A 1 16 ? 6.722   -7.171  -16.919 1.00 68.68  ? 16  C   A OP2   1 
ATOM   341  O  "O5'" . C   A 1 16 ? 4.265   -6.905  -16.427 1.00 67.45  ? 16  C   A "O5'" 1 
ATOM   342  C  "C5'" . C   A 1 16 ? 3.124   -7.237  -15.659 1.00 65.81  ? 16  C   A "C5'" 1 
ATOM   343  C  "C4'" . C   A 1 16 ? 2.415   -6.005  -15.154 1.00 66.74  ? 16  C   A "C4'" 1 
ATOM   344  O  "O4'" . C   A 1 16 ? 3.256   -5.282  -14.219 1.00 65.84  ? 16  C   A "O4'" 1 
ATOM   345  C  "C3'" . C   A 1 16 ? 2.059   -4.955  -16.190 1.00 67.10  ? 16  C   A "C3'" 1 
ATOM   346  O  "O3'" . C   A 1 16 ? 0.924   -5.298  -16.966 1.00 67.61  ? 16  C   A "O3'" 1 
ATOM   347  C  "C2'" . C   A 1 16 ? 1.853   -3.715  -15.330 1.00 65.18  ? 16  C   A "C2'" 1 
ATOM   348  O  "O2'" . C   A 1 16 ? 0.592   -3.760  -14.684 1.00 65.89  ? 16  C   A "O2'" 1 
ATOM   349  C  "C1'" . C   A 1 16 ? 2.936   -3.901  -14.267 1.00 64.52  ? 16  C   A "C1'" 1 
ATOM   350  N  N1    . C   A 1 16 ? 4.155   -3.136  -14.581 1.00 62.83  ? 16  C   A N1    1 
ATOM   351  C  C2    . C   A 1 16 ? 4.099   -1.740  -14.595 1.00 61.46  ? 16  C   A C2    1 
ATOM   352  O  O2    . C   A 1 16 ? 3.030   -1.169  -14.352 1.00 61.14  ? 16  C   A O2    1 
ATOM   353  N  N3    . C   A 1 16 ? 5.218   -1.039  -14.877 1.00 60.32  ? 16  C   A N3    1 
ATOM   354  C  C4    . C   A 1 16 ? 6.355   -1.688  -15.135 1.00 62.29  ? 16  C   A C4    1 
ATOM   355  N  N4    . C   A 1 16 ? 7.448   -0.977  -15.413 1.00 62.45  ? 16  C   A N4    1 
ATOM   356  C  C5    . C   A 1 16 ? 6.442   -3.106  -15.118 1.00 63.80  ? 16  C   A C5    1 
ATOM   357  C  C6    . C   A 1 16 ? 5.326   -3.784  -14.834 1.00 64.52  ? 16  C   A C6    1 
ATOM   358  P  P     . C   A 1 17 ? 0.865   -4.911  -18.527 1.00 71.92  ? 17  C   A P     1 
ATOM   359  O  OP1   . C   A 1 17 ? -0.193  -5.770  -19.139 1.00 68.91  ? 17  C   A OP1   1 
ATOM   360  O  OP2   . C   A 1 17 ? 2.259   -4.991  -19.053 1.00 65.87  ? 17  C   A OP2   1 
ATOM   361  O  "O5'" . C   A 1 17 ? 0.388   -3.389  -18.508 1.00 67.20  ? 17  C   A "O5'" 1 
ATOM   362  C  "C5'" . C   A 1 17 ? -0.758  -2.999  -17.771 1.00 68.70  ? 17  C   A "C5'" 1 
ATOM   363  C  "C4'" . C   A 1 17 ? -0.891  -1.497  -17.688 1.00 67.93  ? 17  C   A "C4'" 1 
ATOM   364  O  "O4'" . C   A 1 17 ? 0.116   -0.948  -16.802 1.00 65.60  ? 17  C   A "O4'" 1 
ATOM   365  C  "C3'" . C   A 1 17 ? -0.683  -0.730  -18.978 1.00 68.82  ? 17  C   A "C3'" 1 
ATOM   366  O  "O3'" . C   A 1 17 ? -1.802  -0.780  -19.836 1.00 71.83  ? 17  C   A "O3'" 1 
ATOM   367  C  "C2'" . C   A 1 17 ? -0.378  0.667   -18.464 1.00 68.39  ? 17  C   A "C2'" 1 
ATOM   368  O  "O2'" . C   A 1 17 ? -1.562  1.303   -18.017 1.00 69.95  ? 17  C   A "O2'" 1 
ATOM   369  C  "C1'" . C   A 1 17 ? 0.474   0.347   -17.243 1.00 66.32  ? 17  C   A "C1'" 1 
ATOM   370  N  N1    . C   A 1 17 ? 1.915   0.365   -17.557 1.00 63.14  ? 17  C   A N1    1 
ATOM   371  C  C2    . C   A 1 17 ? 2.533   1.605   -17.706 1.00 63.28  ? 17  C   A C2    1 
ATOM   372  O  O2    . C   A 1 17 ? 1.841   2.635   -17.583 1.00 65.04  ? 17  C   A O2    1 
ATOM   373  N  N3    . C   A 1 17 ? 3.854   1.652   -17.986 1.00 62.58  ? 17  C   A N3    1 
ATOM   374  C  C4    . C   A 1 17 ? 4.546   0.516   -18.108 1.00 62.87  ? 17  C   A C4    1 
ATOM   375  N  N4    . C   A 1 17 ? 5.852   0.576   -18.380 1.00 61.58  ? 17  C   A N4    1 
ATOM   376  C  C5    . C   A 1 17 ? 3.929   -0.753  -17.953 1.00 63.13  ? 17  C   A C5    1 
ATOM   377  C  C6    . C   A 1 17 ? 2.624   -0.785  -17.680 1.00 63.18  ? 17  C   A C6    1 
ATOM   378  P  P     . C   A 1 18 ? -1.635  -0.456  -21.400 1.00 78.65  ? 18  C   A P     1 
ATOM   379  O  OP1   . C   A 1 18 ? -2.886  -0.918  -22.067 1.00 76.30  ? 18  C   A OP1   1 
ATOM   380  O  OP2   . C   A 1 18 ? -0.328  -1.033  -21.838 1.00 71.39  ? 18  C   A OP2   1 
ATOM   381  O  "O5'" . C   A 1 18 ? -1.560  1.138   -21.428 1.00 72.89  ? 18  C   A "O5'" 1 
ATOM   382  C  "C5'" . C   A 1 18 ? -2.652  1.923   -20.967 1.00 73.30  ? 18  C   A "C5'" 1 
ATOM   383  C  "C4'" . C   A 1 18 ? -2.320  3.392   -20.964 1.00 74.86  ? 18  C   A "C4'" 1 
ATOM   384  O  "O4'" . C   A 1 18 ? -0.971  3.582   -20.446 1.00 74.60  ? 18  C   A "O4'" 1 
ATOM   385  C  "C3'" . C   A 1 18 ? -2.349  4.080   -22.328 1.00 76.53  ? 18  C   A "C3'" 1 
ATOM   386  O  "O3'" . C   A 1 18 ? -2.782  5.430   -22.143 1.00 79.50  ? 18  C   A "O3'" 1 
ATOM   387  C  "C2'" . C   A 1 18 ? -0.876  4.070   -22.733 1.00 75.07  ? 18  C   A "C2'" 1 
ATOM   388  O  "O2'" . C   A 1 18 ? -0.520  5.052   -23.681 1.00 74.65  ? 18  C   A "O2'" 1 
ATOM   389  C  "C1'" . C   A 1 18 ? -0.198  4.306   -21.383 1.00 73.95  ? 18  C   A "C1'" 1 
ATOM   390  N  N1    . C   A 1 18 ? 1.200   3.820   -21.302 1.00 70.88  ? 18  C   A N1    1 
ATOM   391  C  C2    . C   A 1 18 ? 2.249   4.729   -21.122 1.00 70.65  ? 18  C   A C2    1 
ATOM   392  O  O2    . C   A 1 18 ? 1.979   5.938   -21.044 1.00 71.74  ? 18  C   A O2    1 
ATOM   393  N  N3    . C   A 1 18 ? 3.528   4.275   -21.040 1.00 68.97  ? 18  C   A N3    1 
ATOM   394  C  C4    . C   A 1 18 ? 3.776   2.966   -21.128 1.00 67.08  ? 18  C   A C4    1 
ATOM   395  N  N4    . C   A 1 18 ? 5.033   2.541   -21.048 1.00 65.86  ? 18  C   A N4    1 
ATOM   396  C  C5    . C   A 1 18 ? 2.733   2.020   -21.301 1.00 68.25  ? 18  C   A C5    1 
ATOM   397  C  C6    . C   A 1 18 ? 1.477   2.484   -21.378 1.00 70.98  ? 18  C   A C6    1 
ATOM   398  P  P     . A   A 1 19 ? -3.662  6.177   -23.264 1.00 83.10  ? 19  A   A P     1 
ATOM   399  O  OP1   . A   A 1 19 ? -3.591  5.342   -24.494 1.00 81.74  ? 19  A   A OP1   1 
ATOM   400  O  OP2   . A   A 1 19 ? -3.186  7.583   -23.321 1.00 77.63  ? 19  A   A OP2   1 
ATOM   401  O  "O5'" . A   A 1 19 ? -5.139  6.134   -22.657 1.00 79.27  ? 19  A   A "O5'" 1 
ATOM   402  C  "C5'" . A   A 1 19 ? -5.699  4.919   -22.158 1.00 78.32  ? 19  A   A "C5'" 1 
ATOM   403  C  "C4'" . A   A 1 19 ? -5.856  4.960   -20.659 1.00 78.22  ? 19  A   A "C4'" 1 
ATOM   404  O  "O4'" . A   A 1 19 ? -4.607  5.427   -20.063 1.00 77.79  ? 19  A   A "O4'" 1 
ATOM   405  C  "C3'" . A   A 1 19 ? -6.946  5.905   -20.143 1.00 79.76  ? 19  A   A "C3'" 1 
ATOM   406  O  "O3'" . A   A 1 19 ? -7.477  5.392   -18.917 1.00 81.92  ? 19  A   A "O3'" 1 
ATOM   407  C  "C2'" . A   A 1 19 ? -6.159  7.178   -19.846 1.00 80.10  ? 19  A   A "C2'" 1 
ATOM   408  O  "O2'" . A   A 1 19 ? -6.774  8.046   -18.914 1.00 81.42  ? 19  A   A "O2'" 1 
ATOM   409  C  "C1'" . A   A 1 19 ? -4.856  6.597   -19.300 1.00 77.10  ? 19  A   A "C1'" 1 
ATOM   410  N  N9    . A   A 1 19 ? -3.704  7.493   -19.417 1.00 76.28  ? 19  A   A N9    1 
ATOM   411  C  C8    . A   A 1 19 ? -2.767  7.595   -20.415 1.00 77.54  ? 19  A   A C8    1 
ATOM   412  N  N7    . A   A 1 19 ? -1.851  8.511   -20.214 1.00 77.19  ? 19  A   A N7    1 
ATOM   413  C  C5    . A   A 1 19 ? -2.212  9.053   -18.986 1.00 75.38  ? 19  A   A C5    1 
ATOM   414  C  C6    . A   A 1 19 ? -1.650  10.073  -18.200 1.00 74.11  ? 19  A   A C6    1 
ATOM   415  N  N6    . A   A 1 19 ? -0.561  10.755  -18.546 1.00 73.83  ? 19  A   A N6    1 
ATOM   416  N  N1    . A   A 1 19 ? -2.251  10.371  -17.026 1.00 75.77  ? 19  A   A N1    1 
ATOM   417  C  C2    . A   A 1 19 ? -3.351  9.684   -16.671 1.00 76.41  ? 19  A   A C2    1 
ATOM   418  N  N3    . A   A 1 19 ? -3.979  8.705   -17.325 1.00 76.33  ? 19  A   A N3    1 
ATOM   419  C  C4    . A   A 1 19 ? -3.347  8.432   -18.484 1.00 75.85  ? 19  A   A C4    1 
ATOM   420  P  P     . A   A 1 20 ? -9.015  4.931   -18.817 1.00 84.24  ? 20  A   A P     1 
ATOM   421  O  OP1   . A   A 1 20 ? -9.589  5.031   -20.185 1.00 80.36  ? 20  A   A OP1   1 
ATOM   422  O  OP2   . A   A 1 20 ? -9.637  5.717   -17.713 1.00 77.51  ? 20  A   A OP2   1 
ATOM   423  O  "O5'" . A   A 1 20 ? -8.891  3.397   -18.387 1.00 79.17  ? 20  A   A "O5'" 1 
ATOM   424  C  "C5'" . A   A 1 20 ? -8.209  3.021   -17.192 1.00 77.28  ? 20  A   A "C5'" 1 
ATOM   425  C  "C4'" . A   A 1 20 ? -6.880  2.349   -17.484 1.00 74.77  ? 20  A   A "C4'" 1 
ATOM   426  O  "O4'" . A   A 1 20 ? -5.903  3.342   -17.864 1.00 73.87  ? 20  A   A "O4'" 1 
ATOM   427  C  "C3'" . A   A 1 20 ? -6.244  1.598   -16.319 1.00 70.58  ? 20  A   A "C3'" 1 
ATOM   428  O  "O3'" . A   A 1 20 ? -6.710  0.261   -16.229 1.00 68.60  ? 20  A   A "O3'" 1 
ATOM   429  C  "C2'" . A   A 1 20 ? -4.742  1.694   -16.596 1.00 69.97  ? 20  A   A "C2'" 1 
ATOM   430  O  "O2'" . A   A 1 20 ? -4.320  0.628   -17.430 1.00 70.60  ? 20  A   A "O2'" 1 
ATOM   431  C  "C1'" . A   A 1 20 ? -4.627  2.991   -17.391 1.00 72.04  ? 20  A   A "C1'" 1 
ATOM   432  N  N9    . A   A 1 20 ? -4.097  4.121   -16.603 1.00 71.86  ? 20  A   A N9    1 
ATOM   433  C  C8    . A   A 1 20 ? -4.779  4.953   -15.747 1.00 71.94  ? 20  A   A C8    1 
ATOM   434  N  N7    . A   A 1 20 ? -4.043  5.922   -15.249 1.00 69.89  ? 20  A   A N7    1 
ATOM   435  C  C5    . A   A 1 20 ? -2.806  5.724   -15.841 1.00 68.87  ? 20  A   A C5    1 
ATOM   436  C  C6    . A   A 1 20 ? -1.591  6.414   -15.738 1.00 68.96  ? 20  A   A C6    1 
ATOM   437  N  N6    . A   A 1 20 ? -1.438  7.476   -14.956 1.00 70.93  ? 20  A   A N6    1 
ATOM   438  N  N1    . A   A 1 20 ? -0.533  5.978   -16.453 1.00 68.00  ? 20  A   A N1    1 
ATOM   439  C  C2    . A   A 1 20 ? -0.694  4.905   -17.231 1.00 69.74  ? 20  A   A C2    1 
ATOM   440  N  N3    . A   A 1 20 ? -1.794  4.175   -17.414 1.00 71.76  ? 20  A   A N3    1 
ATOM   441  C  C4    . A   A 1 20 ? -2.824  4.635   -16.682 1.00 69.74  ? 20  A   A C4    1 
ATOM   442  P  P     . A   A 1 21 ? -6.848  -0.466  -14.803 1.00 68.99  ? 21  A   A P     1 
ATOM   443  O  OP1   . A   A 1 21 ? -7.527  -1.768  -15.032 1.00 71.47  ? 21  A   A OP1   1 
ATOM   444  O  OP2   . A   A 1 21 ? -7.476  0.516   -13.880 1.00 66.44  ? 21  A   A OP2   1 
ATOM   445  O  "O5'" . A   A 1 21 ? -5.331  -0.726  -14.386 1.00 69.75  ? 21  A   A "O5'" 1 
ATOM   446  C  "C5'" . A   A 1 21 ? -4.539  -1.689  -15.066 1.00 66.90  ? 21  A   A "C5'" 1 
ATOM   447  C  "C4'" . A   A 1 21 ? -3.101  -1.622  -14.631 1.00 64.65  ? 21  A   A "C4'" 1 
ATOM   448  O  "O4'" . A   A 1 21 ? -2.544  -0.335  -14.988 1.00 66.55  ? 21  A   A "O4'" 1 
ATOM   449  C  "C3'" . A   A 1 21 ? -2.858  -1.728  -13.137 1.00 62.71  ? 21  A   A "C3'" 1 
ATOM   450  O  "O3'" . A   A 1 21 ? -2.864  -3.064  -12.675 1.00 61.53  ? 21  A   A "O3'" 1 
ATOM   451  C  "C2'" . A   A 1 21 ? -1.512  -1.030  -12.959 1.00 63.11  ? 21  A   A "C2'" 1 
ATOM   452  O  "O2'" . A   A 1 21 ? -0.447  -1.902  -13.289 1.00 63.31  ? 21  A   A "O2'" 1 
ATOM   453  C  "C1'" . A   A 1 21 ? -1.585  0.062   -14.026 1.00 65.18  ? 21  A   A "C1'" 1 
ATOM   454  N  N9    . A   A 1 21 ? -1.980  1.376   -13.464 1.00 64.01  ? 21  A   A N9    1 
ATOM   455  C  C8    . A   A 1 21 ? -3.149  1.709   -12.830 1.00 64.46  ? 21  A   A C8    1 
ATOM   456  N  N7    . A   A 1 21 ? -3.218  2.959   -12.444 1.00 64.86  ? 21  A   A N7    1 
ATOM   457  C  C5    . A   A 1 21 ? -2.011  3.503   -12.859 1.00 63.64  ? 21  A   A C5    1 
ATOM   458  C  C6    . A   A 1 21 ? -1.471  4.796   -12.752 1.00 62.13  ? 21  A   A C6    1 
ATOM   459  N  N6    . A   A 1 21 ? -2.092  5.825   -12.178 1.00 61.67  ? 21  A   A N6    1 
ATOM   460  N  N1    . A   A 1 21 ? -0.248  5.006   -13.267 1.00 61.70  ? 21  A   A N1    1 
ATOM   461  C  C2    . A   A 1 21 ? 0.380   3.981   -13.850 1.00 61.56  ? 21  A   A C2    1 
ATOM   462  N  N3    . A   A 1 21 ? -0.021  2.724   -14.009 1.00 62.13  ? 21  A   A N3    1 
ATOM   463  C  C4    . A   A 1 21 ? -1.243  2.542   -13.488 1.00 62.75  ? 21  A   A C4    1 
ATOM   464  P  P     . C   A 1 22 ? -3.819  -3.493  -11.459 1.00 63.87  ? 22  C   A P     1 
ATOM   465  O  OP1   . C   A 1 22 ? -3.343  -4.821  -10.968 1.00 57.21  ? 22  C   A OP1   1 
ATOM   466  O  OP2   . C   A 1 22 ? -5.220  -3.366  -11.941 1.00 66.23  ? 22  C   A OP2   1 
ATOM   467  O  "O5'" . C   A 1 22 ? -3.523  -2.375  -10.365 1.00 62.41  ? 22  C   A "O5'" 1 
ATOM   468  C  "C5'" . C   A 1 22 ? -2.481  -2.539  -9.414  1.00 60.26  ? 22  C   A "C5'" 1 
ATOM   469  C  "C4'" . C   A 1 22 ? -2.460  -1.414  -8.409  1.00 59.16  ? 22  C   A "C4'" 1 
ATOM   470  O  "O4'" . C   A 1 22 ? -2.547  -0.134  -9.091  1.00 59.07  ? 22  C   A "O4'" 1 
ATOM   471  C  "C3'" . C   A 1 22 ? -3.616  -1.376  -7.430  1.00 60.16  ? 22  C   A "C3'" 1 
ATOM   472  O  "O3'" . C   A 1 22 ? -3.485  -2.303  -6.371  1.00 58.10  ? 22  C   A "O3'" 1 
ATOM   473  C  "C2'" . C   A 1 22 ? -3.616  0.076   -6.981  1.00 60.80  ? 22  C   A "C2'" 1 
ATOM   474  O  "O2'" . C   A 1 22 ? -2.586  0.310   -6.033  1.00 58.89  ? 22  C   A "O2'" 1 
ATOM   475  C  "C1'" . C   A 1 22 ? -3.250  0.790   -8.284  1.00 60.78  ? 22  C   A "C1'" 1 
ATOM   476  N  N1    . C   A 1 22 ? -4.454  1.251   -9.019  1.00 63.22  ? 22  C   A N1    1 
ATOM   477  C  C2    . C   A 1 22 ? -5.171  2.379   -8.582  1.00 64.47  ? 22  C   A C2    1 
ATOM   478  O  O2    . C   A 1 22 ? -4.810  3.017   -7.595  1.00 66.13  ? 22  C   A O2    1 
ATOM   479  N  N3    . C   A 1 22 ? -6.265  2.788   -9.240  1.00 65.89  ? 22  C   A N3    1 
ATOM   480  C  C4    . C   A 1 22 ? -6.669  2.123   -10.310 1.00 66.10  ? 22  C   A C4    1 
ATOM   481  N  N4    . C   A 1 22 ? -7.757  2.577   -10.931 1.00 68.11  ? 22  C   A N4    1 
ATOM   482  C  C5    . C   A 1 22 ? -5.981  0.972   -10.785 1.00 65.33  ? 22  C   A C5    1 
ATOM   483  C  C6    . C   A 1 22 ? -4.890  0.573   -10.118 1.00 63.80  ? 22  C   A C6    1 
ATOM   484  P  P     . U   A 1 23 ? -4.749  -3.178  -5.909  1.00 59.25  ? 23  U   A P     1 
ATOM   485  O  OP1   . U   A 1 23 ? -4.214  -4.304  -5.119  1.00 61.71  ? 23  U   A OP1   1 
ATOM   486  O  OP2   . U   A 1 23 ? -5.557  -3.466  -7.122  1.00 57.44  ? 23  U   A OP2   1 
ATOM   487  O  "O5'" . U   A 1 23 ? -5.551  -2.187  -4.958  1.00 59.67  ? 23  U   A "O5'" 1 
ATOM   488  C  "C5'" . U   A 1 23 ? -4.912  -1.582  -3.852  1.00 59.02  ? 23  U   A "C5'" 1 
ATOM   489  C  "C4'" . U   A 1 23 ? -5.678  -0.393  -3.331  1.00 58.66  ? 23  U   A "C4'" 1 
ATOM   490  O  "O4'" . U   A 1 23 ? -5.812  0.621   -4.358  1.00 58.21  ? 23  U   A "O4'" 1 
ATOM   491  C  "C3'" . U   A 1 23 ? -7.101  -0.648  -2.895  1.00 58.50  ? 23  U   A "C3'" 1 
ATOM   492  O  "O3'" . U   A 1 23 ? -7.179  -1.289  -1.635  1.00 58.26  ? 23  U   A "O3'" 1 
ATOM   493  C  "C2'" . U   A 1 23 ? -7.683  0.761   -2.908  1.00 60.48  ? 23  U   A "C2'" 1 
ATOM   494  O  "O2'" . U   A 1 23 ? -7.246  1.497   -1.774  1.00 59.62  ? 23  U   A "O2'" 1 
ATOM   495  C  "C1'" . U   A 1 23 ? -7.000  1.352   -4.140  1.00 60.29  ? 23  U   A "C1'" 1 
ATOM   496  N  N1    . U   A 1 23 ? -7.845  1.261   -5.356  1.00 65.92  ? 23  U   A N1    1 
ATOM   497  C  C2    . U   A 1 23 ? -8.832  2.221   -5.572  1.00 64.81  ? 23  U   A C2    1 
ATOM   498  O  O2    . U   A 1 23 ? -9.059  3.125   -4.788  1.00 64.78  ? 23  U   A O2    1 
ATOM   499  N  N3    . U   A 1 23 ? -9.550  2.083   -6.738  1.00 63.35  ? 23  U   A N3    1 
ATOM   500  C  C4    . U   A 1 23 ? -9.385  1.103   -7.695  1.00 65.54  ? 23  U   A C4    1 
ATOM   501  O  O4    . U   A 1 23 ? -10.094 1.100   -8.700  1.00 67.79  ? 23  U   A O4    1 
ATOM   502  C  C5    . U   A 1 23 ? -8.357  0.147   -7.411  1.00 65.93  ? 23  U   A C5    1 
ATOM   503  C  C6    . U   A 1 23 ? -7.634  0.258   -6.286  1.00 65.52  ? 23  U   A C6    1 
ATOM   504  P  P     . G   A 1 24 ? -8.307  -2.402  -1.365  1.00 58.98  ? 24  G   A P     1 
ATOM   505  O  OP1   . G   A 1 24 ? -8.705  -2.956  -2.688  1.00 57.46  ? 24  G   A OP1   1 
ATOM   506  O  OP2   . G   A 1 24 ? -9.341  -1.770  -0.518  1.00 58.38  ? 24  G   A OP2   1 
ATOM   507  O  "O5'" . G   A 1 24 ? -7.524  -3.507  -0.527  1.00 51.93  ? 24  G   A "O5'" 1 
ATOM   508  C  "C5'" . G   A 1 24 ? -6.477  -4.257  -1.120  1.00 52.75  ? 24  G   A "C5'" 1 
ATOM   509  C  "C4'" . G   A 1 24 ? -5.809  -5.149  -0.112  1.00 49.88  ? 24  G   A "C4'" 1 
ATOM   510  O  "O4'" . G   A 1 24 ? -5.082  -4.340  0.843   1.00 49.53  ? 24  G   A "O4'" 1 
ATOM   511  C  "C3'" . G   A 1 24 ? -6.745  -5.985  0.742   1.00 49.60  ? 24  G   A "C3'" 1 
ATOM   512  O  "O3'" . G   A 1 24 ? -7.156  -7.167  0.101   1.00 49.87  ? 24  G   A "O3'" 1 
ATOM   513  C  "C2'" . G   A 1 24 ? -5.932  -6.223  2.001   1.00 49.73  ? 24  G   A "C2'" 1 
ATOM   514  O  "O2'" . G   A 1 24 ? -4.968  -7.241  1.792   1.00 48.76  ? 24  G   A "O2'" 1 
ATOM   515  C  "C1'" . G   A 1 24 ? -5.202  -4.889  2.136   1.00 48.95  ? 24  G   A "C1'" 1 
ATOM   516  N  N9    . G   A 1 24 ? -5.944  -3.936  2.984   1.00 46.55  ? 24  G   A N9    1 
ATOM   517  C  C8    . G   A 1 24 ? -6.595  -2.785  2.624   1.00 47.61  ? 24  G   A C8    1 
ATOM   518  N  N7    . G   A 1 24 ? -7.159  -2.170  3.628   1.00 45.94  ? 24  G   A N7    1 
ATOM   519  C  C5    . G   A 1 24 ? -6.865  -2.968  4.719   1.00 46.60  ? 24  G   A C5    1 
ATOM   520  C  C6    . G   A 1 24 ? -7.201  -2.835  6.098   1.00 47.86  ? 24  G   A C6    1 
ATOM   521  O  O6    . G   A 1 24 ? -7.851  -1.952  6.684   1.00 47.24  ? 24  G   A O6    1 
ATOM   522  N  N1    . G   A 1 24 ? -6.688  -3.893  6.840   1.00 49.65  ? 24  G   A N1    1 
ATOM   523  C  C2    . G   A 1 24 ? -5.956  -4.931  6.318   1.00 50.05  ? 24  G   A C2    1 
ATOM   524  N  N2    . G   A 1 24 ? -5.554  -5.860  7.184   1.00 51.71  ? 24  G   A N2    1 
ATOM   525  N  N3    . G   A 1 24 ? -5.633  -5.064  5.044   1.00 48.30  ? 24  G   A N3    1 
ATOM   526  C  C4    . G   A 1 24 ? -6.118  -4.052  4.320   1.00 46.53  ? 24  G   A C4    1 
ATOM   527  P  P     . C   A 1 25 ? -8.673  -7.663  0.221   1.00 54.92  ? 25  C   A P     1 
ATOM   528  O  OP1   . C   A 1 25 ? -8.897  -8.645  -0.864  1.00 56.92  ? 25  C   A OP1   1 
ATOM   529  O  OP2   . C   A 1 25 ? -9.533  -6.451  0.277   1.00 52.85  ? 25  C   A OP2   1 
ATOM   530  O  "O5'" . C   A 1 25 ? -8.688  -8.402  1.624   1.00 52.20  ? 25  C   A "O5'" 1 
ATOM   531  C  "C5'" . C   A 1 25 ? -7.839  -9.503  1.868   1.00 50.95  ? 25  C   A "C5'" 1 
ATOM   532  C  "C4'" . C   A 1 25 ? -7.740  -9.787  3.335   1.00 50.99  ? 25  C   A "C4'" 1 
ATOM   533  O  "O4'" . C   A 1 25 ? -7.228  -8.621  4.025   1.00 50.93  ? 25  C   A "O4'" 1 
ATOM   534  C  "C3'" . C   A 1 25 ? -9.048  -10.079 4.031   1.00 51.09  ? 25  C   A "C3'" 1 
ATOM   535  O  "O3'" . C   A 1 25 ? -9.464  -11.415 3.851   1.00 51.72  ? 25  C   A "O3'" 1 
ATOM   536  C  "C2'" . C   A 1 25 ? -8.742  -9.716  5.481   1.00 52.08  ? 25  C   A "C2'" 1 
ATOM   537  O  "O2'" . C   A 1 25 ? -7.990  -10.745 6.110   1.00 54.45  ? 25  C   A "O2'" 1 
ATOM   538  C  "C1'" . C   A 1 25 ? -7.827  -8.512  5.298   1.00 50.87  ? 25  C   A "C1'" 1 
ATOM   539  N  N1    . C   A 1 25 ? -8.557  -7.227  5.364   1.00 50.33  ? 25  C   A N1    1 
ATOM   540  C  C2    . C   A 1 25 ? -8.957  -6.718  6.596   1.00 50.51  ? 25  C   A C2    1 
ATOM   541  O  O2    . C   A 1 25 ? -8.718  -7.392  7.593   1.00 51.97  ? 25  C   A O2    1 
ATOM   542  N  N3    . C   A 1 25 ? -9.604  -5.536  6.677   1.00 48.81  ? 25  C   A N3    1 
ATOM   543  C  C4    . C   A 1 25 ? -9.828  -4.863  5.554   1.00 47.99  ? 25  C   A C4    1 
ATOM   544  N  N4    . C   A 1 25 ? -10.457 -3.695  5.628   1.00 48.14  ? 25  C   A N4    1 
ATOM   545  C  C5    . C   A 1 25 ? -9.429  -5.344  4.282   1.00 48.13  ? 25  C   A C5    1 
ATOM   546  C  C6    . C   A 1 25 ? -8.798  -6.515  4.229   1.00 49.28  ? 25  C   A C6    1 
ATOM   547  P  P     . C   A 1 26 ? -11.026 -11.771 3.684   1.00 54.74  ? 26  C   A P     1 
ATOM   548  O  OP1   . C   A 1 26 ? -11.088 -13.156 3.149   1.00 50.35  ? 26  C   A OP1   1 
ATOM   549  O  OP2   . C   A 1 26 ? -11.661 -10.670 2.908   1.00 50.64  ? 26  C   A OP2   1 
ATOM   550  O  "O5'" . C   A 1 26 ? -11.557 -11.737 5.189   1.00 53.76  ? 26  C   A "O5'" 1 
ATOM   551  C  "C5'" . C   A 1 26 ? -10.976 -12.561 6.184   1.00 51.27  ? 26  C   A "C5'" 1 
ATOM   552  C  "C4'" . C   A 1 26 ? -11.415 -12.155 7.565   1.00 51.13  ? 26  C   A "C4'" 1 
ATOM   553  O  "O4'" . C   A 1 26 ? -10.926 -10.831 7.869   1.00 52.68  ? 26  C   A "O4'" 1 
ATOM   554  C  "C3'" . C   A 1 26 ? -12.906 -12.032 7.794   1.00 51.24  ? 26  C   A "C3'" 1 
ATOM   555  O  "O3'" . C   A 1 26 ? -13.542 -13.281 7.970   1.00 53.81  ? 26  C   A "O3'" 1 
ATOM   556  C  "C2'" . C   A 1 26 ? -12.961 -11.151 9.032   1.00 51.79  ? 26  C   A "C2'" 1 
ATOM   557  O  "O2'" . C   A 1 26 ? -12.660 -11.904 10.197  1.00 54.34  ? 26  C   A "O2'" 1 
ATOM   558  C  "C1'" . C   A 1 26 ? -11.800 -10.199 8.775   1.00 50.36  ? 26  C   A "C1'" 1 
ATOM   559  N  N1    . C   A 1 26 ? -12.245 -8.931  8.193   1.00 50.02  ? 26  C   A N1    1 
ATOM   560  C  C2    . C   A 1 26 ? -12.838 -8.027  9.056   1.00 49.06  ? 26  C   A C2    1 
ATOM   561  O  O2    . C   A 1 26 ? -12.960 -8.363  10.233  1.00 49.31  ? 26  C   A O2    1 
ATOM   562  N  N3    . C   A 1 26 ? -13.264 -6.838  8.585   1.00 49.52  ? 26  C   A N3    1 
ATOM   563  C  C4    . C   A 1 26 ? -13.084 -6.547  7.296   1.00 50.46  ? 26  C   A C4    1 
ATOM   564  N  N4    . C   A 1 26 ? -13.503 -5.357  6.856   1.00 50.08  ? 26  C   A N4    1 
ATOM   565  C  C5    . C   A 1 26 ? -12.463 -7.457  6.390   1.00 50.66  ? 26  C   A C5    1 
ATOM   566  C  C6    . C   A 1 26 ? -12.060 -8.637  6.874   1.00 50.69  ? 26  C   A C6    1 
ATOM   567  P  P     . C   A 1 27 ? -15.006 -13.551 7.352   1.00 57.66  ? 27  C   A P     1 
ATOM   568  O  OP1   . C   A 1 27 ? -15.133 -15.016 7.207   1.00 57.81  ? 27  C   A OP1   1 
ATOM   569  O  OP2   . C   A 1 27 ? -15.142 -12.697 6.138   1.00 51.58  ? 27  C   A OP2   1 
ATOM   570  O  "O5'" . C   A 1 27 ? -15.987 -13.026 8.499   1.00 52.72  ? 27  C   A "O5'" 1 
ATOM   571  C  "C5'" . C   A 1 27 ? -15.689 -13.239 9.874   1.00 51.99  ? 27  C   A "C5'" 1 
ATOM   572  C  "C4'" . C   A 1 27 ? -16.474 -12.307 10.763  1.00 51.45  ? 27  C   A "C4'" 1 
ATOM   573  O  "O4'" . C   A 1 27 ? -15.854 -10.994 10.778  1.00 51.14  ? 27  C   A "O4'" 1 
ATOM   574  C  "C3'" . C   A 1 27 ? -17.899 -12.017 10.331  1.00 53.39  ? 27  C   A "C3'" 1 
ATOM   575  O  "O3'" . C   A 1 27 ? -18.805 -13.069 10.631  1.00 53.24  ? 27  C   A "O3'" 1 
ATOM   576  C  "C2'" . C   A 1 27 ? -18.198 -10.702 11.052  1.00 52.88  ? 27  C   A "C2'" 1 
ATOM   577  O  "O2'" . C   A 1 27 ? -18.498 -10.921 12.420  1.00 53.13  ? 27  C   A "O2'" 1 
ATOM   578  C  "C1'" . C   A 1 27 ? -16.844 -9.998  10.968  1.00 51.36  ? 27  C   A "C1'" 1 
ATOM   579  N  N1    . C   A 1 27 ? -16.791 -9.030  9.844   1.00 48.92  ? 27  C   A N1    1 
ATOM   580  C  C2    . C   A 1 27 ? -17.471 -7.815  9.978   1.00 49.64  ? 27  C   A C2    1 
ATOM   581  O  O2    . C   A 1 27 ? -18.088 -7.572  11.026  1.00 50.17  ? 27  C   A O2    1 
ATOM   582  N  N3    . C   A 1 27 ? -17.460 -6.916  8.973   1.00 48.43  ? 27  C   A N3    1 
ATOM   583  C  C4    . C   A 1 27 ? -16.798 -7.187  7.862   1.00 47.92  ? 27  C   A C4    1 
ATOM   584  N  N4    . C   A 1 27 ? -16.802 -6.269  6.902   1.00 46.02  ? 27  C   A N4    1 
ATOM   585  C  C5    . C   A 1 27 ? -16.111 -8.415  7.687   1.00 49.99  ? 27  C   A C5    1 
ATOM   586  C  C6    . C   A 1 27 ? -16.140 -9.301  8.689   1.00 49.81  ? 27  C   A C6    1 
ATOM   587  P  P     . U   A 1 28 ? -20.032 -13.398 9.636   1.00 55.65  ? 28  U   A P     1 
ATOM   588  O  OP1   . U   A 1 28 ? -20.640 -14.663 10.119  1.00 52.36  ? 28  U   A OP1   1 
ATOM   589  O  OP2   . U   A 1 28 ? -19.516 -13.342 8.250   1.00 51.57  ? 28  U   A OP2   1 
ATOM   590  O  "O5'" . U   A 1 28 ? -21.027 -12.175 9.886   1.00 54.96  ? 28  U   A "O5'" 1 
ATOM   591  C  "C5'" . U   A 1 28 ? -21.567 -11.937 11.180  1.00 54.75  ? 28  U   A "C5'" 1 
ATOM   592  C  "C4'" . U   A 1 28 ? -22.367 -10.656 11.239  1.00 54.43  ? 28  U   A "C4'" 1 
ATOM   593  O  "O4'" . U   A 1 28 ? -21.480 -9.497  11.208  1.00 53.98  ? 28  U   A "O4'" 1 
ATOM   594  C  "C3'" . U   A 1 28 ? -23.313 -10.393 10.084  1.00 53.49  ? 28  U   A "C3'" 1 
ATOM   595  O  "O3'" . U   A 1 28 ? -24.494 -11.161 10.122  1.00 53.54  ? 28  U   A "O3'" 1 
ATOM   596  C  "C2'" . U   A 1 28 ? -23.551 -8.900  10.218  1.00 53.54  ? 28  U   A "C2'" 1 
ATOM   597  O  "O2'" . U   A 1 28 ? -24.398 -8.629  11.324  1.00 54.41  ? 28  U   A "O2'" 1 
ATOM   598  C  "C1'" . U   A 1 28 ? -22.137 -8.420  10.557  1.00 52.71  ? 28  U   A "C1'" 1 
ATOM   599  N  N1    . U   A 1 28 ? -21.388 -8.066  9.321   1.00 49.55  ? 28  U   A N1    1 
ATOM   600  C  C2    . U   A 1 28 ? -21.589 -6.803  8.810   1.00 48.13  ? 28  U   A C2    1 
ATOM   601  O  O2    . U   A 1 28 ? -22.285 -5.964  9.338   1.00 48.72  ? 28  U   A O2    1 
ATOM   602  N  N3    . U   A 1 28 ? -20.932 -6.518  7.661   1.00 47.19  ? 28  U   A N3    1 
ATOM   603  C  C4    . U   A 1 28 ? -20.114 -7.349  6.950   1.00 47.85  ? 28  U   A C4    1 
ATOM   604  O  O4    . U   A 1 28 ? -19.593 -6.930  5.917   1.00 46.77  ? 28  U   A O4    1 
ATOM   605  C  C5    . U   A 1 28 ? -19.972 -8.647  7.518   1.00 48.96  ? 28  U   A C5    1 
ATOM   606  C  C6    . U   A 1 28 ? -20.605 -8.960  8.646   1.00 49.47  ? 28  U   A C6    1 
ATOM   607  P  P     . G   A 1 29 ? -25.247 -11.519 8.745   1.00 60.63  ? 29  G   A P     1 
ATOM   608  O  OP1   . G   A 1 29 ? -26.497 -12.237 9.110   1.00 56.64  ? 29  G   A OP1   1 
ATOM   609  O  OP2   . G   A 1 29 ? -24.250 -12.205 7.865   1.00 55.78  ? 29  G   A OP2   1 
ATOM   610  O  "O5'" . G   A 1 29 ? -25.598 -10.083 8.131   1.00 53.41  ? 29  G   A "O5'" 1 
ATOM   611  C  "C5'" . G   A 1 29 ? -26.754 -9.364  8.535   1.00 49.31  ? 29  G   A "C5'" 1 
ATOM   612  C  "C4'" . G   A 1 29 ? -26.964 -8.138  7.679   1.00 47.08  ? 29  G   A "C4'" 1 
ATOM   613  O  "O4'" . G   A 1 29 ? -25.780 -7.291  7.738   1.00 52.78  ? 29  G   A "O4'" 1 
ATOM   614  C  "C3'" . G   A 1 29 ? -27.138 -8.386  6.197   1.00 47.07  ? 29  G   A "C3'" 1 
ATOM   615  O  "O3'" . G   A 1 29 ? -28.434 -8.843  5.851   1.00 49.53  ? 29  G   A "O3'" 1 
ATOM   616  C  "C2'" . G   A 1 29 ? -26.754 -7.030  5.590   1.00 45.76  ? 29  G   A "C2'" 1 
ATOM   617  O  "O2'" . G   A 1 29 ? -27.790 -6.079  5.740   1.00 46.71  ? 29  G   A "O2'" 1 
ATOM   618  C  "C1'" . G   A 1 29 ? -25.594 -6.621  6.496   1.00 48.47  ? 29  G   A "C1'" 1 
ATOM   619  N  N9    . G   A 1 29 ? -24.317 -7.045  5.905   1.00 46.60  ? 29  G   A N9    1 
ATOM   620  C  C8    . G   A 1 29 ? -23.631 -8.202  6.149   1.00 48.59  ? 29  G   A C8    1 
ATOM   621  N  N7    . G   A 1 29 ? -22.593 -8.344  5.374   1.00 48.49  ? 29  G   A N7    1 
ATOM   622  C  C5    . G   A 1 29 ? -22.629 -7.227  4.566   1.00 47.07  ? 29  G   A C5    1 
ATOM   623  C  C6    . G   A 1 29 ? -21.746 -6.839  3.552   1.00 48.06  ? 29  G   A C6    1 
ATOM   624  O  O6    . G   A 1 29 ? -20.755 -7.487  3.206   1.00 52.27  ? 29  G   A O6    1 
ATOM   625  N  N1    . G   A 1 29 ? -22.096 -5.632  2.956   1.00 44.43  ? 29  G   A N1    1 
ATOM   626  C  C2    . G   A 1 29 ? -23.189 -4.897  3.323   1.00 45.91  ? 29  G   A C2    1 
ATOM   627  N  N2    . G   A 1 29 ? -23.417 -3.747  2.662   1.00 46.85  ? 29  G   A N2    1 
ATOM   628  N  N3    . G   A 1 29 ? -24.020 -5.256  4.288   1.00 46.86  ? 29  G   A N3    1 
ATOM   629  C  C4    . G   A 1 29 ? -23.685 -6.423  4.863   1.00 46.32  ? 29  G   A C4    1 
ATOM   630  P  P     . A   A 1 30 ? -28.634 -10.045 4.786   1.00 48.64  ? 30  A   A P     1 
ATOM   631  O  OP1   . A   A 1 30 ? -30.073 -10.099 4.466   1.00 49.38  ? 30  A   A OP1   1 
ATOM   632  O  OP2   . A   A 1 30 ? -27.986 -11.254 5.360   1.00 47.85  ? 30  A   A OP2   1 
ATOM   633  O  "O5'" . A   A 1 30 ? -27.828 -9.534  3.512   1.00 47.41  ? 30  A   A "O5'" 1 
ATOM   634  C  "C5'" . A   A 1 30 ? -28.062 -10.085 2.222   1.00 46.02  ? 30  A   A "C5'" 1 
ATOM   635  C  "C4'" . A   A 1 30 ? -28.639 -9.063  1.275   1.00 44.93  ? 30  A   A "C4'" 1 
ATOM   636  O  "O4'" . A   A 1 30 ? -29.956 -8.688  1.717   1.00 47.25  ? 30  A   A "O4'" 1 
ATOM   637  C  "C3'" . A   A 1 30 ? -27.901 -7.741  1.178   1.00 45.58  ? 30  A   A "C3'" 1 
ATOM   638  O  "O3'" . A   A 1 30 ? -26.779 -7.801  0.327   1.00 46.37  ? 30  A   A "O3'" 1 
ATOM   639  C  "C2'" . A   A 1 30 ? -28.982 -6.756  0.713   1.00 45.77  ? 30  A   A "C2'" 1 
ATOM   640  O  "O2'" . A   A 1 30 ? -29.112 -6.762  -0.700  1.00 43.29  ? 30  A   A "O2'" 1 
ATOM   641  C  "C1'" . A   A 1 30 ? -30.244 -7.365  1.315   1.00 46.60  ? 30  A   A "C1'" 1 
ATOM   642  N  N9    . A   A 1 30 ? -30.768 -6.622  2.477   1.00 45.57  ? 30  A   A N9    1 
ATOM   643  C  C8    . A   A 1 30 ? -30.885 -7.109  3.762   1.00 44.08  ? 30  A   A C8    1 
ATOM   644  N  N7    . A   A 1 30 ? -31.455 -6.264  4.588   1.00 44.43  ? 30  A   A N7    1 
ATOM   645  C  C5    . A   A 1 30 ? -31.759 -5.159  3.789   1.00 44.69  ? 30  A   A C5    1 
ATOM   646  C  C6    . A   A 1 30 ? -32.373 -3.913  4.069   1.00 43.29  ? 30  A   A C6    1 
ATOM   647  N  N6    . A   A 1 30 ? -32.809 -3.572  5.280   1.00 42.57  ? 30  A   A N6    1 
ATOM   648  N  N1    . A   A 1 30 ? -32.516 -3.019  3.064   1.00 43.67  ? 30  A   A N1    1 
ATOM   649  C  C2    . A   A 1 30 ? -32.063 -3.377  1.850   1.00 45.51  ? 30  A   A C2    1 
ATOM   650  N  N3    . A   A 1 30 ? -31.461 -4.509  1.458   1.00 45.52  ? 30  A   A N3    1 
ATOM   651  C  C4    . A   A 1 30 ? -31.344 -5.372  2.482   1.00 44.67  ? 30  A   A C4    1 
ATOM   652  P  P     . A   A 1 31 ? -25.383 -7.152  0.793   1.00 49.66  ? 31  A   A P     1 
ATOM   653  O  OP1   . A   A 1 31 ? -24.325 -7.732  -0.069  1.00 51.37  ? 31  A   A OP1   1 
ATOM   654  O  OP2   . A   A 1 31 ? -25.284 -7.348  2.256   1.00 46.54  ? 31  A   A OP2   1 
ATOM   655  O  "O5'" . A   A 1 31 ? -25.578 -5.597  0.446   1.00 46.02  ? 31  A   A "O5'" 1 
ATOM   656  C  "C5'" . A   A 1 31 ? -25.670 -5.150  -0.903  1.00 44.04  ? 31  A   A "C5'" 1 
ATOM   657  C  "C4'" . A   A 1 31 ? -26.376 -3.814  -1.001  1.00 46.10  ? 31  A   A "C4'" 1 
ATOM   658  O  "O4'" . A   A 1 31 ? -27.657 -3.901  -0.346  1.00 47.13  ? 31  A   A "O4'" 1 
ATOM   659  C  "C3'" . A   A 1 31 ? -25.677 -2.633  -0.339  1.00 49.11  ? 31  A   A "C3'" 1 
ATOM   660  O  "O3'" . A   A 1 31 ? -24.763 -1.988  -1.208  1.00 51.49  ? 31  A   A "O3'" 1 
ATOM   661  C  "C2'" . A   A 1 31 ? -26.826 -1.724  0.109   1.00 48.51  ? 31  A   A "C2'" 1 
ATOM   662  O  "O2'" . A   A 1 31 ? -27.230 -0.855  -0.941  1.00 48.26  ? 31  A   A "O2'" 1 
ATOM   663  C  "C1'" . A   A 1 31 ? -27.946 -2.718  0.358   1.00 46.07  ? 31  A   A "C1'" 1 
ATOM   664  N  N9    . A   A 1 31 ? -28.113 -3.064  1.780   1.00 44.72  ? 31  A   A N9    1 
ATOM   665  C  C8    . A   A 1 31 ? -27.642 -4.204  2.388   1.00 45.23  ? 31  A   A C8    1 
ATOM   666  N  N7    . A   A 1 31 ? -27.998 -4.324  3.639   1.00 45.35  ? 31  A   A N7    1 
ATOM   667  C  C5    . A   A 1 31 ? -28.765 -3.185  3.848   1.00 44.06  ? 31  A   A C5    1 
ATOM   668  C  C6    . A   A 1 31 ? -29.421 -2.722  4.976   1.00 43.45  ? 31  A   A C6    1 
ATOM   669  N  N6    . A   A 1 31 ? -29.396 -3.397  6.123   1.00 43.20  ? 31  A   A N6    1 
ATOM   670  N  N1    . A   A 1 31 ? -30.103 -1.559  4.879   1.00 44.22  ? 31  A   A N1    1 
ATOM   671  C  C2    . A   A 1 31 ? -30.113 -0.909  3.716   1.00 43.89  ? 31  A   A C2    1 
ATOM   672  N  N3    . A   A 1 31 ? -29.524 -1.253  2.584   1.00 44.20  ? 31  A   A N3    1 
ATOM   673  C  C4    . A   A 1 31 ? -28.861 -2.407  2.720   1.00 43.84  ? 31  A   A C4    1 
ATOM   674  P  P     . A   A 1 32 ? -23.511 -1.196  -0.609  1.00 52.71  ? 32  A   A P     1 
ATOM   675  O  OP1   . A   A 1 32 ? -22.724 -0.684  -1.758  1.00 51.44  ? 32  A   A OP1   1 
ATOM   676  O  OP2   . A   A 1 32 ? -22.853 -2.107  0.371   1.00 48.99  ? 32  A   A OP2   1 
ATOM   677  O  "O5'" . A   A 1 32 ? -24.195 0.016   0.136   1.00 48.05  ? 32  A   A "O5'" 1 
ATOM   678  C  "C5'" . A   A 1 32 ? -24.781 1.069   -0.602  1.00 50.32  ? 32  A   A "C5'" 1 
ATOM   679  C  "C4'" . A   A 1 32 ? -25.221 2.177   0.306   1.00 52.37  ? 32  A   A "C4'" 1 
ATOM   680  O  "O4'" . A   A 1 32 ? -26.418 1.773   1.033   1.00 50.62  ? 32  A   A "O4'" 1 
ATOM   681  C  "C3'" . A   A 1 32 ? -24.214 2.564   1.385   1.00 50.68  ? 32  A   A "C3'" 1 
ATOM   682  O  "O3'" . A   A 1 32 ? -23.251 3.491   0.890   1.00 51.10  ? 32  A   A "O3'" 1 
ATOM   683  C  "C2'" . A   A 1 32 ? -25.119 3.088   2.506   1.00 50.01  ? 32  A   A "C2'" 1 
ATOM   684  O  "O2'" . A   A 1 32 ? -25.591 4.394   2.209   1.00 50.89  ? 32  A   A "O2'" 1 
ATOM   685  C  "C1'" . A   A 1 32 ? -26.307 2.131   2.389   1.00 48.58  ? 32  A   A "C1'" 1 
ATOM   686  N  N9    . A   A 1 32 ? -26.117 0.892   3.154   1.00 45.41  ? 32  A   A N9    1 
ATOM   687  C  C8    . A   A 1 32 ? -25.391 -0.205  2.779   1.00 47.28  ? 32  A   A C8    1 
ATOM   688  N  N7    . A   A 1 32 ? -25.425 -1.201  3.629   1.00 47.32  ? 32  A   A N7    1 
ATOM   689  C  C5    . A   A 1 32 ? -26.261 -0.734  4.619   1.00 44.49  ? 32  A   A C5    1 
ATOM   690  C  C6    . A   A 1 32 ? -26.709 -1.307  5.806   1.00 43.11  ? 32  A   A C6    1 
ATOM   691  N  N6    . A   A 1 32 ? -26.386 -2.514  6.234   1.00 43.26  ? 32  A   A N6    1 
ATOM   692  N  N1    . A   A 1 32 ? -27.523 -0.582  6.573   1.00 44.55  ? 32  A   A N1    1 
ATOM   693  C  C2    . A   A 1 32 ? -27.873 0.643   6.156   1.00 46.62  ? 32  A   A C2    1 
ATOM   694  N  N3    . A   A 1 32 ? -27.516 1.301   5.060   1.00 47.26  ? 32  A   A N3    1 
ATOM   695  C  C4    . A   A 1 32 ? -26.696 0.543   4.329   1.00 45.52  ? 32  A   A C4    1 
ATOM   696  P  P     . A   A 1 33 ? -22.079 4.109   1.812   1.00 52.16  ? 33  A   A P     1 
ATOM   697  O  OP1   . A   A 1 33 ? -22.480 5.513   2.124   1.00 50.70  ? 33  A   A OP1   1 
ATOM   698  O  OP2   . A   A 1 33 ? -20.800 3.873   1.108   1.00 47.14  ? 33  A   A OP2   1 
ATOM   699  O  "O5'" . A   A 1 33 ? -22.121 3.230   3.122   1.00 50.41  ? 33  A   A "O5'" 1 
ATOM   700  C  "C5'" . A   A 1 33 ? -21.792 3.790   4.380   1.00 48.55  ? 33  A   A "C5'" 1 
ATOM   701  C  "C4'" . A   A 1 33 ? -22.616 3.168   5.465   1.00 48.61  ? 33  A   A "C4'" 1 
ATOM   702  O  "O4'" . A   A 1 33 ? -23.253 1.964   4.949   1.00 49.24  ? 33  A   A "O4'" 1 
ATOM   703  C  "C3'" . A   A 1 33 ? -21.852 2.719   6.699   1.00 47.84  ? 33  A   A "C3'" 1 
ATOM   704  O  "O3'" . A   A 1 33 ? -21.700 3.767   7.641   1.00 48.49  ? 33  A   A "O3'" 1 
ATOM   705  C  "C2'" . A   A 1 33 ? -22.695 1.550   7.212   1.00 49.57  ? 33  A   A "C2'" 1 
ATOM   706  O  "O2'" . A   A 1 33 ? -23.808 2.025   7.960   1.00 50.39  ? 33  A   A "O2'" 1 
ATOM   707  C  "C1'" . A   A 1 33 ? -23.220 0.942   5.906   1.00 47.30  ? 33  A   A "C1'" 1 
ATOM   708  N  N9    . A   A 1 33 ? -22.350 -0.129  5.389   1.00 46.46  ? 33  A   A N9    1 
ATOM   709  C  C8    . A   A 1 33 ? -21.545 -0.086  4.278   1.00 46.11  ? 33  A   A C8    1 
ATOM   710  N  N7    . A   A 1 33 ? -20.896 -1.204  4.059   1.00 45.21  ? 33  A   A N7    1 
ATOM   711  C  C5    . A   A 1 33 ? -21.286 -2.033  5.096   1.00 44.39  ? 33  A   A C5    1 
ATOM   712  C  C6    . A   A 1 33 ? -20.962 -3.353  5.445   1.00 45.23  ? 33  A   A C6    1 
ATOM   713  N  N6    . A   A 1 33 ? -20.130 -4.146  4.783   1.00 44.59  ? 33  A   A N6    1 
ATOM   714  N  N1    . A   A 1 33 ? -21.550 -3.875  6.535   1.00 47.36  ? 33  A   A N1    1 
ATOM   715  C  C2    . A   A 1 33 ? -22.407 -3.112  7.225   1.00 46.91  ? 33  A   A C2    1 
ATOM   716  N  N3    . A   A 1 33 ? -22.794 -1.857  6.998   1.00 46.09  ? 33  A   A N3    1 
ATOM   717  C  C4    . A   A 1 33 ? -22.190 -1.380  5.909   1.00 45.75  ? 33  A   A C4    1 
ATOM   718  P  P     . G   A 1 34 ? -20.337 3.950   8.481   1.00 52.58  ? 34  G   A P     1 
ATOM   719  O  OP1   . G   A 1 34 ? -20.391 5.304   9.070   1.00 52.98  ? 34  G   A OP1   1 
ATOM   720  O  OP2   . G   A 1 34 ? -19.200 3.611   7.579   1.00 46.09  ? 34  G   A OP2   1 
ATOM   721  O  "O5'" . G   A 1 34 ? -20.475 2.854   9.639   1.00 49.75  ? 34  G   A "O5'" 1 
ATOM   722  C  "C5'" . G   A 1 34 ? -21.497 2.967   10.615  1.00 50.19  ? 34  G   A "C5'" 1 
ATOM   723  C  "C4'" . G   A 1 34 ? -21.719 1.678   11.365  1.00 51.24  ? 34  G   A "C4'" 1 
ATOM   724  O  "O4'" . G   A 1 34 ? -22.189 0.644   10.465  1.00 50.85  ? 34  G   A "O4'" 1 
ATOM   725  C  "C3'" . G   A 1 34 ? -20.502 1.037   12.004  1.00 52.24  ? 34  G   A "C3'" 1 
ATOM   726  O  "O3'" . G   A 1 34 ? -20.074 1.685   13.177  1.00 52.34  ? 34  G   A "O3'" 1 
ATOM   727  C  "C2'" . G   A 1 34 ? -20.995 -0.377  12.233  1.00 51.31  ? 34  G   A "C2'" 1 
ATOM   728  O  "O2'" . G   A 1 34 ? -21.951 -0.402  13.277  1.00 51.78  ? 34  G   A "O2'" 1 
ATOM   729  C  "C1'" . G   A 1 34 ? -21.732 -0.618  10.924  1.00 50.29  ? 34  G   A "C1'" 1 
ATOM   730  N  N9    . G   A 1 34 ? -20.842 -1.199  9.904   1.00 49.69  ? 34  G   A N9    1 
ATOM   731  C  C8    . G   A 1 34 ? -20.397 -0.606  8.749   1.00 48.13  ? 34  G   A C8    1 
ATOM   732  N  N7    . G   A 1 34 ? -19.620 -1.391  8.055   1.00 47.87  ? 34  G   A N7    1 
ATOM   733  C  C5    . G   A 1 34 ? -19.537 -2.558  8.794   1.00 47.52  ? 34  G   A C5    1 
ATOM   734  C  C6    . G   A 1 34 ? -18.835 -3.755  8.543   1.00 47.30  ? 34  G   A C6    1 
ATOM   735  O  O6    . G   A 1 34 ? -18.122 -4.022  7.575   1.00 47.85  ? 34  G   A O6    1 
ATOM   736  N  N1    . G   A 1 34 ? -19.010 -4.696  9.548   1.00 47.68  ? 34  G   A N1    1 
ATOM   737  C  C2    . G   A 1 34 ? -19.781 -4.501  10.663  1.00 49.45  ? 34  G   A C2    1 
ATOM   738  N  N2    . G   A 1 34 ? -19.845 -5.519  11.531  1.00 49.81  ? 34  G   A N2    1 
ATOM   739  N  N3    . G   A 1 34 ? -20.451 -3.385  10.911  1.00 49.98  ? 34  G   A N3    1 
ATOM   740  C  C4    . G   A 1 34 ? -20.284 -2.459  9.941   1.00 48.78  ? 34  G   A C4    1 
ATOM   741  P  P     . G   A 1 35 ? -18.520 2.013   13.380  1.00 56.62  ? 35  G   A P     1 
ATOM   742  O  OP1   . G   A 1 35 ? -18.442 3.141   14.339  1.00 53.82  ? 35  G   A OP1   1 
ATOM   743  O  OP2   . G   A 1 35 ? -17.918 2.183   12.025  1.00 53.93  ? 35  G   A OP2   1 
ATOM   744  O  "O5'" . G   A 1 35 ? -17.970 0.679   14.054  1.00 54.96  ? 35  G   A "O5'" 1 
ATOM   745  C  "C5'" . G   A 1 35 ? -18.644 0.101   15.159  1.00 54.10  ? 35  G   A "C5'" 1 
ATOM   746  C  "C4'" . G   A 1 35 ? -18.264 -1.346  15.350  1.00 53.55  ? 35  G   A "C4'" 1 
ATOM   747  O  "O4'" . G   A 1 35 ? -18.812 -2.153  14.269  1.00 52.98  ? 35  G   A "O4'" 1 
ATOM   748  C  "C3'" . G   A 1 35 ? -16.782 -1.661  15.311  1.00 54.04  ? 35  G   A "C3'" 1 
ATOM   749  O  "O3'" . G   A 1 35 ? -16.103 -1.337  16.512  1.00 57.24  ? 35  G   A "O3'" 1 
ATOM   750  C  "C2'" . G   A 1 35 ? -16.800 -3.146  14.997  1.00 54.76  ? 35  G   A "C2'" 1 
ATOM   751  O  "O2'" . G   A 1 35 ? -17.220 -3.886  16.129  1.00 55.33  ? 35  G   A "O2'" 1 
ATOM   752  C  "C1'" . G   A 1 35 ? -17.909 -3.196  13.951  1.00 52.78  ? 35  G   A "C1'" 1 
ATOM   753  N  N9    . G   A 1 35 ? -17.367 -2.940  12.610  1.00 50.72  ? 35  G   A N9    1 
ATOM   754  C  C8    . G   A 1 35 ? -17.550 -1.800  11.893  1.00 51.24  ? 35  G   A C8    1 
ATOM   755  N  N7    . G   A 1 35 ? -16.912 -1.820  10.768  1.00 51.85  ? 35  G   A N7    1 
ATOM   756  C  C5    . G   A 1 35 ? -16.247 -3.032  10.746  1.00 51.33  ? 35  G   A C5    1 
ATOM   757  C  C6    . G   A 1 35 ? -15.389 -3.594  9.756   1.00 53.80  ? 35  G   A C6    1 
ATOM   758  O  O6    . G   A 1 35 ? -15.038 -3.074  8.665   1.00 57.77  ? 35  G   A O6    1 
ATOM   759  N  N1    . G   A 1 35 ? -14.934 -4.856  10.145  1.00 50.80  ? 35  G   A N1    1 
ATOM   760  C  C2    . G   A 1 35 ? -15.274 -5.467  11.337  1.00 50.84  ? 35  G   A C2    1 
ATOM   761  N  N2    . G   A 1 35 ? -14.758 -6.684  11.576  1.00 51.24  ? 35  G   A N2    1 
ATOM   762  N  N3    . G   A 1 35 ? -16.069 -4.941  12.248  1.00 49.76  ? 35  G   A N3    1 
ATOM   763  C  C4    . G   A 1 35 ? -16.515 -3.734  11.889  1.00 49.46  ? 35  G   A C4    1 
ATOM   764  P  P     . G   A 1 36 ? -14.530 -0.966  16.481  1.00 58.69  ? 36  G   A P     1 
ATOM   765  O  OP1   . G   A 1 36 ? -14.127 -0.670  17.870  1.00 58.01  ? 36  G   A OP1   1 
ATOM   766  O  OP2   . G   A 1 36 ? -14.346 0.083   15.448  1.00 58.29  ? 36  G   A OP2   1 
ATOM   767  O  "O5'" . G   A 1 36 ? -13.846 -2.324  16.002  1.00 55.94  ? 36  G   A "O5'" 1 
ATOM   768  C  "C5'" . G   A 1 36 ? -13.779 -3.441  16.865  1.00 55.72  ? 36  G   A "C5'" 1 
ATOM   769  C  "C4'" . G   A 1 36 ? -12.896 -4.529  16.308  1.00 55.68  ? 36  G   A "C4'" 1 
ATOM   770  O  "O4'" . G   A 1 36 ? -13.427 -5.012  15.047  1.00 54.61  ? 36  G   A "O4'" 1 
ATOM   771  C  "C3'" . G   A 1 36 ? -11.485 -4.130  15.948  1.00 58.46  ? 36  G   A "C3'" 1 
ATOM   772  O  "O3'" . G   A 1 36 ? -10.636 -3.956  17.066  1.00 62.69  ? 36  G   A "O3'" 1 
ATOM   773  C  "C2'" . G   A 1 36 ? -11.074 -5.267  15.036  1.00 57.79  ? 36  G   A "C2'" 1 
ATOM   774  O  "O2'" . G   A 1 36 ? -10.839 -6.449  15.788  1.00 58.09  ? 36  G   A "O2'" 1 
ATOM   775  C  "C1'" . G   A 1 36 ? -12.360 -5.453  14.228  1.00 55.16  ? 36  G   A "C1'" 1 
ATOM   776  N  N9    . G   A 1 36 ? -12.339 -4.639  12.998  1.00 54.14  ? 36  G   A N9    1 
ATOM   777  C  C8    . G   A 1 36 ? -12.894 -3.406  12.782  1.00 53.77  ? 36  G   A C8    1 
ATOM   778  N  N7    . G   A 1 36 ? -12.662 -2.936  11.587  1.00 52.86  ? 36  G   A N7    1 
ATOM   779  C  C5    . G   A 1 36 ? -11.883 -3.901  10.987  1.00 51.98  ? 36  G   A C5    1 
ATOM   780  C  C6    . G   A 1 36 ? -11.315 -3.952  9.691   1.00 52.86  ? 36  G   A C6    1 
ATOM   781  O  O6    . G   A 1 36 ? -11.402 -3.126  8.788   1.00 53.65  ? 36  G   A O6    1 
ATOM   782  N  N1    . G   A 1 36 ? -10.579 -5.108  9.475   1.00 51.74  ? 36  G   A N1    1 
ATOM   783  C  C2    . G   A 1 36 ? -10.428 -6.098  10.418  1.00 53.32  ? 36  G   A C2    1 
ATOM   784  N  N2    . G   A 1 36 ? -9.698  -7.154  10.049  1.00 54.09  ? 36  G   A N2    1 
ATOM   785  N  N3    . G   A 1 36 ? -10.959 -6.073  11.632  1.00 53.97  ? 36  G   A N3    1 
ATOM   786  C  C4    . G   A 1 36 ? -11.669 -4.951  11.846  1.00 53.44  ? 36  G   A C4    1 
ATOM   787  P  P     . C   A 1 37 ? -9.370  -2.967  16.953  1.00 66.73  ? 37  C   A P     1 
ATOM   788  O  OP1   . C   A 1 37 ? -8.850  -2.771  18.325  1.00 66.88  ? 37  C   A OP1   1 
ATOM   789  O  OP2   . C   A 1 37 ? -9.802  -1.771  16.166  1.00 60.98  ? 37  C   A OP2   1 
ATOM   790  O  "O5'" . C   A 1 37 ? -8.342  -3.818  16.103  1.00 58.86  ? 37  C   A "O5'" 1 
ATOM   791  C  "C5'" . C   A 1 37 ? -7.818  -5.022  16.613  1.00 60.08  ? 37  C   A "C5'" 1 
ATOM   792  C  "C4'" . C   A 1 37 ? -7.220  -5.860  15.521  1.00 62.11  ? 37  C   A "C4'" 1 
ATOM   793  O  "O4'" . C   A 1 37 ? -8.148  -5.961  14.409  1.00 61.71  ? 37  C   A "O4'" 1 
ATOM   794  C  "C3'" . C   A 1 37 ? -5.978  -5.309  14.852  1.00 62.90  ? 37  C   A "C3'" 1 
ATOM   795  O  "O3'" . C   A 1 37 ? -4.804  -5.423  15.623  1.00 64.25  ? 37  C   A "O3'" 1 
ATOM   796  C  "C2'" . C   A 1 37 ? -5.941  -6.125  13.583  1.00 61.50  ? 37  C   A "C2'" 1 
ATOM   797  O  "O2'" . C   A 1 37 ? -5.559  -7.461  13.866  1.00 62.23  ? 37  C   A "O2'" 1 
ATOM   798  C  "C1'" . C   A 1 37 ? -7.414  -6.120  13.206  1.00 59.83  ? 37  C   A "C1'" 1 
ATOM   799  N  N1    . C   A 1 37 ? -7.723  -5.008  12.288  1.00 56.75  ? 37  C   A N1    1 
ATOM   800  C  C2    . C   A 1 37 ? -7.242  -5.144  10.976  1.00 57.02  ? 37  C   A C2    1 
ATOM   801  O  O2    . C   A 1 37 ? -6.625  -6.205  10.661  1.00 59.20  ? 37  C   A O2    1 
ATOM   802  N  N3    . C   A 1 37 ? -7.478  -4.128  10.093  1.00 54.02  ? 37  C   A N3    1 
ATOM   803  C  C4    . C   A 1 37 ? -8.164  -3.037  10.482  1.00 53.09  ? 37  C   A C4    1 
ATOM   804  N  N4    . C   A 1 37 ? -8.398  -2.057  9.600   1.00 50.44  ? 37  C   A N4    1 
ATOM   805  C  C5    . C   A 1 37 ? -8.646  -2.889  11.810  1.00 54.29  ? 37  C   A C5    1 
ATOM   806  C  C6    . C   A 1 37 ? -8.397  -3.886  12.674  1.00 56.62  ? 37  C   A C6    1 
ATOM   807  P  P     . U   A 1 38 ? -3.532  -4.527  15.236  1.00 67.09  ? 38  U   A P     1 
ATOM   808  O  OP1   . U   A 1 38 ? -2.497  -4.804  16.257  1.00 68.03  ? 38  U   A OP1   1 
ATOM   809  O  OP2   . U   A 1 38 ? -4.024  -3.128  15.060  1.00 59.41  ? 38  U   A OP2   1 
ATOM   810  O  "O5'" . U   A 1 38 ? -3.073  -5.125  13.827  1.00 58.22  ? 38  U   A "O5'" 1 
ATOM   811  C  "C5'" . U   A 1 38 ? -2.303  -6.316  13.760  1.00 57.72  ? 38  U   A "C5'" 1 
ATOM   812  C  "C4'" . U   A 1 38 ? -1.700  -6.523  12.388  1.00 57.38  ? 38  U   A "C4'" 1 
ATOM   813  O  "O4'" . U   A 1 38 ? -2.738  -6.457  11.376  1.00 56.51  ? 38  U   A "O4'" 1 
ATOM   814  C  "C3'" . U   A 1 38 ? -0.704  -5.481  11.909  1.00 56.65  ? 38  U   A "C3'" 1 
ATOM   815  O  "O3'" . U   A 1 38 ? 0.578   -5.586  12.502  1.00 56.81  ? 38  U   A "O3'" 1 
ATOM   816  C  "C2'" . U   A 1 38 ? -0.704  -5.730  10.406  1.00 54.86  ? 38  U   A "C2'" 1 
ATOM   817  O  "O2'" . U   A 1 38 ? 0.020   -6.913  10.096  1.00 55.47  ? 38  U   A "O2'" 1 
ATOM   818  C  "C1'" . U   A 1 38 ? -2.183  -5.996  10.158  1.00 52.23  ? 38  U   A "C1'" 1 
ATOM   819  N  N1    . U   A 1 38 ? -2.901  -4.777  9.737   1.00 50.89  ? 38  U   A N1    1 
ATOM   820  C  C2    . U   A 1 38 ? -2.943  -4.489  8.383   1.00 50.02  ? 38  U   A C2    1 
ATOM   821  O  O2    . U   A 1 38 ? -2.420  -5.199  7.546   1.00 49.28  ? 38  U   A O2    1 
ATOM   822  N  N3    . U   A 1 38 ? -3.626  -3.349  8.025   1.00 48.70  ? 38  U   A N3    1 
ATOM   823  C  C4    . U   A 1 38 ? -4.270  -2.474  8.876   1.00 49.61  ? 38  U   A C4    1 
ATOM   824  O  O4    . U   A 1 38 ? -4.855  -1.483  8.418   1.00 49.01  ? 38  U   A O4    1 
ATOM   825  C  C5    . U   A 1 38 ? -4.179  -2.833  10.259  1.00 51.10  ? 38  U   A C5    1 
ATOM   826  C  C6    . U   A 1 38 ? -3.516  -3.939  10.634  1.00 52.26  ? 38  U   A C6    1 
ATOM   827  P  P     . G   A 1 39 ? 1.564   -4.308  12.503  1.00 62.73  ? 39  G   A P     1 
ATOM   828  O  OP1   . G   A 1 39 ? 2.851   -4.747  13.111  1.00 60.20  ? 39  G   A OP1   1 
ATOM   829  O  OP2   . G   A 1 39 ? 0.814   -3.179  13.134  1.00 57.19  ? 39  G   A OP2   1 
ATOM   830  O  "O5'" . G   A 1 39 ? 1.785   -4.018  10.949  1.00 54.96  ? 39  G   A "O5'" 1 
ATOM   831  C  "C5'" . G   A 1 39 ? 2.722   -4.771  10.201  1.00 52.24  ? 39  G   A "C5'" 1 
ATOM   832  C  "C4'" . G   A 1 39 ? 2.766   -4.345  8.751   1.00 51.01  ? 39  G   A "C4'" 1 
ATOM   833  O  "O4'" . G   A 1 39 ? 1.429   -4.326  8.187   1.00 49.40  ? 39  G   A "O4'" 1 
ATOM   834  C  "C3'" . G   A 1 39 ? 3.293   -2.949  8.464   1.00 50.63  ? 39  G   A "C3'" 1 
ATOM   835  O  "O3'" . G   A 1 39 ? 4.714   -2.861  8.536   1.00 51.27  ? 39  G   A "O3'" 1 
ATOM   836  C  "C2'" . G   A 1 39 ? 2.742   -2.699  7.066   1.00 49.19  ? 39  G   A "C2'" 1 
ATOM   837  O  "O2'" . G   A 1 39 ? 3.497   -3.417  6.106   1.00 52.00  ? 39  G   A "O2'" 1 
ATOM   838  C  "C1'" . G   A 1 39 ? 1.358   -3.348  7.166   1.00 48.37  ? 39  G   A "C1'" 1 
ATOM   839  N  N9    . G   A 1 39 ? 0.328   -2.358  7.527   1.00 47.39  ? 39  G   A N9    1 
ATOM   840  C  C8    . G   A 1 39 ? -0.205  -2.161  8.771   1.00 48.18  ? 39  G   A C8    1 
ATOM   841  N  N7    . G   A 1 39 ? -1.068  -1.194  8.811   1.00 46.98  ? 39  G   A N7    1 
ATOM   842  C  C5    . G   A 1 39 ? -1.104  -0.704  7.518   1.00 46.21  ? 39  G   A C5    1 
ATOM   843  C  C6    . G   A 1 39 ? -1.857  0.363   6.968   1.00 44.57  ? 39  G   A C6    1 
ATOM   844  O  O6    . G   A 1 39 ? -2.663  1.112   7.526   1.00 45.60  ? 39  G   A O6    1 
ATOM   845  N  N1    . G   A 1 39 ? -1.597  0.545   5.629   1.00 43.36  ? 39  G   A N1    1 
ATOM   846  C  C2    . G   A 1 39 ? -0.729  -0.198  4.894   1.00 45.56  ? 39  G   A C2    1 
ATOM   847  N  N2    . G   A 1 39 ? -0.636  0.173   3.612   1.00 45.88  ? 39  G   A N2    1 
ATOM   848  N  N3    . G   A 1 39 ? -0.004  -1.199  5.383   1.00 47.57  ? 39  G   A N3    1 
ATOM   849  C  C4    . G   A 1 39 ? -0.243  -1.404  6.704   1.00 47.34  ? 39  G   A C4    1 
ATOM   850  P  P     . A   A 1 40 ? 5.423   -1.844  9.570   1.00 49.79  ? 40  A   A P     1 
ATOM   851  O  OP1   . A   A 1 40 ? 6.801   -2.346  9.788   1.00 49.45  ? 40  A   A OP1   1 
ATOM   852  O  OP2   . A   A 1 40 ? 4.520   -1.701  10.735  1.00 48.58  ? 40  A   A OP2   1 
ATOM   853  O  "O5'" . A   A 1 40 ? 5.470   -0.476  8.764   1.00 46.81  ? 40  A   A "O5'" 1 
ATOM   854  C  "C5'" . A   A 1 40 ? 5.895   -0.428  7.404   1.00 46.34  ? 40  A   A "C5'" 1 
ATOM   855  C  "C4'" . A   A 1 40 ? 5.014   0.491   6.601   1.00 46.18  ? 40  A   A "C4'" 1 
ATOM   856  O  "O4'" . A   A 1 40 ? 4.900   1.766   7.286   1.00 44.32  ? 40  A   A "O4'" 1 
ATOM   857  C  "C3'" . A   A 1 40 ? 5.479   0.803   5.176   1.00 45.59  ? 40  A   A "C3'" 1 
ATOM   858  O  "O3'" . A   A 1 40 ? 4.373   0.710   4.276   1.00 45.95  ? 40  A   A "O3'" 1 
ATOM   859  C  "C2'" . A   A 1 40 ? 5.924   2.255   5.261   1.00 44.22  ? 40  A   A "C2'" 1 
ATOM   860  O  "O2'" . A   A 1 40 ? 5.777   2.977   4.065   1.00 44.07  ? 40  A   A "O2'" 1 
ATOM   861  C  "C1'" . A   A 1 40 ? 5.013   2.795   6.343   1.00 43.54  ? 40  A   A "C1'" 1 
ATOM   862  N  N9    . A   A 1 40 ? 5.530   3.986   6.997   1.00 43.99  ? 40  A   A N9    1 
ATOM   863  C  C8    . A   A 1 40 ? 6.751   4.198   7.555   1.00 44.96  ? 40  A   A C8    1 
ATOM   864  N  N7    . A   A 1 40 ? 6.900   5.418   8.008   1.00 45.26  ? 40  A   A N7    1 
ATOM   865  C  C5    . A   A 1 40 ? 5.714   6.035   7.722   1.00 42.76  ? 40  A   A C5    1 
ATOM   866  C  C6    . A   A 1 40 ? 5.258   7.328   7.942   1.00 44.16  ? 40  A   A C6    1 
ATOM   867  N  N6    . A   A 1 40 ? 5.969   8.281   8.544   1.00 45.17  ? 40  A   A N6    1 
ATOM   868  N  N1    . A   A 1 40 ? 4.012   7.619   7.519   1.00 45.52  ? 40  A   A N1    1 
ATOM   869  C  C2    . A   A 1 40 ? 3.279   6.672   6.914   1.00 45.74  ? 40  A   A C2    1 
ATOM   870  N  N3    . A   A 1 40 ? 3.608   5.412   6.647   1.00 45.49  ? 40  A   A N3    1 
ATOM   871  C  C4    . A   A 1 40 ? 4.858   5.167   7.087   1.00 44.76  ? 40  A   A C4    1 
ATOM   872  P  P     . U   A 1 41 ? 4.282   -0.517  3.255   1.00 44.75  ? 41  U   A P     1 
ATOM   873  O  OP1   . U   A 1 41 ? 3.379   -0.111  2.162   1.00 49.64  ? 41  U   A OP1   1 
ATOM   874  O  OP2   . U   A 1 41 ? 3.959   -1.706  4.036   1.00 47.76  ? 41  U   A OP2   1 
ATOM   875  O  "O5'" . U   A 1 41 ? 5.755   -0.629  2.705   1.00 51.51  ? 41  U   A "O5'" 1 
ATOM   876  C  "C5'" . U   A 1 41 ? 6.260   0.330   1.790   1.00 52.57  ? 41  U   A "C5'" 1 
ATOM   877  C  "C4'" . U   A 1 41 ? 7.300   -0.277  0.899   1.00 53.75  ? 41  U   A "C4'" 1 
ATOM   878  O  "O4'" . U   A 1 41 ? 8.333   -0.874  1.714   1.00 53.67  ? 41  U   A "O4'" 1 
ATOM   879  C  "C3'" . U   A 1 41 ? 6.830   -1.416  0.019   1.00 54.36  ? 41  U   A "C3'" 1 
ATOM   880  O  "O3'" . U   A 1 41 ? 6.159   -0.969  -1.146  1.00 53.96  ? 41  U   A "O3'" 1 
ATOM   881  C  "C2'" . U   A 1 41 ? 8.124   -2.157  -0.261  1.00 57.00  ? 41  U   A "C2'" 1 
ATOM   882  O  "O2'" . U   A 1 41 ? 8.887   -1.468  -1.244  1.00 60.12  ? 41  U   A "O2'" 1 
ATOM   883  C  "C1'" . U   A 1 41 ? 8.838   -2.020  1.084   1.00 55.52  ? 41  U   A "C1'" 1 
ATOM   884  N  N1    . U   A 1 41 ? 8.589   -3.160  1.961   1.00 57.67  ? 41  U   A N1    1 
ATOM   885  C  C2    . U   A 1 41 ? 9.299   -4.317  1.757   1.00 60.74  ? 41  U   A C2    1 
ATOM   886  O  O2    . U   A 1 41 ? 10.119  -4.438  0.877   1.00 62.30  ? 41  U   A O2    1 
ATOM   887  N  N3    . U   A 1 41 ? 9.000   -5.339  2.622   1.00 62.74  ? 41  U   A N3    1 
ATOM   888  C  C4    . U   A 1 41 ? 8.082   -5.306  3.654   1.00 62.11  ? 41  U   A C4    1 
ATOM   889  O  O4    . U   A 1 41 ? 7.913   -6.305  4.346   1.00 64.89  ? 41  U   A O4    1 
ATOM   890  C  C5    . U   A 1 41 ? 7.400   -4.063  3.815   1.00 59.17  ? 41  U   A C5    1 
ATOM   891  C  C6    . U   A 1 41 ? 7.678   -3.055  2.983   1.00 58.50  ? 41  U   A C6    1 
ATOM   892  P  P     . G   A 1 42 ? 4.673   -1.482  -1.466  1.00 52.48  ? 42  G   A P     1 
ATOM   893  O  OP1   . G   A 1 42 ? 4.067   -0.510  -2.396  1.00 55.35  ? 42  G   A OP1   1 
ATOM   894  O  OP2   . G   A 1 42 ? 4.010   -1.723  -0.163  1.00 52.08  ? 42  G   A OP2   1 
ATOM   895  O  "O5'" . G   A 1 42 ? 4.939   -2.862  -2.222  1.00 57.67  ? 42  G   A "O5'" 1 
ATOM   896  C  "C5'" . G   A 1 42 ? 3.985   -3.919  -2.232  1.00 55.85  ? 42  G   A "C5'" 1 
ATOM   897  C  "C4'" . G   A 1 42 ? 4.521   -5.130  -2.962  1.00 56.85  ? 42  G   A "C4'" 1 
ATOM   898  O  "O4'" . G   A 1 42 ? 4.815   -4.772  -4.337  1.00 59.74  ? 42  G   A "O4'" 1 
ATOM   899  C  "C3'" . G   A 1 42 ? 5.826   -5.698  -2.417  1.00 59.54  ? 42  G   A "C3'" 1 
ATOM   900  O  "O3'" . G   A 1 42 ? 5.613   -6.656  -1.405  1.00 59.46  ? 42  G   A "O3'" 1 
ATOM   901  C  "C2'" . G   A 1 42 ? 6.521   -6.275  -3.645  1.00 62.28  ? 42  G   A "C2'" 1 
ATOM   902  O  "O2'" . G   A 1 42 ? 6.055   -7.586  -3.914  1.00 64.31  ? 42  G   A "O2'" 1 
ATOM   903  C  "C1'" . G   A 1 42 ? 6.036   -5.350  -4.754  1.00 61.08  ? 42  G   A "C1'" 1 
ATOM   904  N  N9    . G   A 1 42 ? 6.986   -4.259  -5.032  1.00 61.32  ? 42  G   A N9    1 
ATOM   905  C  C8    . G   A 1 42 ? 6.651   -2.966  -4.818  1.00 60.73  ? 42  G   A C8    1 
ATOM   906  N  N7    . G   A 1 42 ? 7.587   -2.154  -5.132  1.00 60.61  ? 42  G   A N7    1 
ATOM   907  C  C5    . G   A 1 42 ? 8.618   -2.925  -5.583  1.00 63.57  ? 42  G   A C5    1 
ATOM   908  C  C6    . G   A 1 42 ? 9.887   -2.516  -6.050  1.00 66.06  ? 42  G   A C6    1 
ATOM   909  O  O6    . G   A 1 42 ? 10.339  -1.359  -6.147  1.00 65.19  ? 42  G   A O6    1 
ATOM   910  N  N1    . G   A 1 42 ? 10.642  -3.622  -6.423  1.00 68.11  ? 42  G   A N1    1 
ATOM   911  C  C2    . G   A 1 42 ? 10.221  -4.926  -6.352  1.00 67.43  ? 42  G   A C2    1 
ATOM   912  N  N2    . G   A 1 42 ? 11.103  -5.847  -6.766  1.00 69.03  ? 42  G   A N2    1 
ATOM   913  N  N3    . G   A 1 42 ? 9.027   -5.299  -5.914  1.00 67.49  ? 42  G   A N3    1 
ATOM   914  C  C4    . G   A 1 42 ? 8.269   -4.249  -5.542  1.00 63.85  ? 42  G   A C4    1 
ATOM   915  P  P     . G   A 1 43 ? 6.339   -6.509  0.012   1.00 63.51  ? 43  G   A P     1 
ATOM   916  O  OP1   . G   A 1 43 ? 5.678   -7.475  0.944   1.00 63.00  ? 43  G   A OP1   1 
ATOM   917  O  OP2   . G   A 1 43 ? 6.340   -5.067  0.354   1.00 58.51  ? 43  G   A OP2   1 
ATOM   918  O  "O5'" . G   A 1 43 ? 7.819   -6.983  -0.304  1.00 65.43  ? 43  G   A "O5'" 1 
ATOM   919  C  "C5'" . G   A 1 43 ? 8.078   -8.266  -0.853  1.00 66.32  ? 43  G   A "C5'" 1 
ATOM   920  C  "C4'" . G   A 1 43 ? 9.529   -8.411  -1.226  1.00 66.31  ? 43  G   A "C4'" 1 
ATOM   921  O  "O4'" . G   A 1 43 ? 9.793   -7.646  -2.426  1.00 65.14  ? 43  G   A "O4'" 1 
ATOM   922  C  "C3'" . G   A 1 43 ? 10.532  -7.883  -0.207  1.00 68.44  ? 43  G   A "C3'" 1 
ATOM   923  O  "O3'" . G   A 1 43 ? 10.805  -8.821  0.837   1.00 68.93  ? 43  G   A "O3'" 1 
ATOM   924  C  "C2'" . G   A 1 43 ? 11.747  -7.540  -1.068  1.00 68.61  ? 43  G   A "C2'" 1 
ATOM   925  O  "O2'" . G   A 1 43 ? 12.546  -8.689  -1.285  1.00 69.84  ? 43  G   A "O2'" 1 
ATOM   926  C  "C1'" . G   A 1 43 ? 11.103  -7.136  -2.399  1.00 68.02  ? 43  G   A "C1'" 1 
ATOM   927  N  N9    . G   A 1 43 ? 11.047  -5.671  -2.576  1.00 67.82  ? 43  G   A N9    1 
ATOM   928  C  C8    . G   A 1 43 ? 10.033  -4.819  -2.227  1.00 65.78  ? 43  G   A C8    1 
ATOM   929  N  N7    . G   A 1 43 ? 10.283  -3.574  -2.513  1.00 64.70  ? 43  G   A N7    1 
ATOM   930  C  C5    . G   A 1 43 ? 11.535  -3.600  -3.094  1.00 67.27  ? 43  G   A C5    1 
ATOM   931  C  C6    . G   A 1 43 ? 12.335  -2.546  -3.620  1.00 69.41  ? 43  G   A C6    1 
ATOM   932  O  O6    . G   A 1 43 ? 12.092  -1.333  -3.670  1.00 69.73  ? 43  G   A O6    1 
ATOM   933  N  N1    . G   A 1 43 ? 13.546  -3.018  -4.119  1.00 71.52  ? 43  G   A N1    1 
ATOM   934  C  C2    . G   A 1 43 ? 13.941  -4.337  -4.122  1.00 72.11  ? 43  G   A C2    1 
ATOM   935  N  N2    . G   A 1 43 ? 15.155  -4.591  -4.650  1.00 70.22  ? 43  G   A N2    1 
ATOM   936  N  N3    . G   A 1 43 ? 13.194  -5.326  -3.634  1.00 71.36  ? 43  G   A N3    1 
ATOM   937  C  C4    . G   A 1 43 ? 12.016  -4.888  -3.142  1.00 68.52  ? 43  G   A C4    1 
ATOM   938  P  P     . C   A 1 44 ? 11.672  -8.396  2.145   1.00 74.89  ? 44  C   A P     1 
ATOM   939  O  OP1   . C   A 1 44 ? 11.859  -9.632  2.955   1.00 73.84  ? 44  C   A OP1   1 
ATOM   940  O  OP2   . C   A 1 44 ? 11.001  -7.226  2.777   1.00 67.63  ? 44  C   A OP2   1 
ATOM   941  O  "O5'" . C   A 1 44 ? 13.067  -7.937  1.525   1.00 73.23  ? 44  C   A "O5'" 1 
ATOM   942  C  "C5'" . C   A 1 44 ? 14.144  -8.852  1.371   1.00 74.20  ? 44  C   A "C5'" 1 
ATOM   943  C  "C4'" . C   A 1 44 ? 15.440  -8.125  1.144   1.00 73.98  ? 44  C   A "C4'" 1 
ATOM   944  O  "O4'" . C   A 1 44 ? 15.362  -7.373  -0.097  1.00 73.85  ? 44  C   A "O4'" 1 
ATOM   945  C  "C3'" . C   A 1 44 ? 15.797  -7.081  2.189   1.00 74.17  ? 44  C   A "C3'" 1 
ATOM   946  O  "O3'" . C   A 1 44 ? 16.399  -7.634  3.342   1.00 75.28  ? 44  C   A "O3'" 1 
ATOM   947  C  "C2'" . C   A 1 44 ? 16.696  -6.114  1.421   1.00 76.96  ? 44  C   A "C2'" 1 
ATOM   948  O  "O2'" . C   A 1 44 ? 18.035  -6.599  1.345   1.00 77.99  ? 44  C   A "O2'" 1 
ATOM   949  C  "C1'" . C   A 1 44 ? 16.072  -6.157  0.023   1.00 75.02  ? 44  C   A "C1'" 1 
ATOM   950  N  N1    . C   A 1 44 ? 15.135  -5.028  -0.194  1.00 73.32  ? 44  C   A N1    1 
ATOM   951  C  C2    . C   A 1 44 ? 15.631  -3.900  -0.836  1.00 72.61  ? 44  C   A C2    1 
ATOM   952  O  O2    . C   A 1 44 ? 16.808  -3.918  -1.210  1.00 75.54  ? 44  C   A O2    1 
ATOM   953  N  N3    . C   A 1 44 ? 14.837  -2.833  -1.049  1.00 71.86  ? 44  C   A N3    1 
ATOM   954  C  C4    . C   A 1 44 ? 13.578  -2.855  -0.629  1.00 71.33  ? 44  C   A C4    1 
ATOM   955  N  N4    . C   A 1 44 ? 12.836  -1.770  -0.855  1.00 69.49  ? 44  C   A N4    1 
ATOM   956  C  C5    . C   A 1 44 ? 13.036  -3.983  0.049   1.00 70.94  ? 44  C   A C5    1 
ATOM   957  C  C6    . C   A 1 44 ? 13.840  -5.035  0.247   1.00 72.90  ? 44  C   A C6    1 
ATOM   958  P  P     . C   A 1 45 ? 16.428  -6.793  4.716   1.00 84.04  ? 45  C   A P     1 
ATOM   959  O  OP1   . C   A 1 45 ? 17.013  -7.679  5.759   1.00 85.80  ? 45  C   A OP1   1 
ATOM   960  O  OP2   . C   A 1 45 ? 15.065  -6.248  4.927   1.00 76.30  ? 45  C   A OP2   1 
ATOM   961  O  "O5'" . C   A 1 45 ? 17.438  -5.604  4.388   1.00 79.19  ? 45  C   A "O5'" 1 
ATOM   962  C  "C5'" . C   A 1 45 ? 18.814  -5.689  4.722   1.00 76.46  ? 45  C   A "C5'" 1 
ATOM   963  C  "C4'" . C   A 1 45 ? 19.476  -4.335  4.651   1.00 78.40  ? 45  C   A "C4'" 1 
ATOM   964  O  "O4'" . C   A 1 45 ? 19.348  -3.793  3.303   1.00 78.76  ? 45  C   A "O4'" 1 
ATOM   965  C  "C3'" . C   A 1 45 ? 18.870  -3.254  5.533   1.00 76.58  ? 45  C   A "C3'" 1 
ATOM   966  O  "O3'" . C   A 1 45 ? 19.286  -3.325  6.879   1.00 75.40  ? 45  C   A "O3'" 1 
ATOM   967  C  "C2'" . C   A 1 45 ? 19.286  -1.968  4.828   1.00 76.38  ? 45  C   A "C2'" 1 
ATOM   968  O  "O2'" . C   A 1 45 ? 20.631  -1.625  5.124   1.00 75.16  ? 45  C   A "O2'" 1 
ATOM   969  C  "C1'" . C   A 1 45 ? 19.187  -2.383  3.363   1.00 76.76  ? 45  C   A "C1'" 1 
ATOM   970  N  N1    . C   A 1 45 ? 17.860  -2.023  2.806   1.00 77.84  ? 45  C   A N1    1 
ATOM   971  C  C2    . C   A 1 45 ? 17.753  -0.735  2.277   1.00 75.45  ? 45  C   A C2    1 
ATOM   972  O  O2    . C   A 1 45 ? 18.776  -0.032  2.268   1.00 74.29  ? 45  C   A O2    1 
ATOM   973  N  N3    . C   A 1 45 ? 16.561  -0.323  1.777   1.00 73.57  ? 45  C   A N3    1 
ATOM   974  C  C4    . C   A 1 45 ? 15.507  -1.140  1.821   1.00 72.63  ? 45  C   A C4    1 
ATOM   975  N  N4    . C   A 1 45 ? 14.363  -0.682  1.319   1.00 72.54  ? 45  C   A N4    1 
ATOM   976  C  C5    . C   A 1 45 ? 15.571  -2.453  2.379   1.00 73.71  ? 45  C   A C5    1 
ATOM   977  C  C6    . C   A 1 45 ? 16.754  -2.844  2.869   1.00 75.97  ? 45  C   A C6    1 
ATOM   978  P  P     . U   A 1 46 ? 18.415  -2.610  8.024   1.00 81.22  ? 46  U   A P     1 
ATOM   979  O  OP1   . U   A 1 46 ? 19.150  -2.785  9.302   1.00 83.09  ? 46  U   A OP1   1 
ATOM   980  O  OP2   . U   A 1 46 ? 17.028  -3.136  7.917   1.00 79.65  ? 46  U   A OP2   1 
ATOM   981  O  "O5'" . U   A 1 46 ? 18.444  -1.081  7.598   1.00 75.10  ? 46  U   A "O5'" 1 
ATOM   982  C  "C5'" . U   A 1 46 ? 19.585  -0.287  7.838   1.00 72.54  ? 46  U   A "C5'" 1 
ATOM   983  C  "C4'" . U   A 1 46 ? 19.485  1.040   7.138   1.00 71.50  ? 46  U   A "C4'" 1 
ATOM   984  O  "O4'" . U   A 1 46 ? 19.005  0.863   5.777   1.00 70.46  ? 46  U   A "O4'" 1 
ATOM   985  C  "C3'" . U   A 1 46 ? 18.510  2.039   7.731   1.00 69.20  ? 46  U   A "C3'" 1 
ATOM   986  O  "O3'" . U   A 1 46 ? 19.006  2.672   8.889   1.00 68.42  ? 46  U   A "O3'" 1 
ATOM   987  C  "C2'" . U   A 1 46 ? 18.303  2.991   6.570   1.00 70.08  ? 46  U   A "C2'" 1 
ATOM   988  O  "O2'" . U   A 1 46 ? 19.428  3.846   6.429   1.00 73.62  ? 46  U   A "O2'" 1 
ATOM   989  C  "C1'" . U   A 1 46 ? 18.278  2.015   5.385   1.00 71.00  ? 46  U   A "C1'" 1 
ATOM   990  N  N1    . U   A 1 46 ? 16.886  1.622   5.040   1.00 71.40  ? 46  U   A N1    1 
ATOM   991  C  C2    . U   A 1 46 ? 16.036  2.625   4.560   1.00 69.57  ? 46  U   A C2    1 
ATOM   992  O  O2    . U   A 1 46 ? 16.380  3.790   4.374   1.00 69.61  ? 46  U   A O2    1 
ATOM   993  N  N3    . U   A 1 46 ? 14.743  2.229   4.298   1.00 67.52  ? 46  U   A N3    1 
ATOM   994  C  C4    . U   A 1 46 ? 14.220  0.966   4.461   1.00 68.58  ? 46  U   A C4    1 
ATOM   995  O  O4    . U   A 1 46 ? 13.043  0.772   4.169   1.00 66.85  ? 46  U   A O4    1 
ATOM   996  C  C5    . U   A 1 46 ? 15.148  -0.009  4.953   1.00 70.80  ? 46  U   A C5    1 
ATOM   997  C  C6    . U   A 1 46 ? 16.410  0.343   5.224   1.00 71.91  ? 46  U   A C6    1 
ATOM   998  P  P     . C   A 1 47 ? 18.094  2.777   10.195  1.00 68.35  ? 47  C   A P     1 
ATOM   999  O  OP1   . C   A 1 47 ? 18.979  2.575   11.362  1.00 73.66  ? 47  C   A OP1   1 
ATOM   1000 O  OP2   . C   A 1 47 ? 16.966  1.853   9.995   1.00 70.27  ? 47  C   A OP2   1 
ATOM   1001 O  "O5'" . C   A 1 47 ? 17.581  4.286   10.160  1.00 63.71  ? 47  C   A "O5'" 1 
ATOM   1002 C  "C5'" . C   A 1 47 ? 18.378  5.310   9.591   1.00 64.14  ? 47  C   A "C5'" 1 
ATOM   1003 C  "C4'" . C   A 1 47 ? 17.534  6.392   8.965   1.00 64.94  ? 47  C   A "C4'" 1 
ATOM   1004 O  "O4'" . C   A 1 47 ? 16.982  5.920   7.713   1.00 66.82  ? 47  C   A "O4'" 1 
ATOM   1005 C  "C3'" . C   A 1 47 ? 16.312  6.825   9.754   1.00 62.49  ? 47  C   A "C3'" 1 
ATOM   1006 O  "O3'" . C   A 1 47 ? 16.610  7.718   10.802  1.00 61.52  ? 47  C   A "O3'" 1 
ATOM   1007 C  "C2'" . C   A 1 47 ? 15.402  7.420   8.682   1.00 59.91  ? 47  C   A "C2'" 1 
ATOM   1008 O  "O2'" . C   A 1 47 ? 15.774  8.758   8.380   1.00 56.42  ? 47  C   A "O2'" 1 
ATOM   1009 C  "C1'" . C   A 1 47 ? 15.732  6.543   7.476   1.00 62.76  ? 47  C   A "C1'" 1 
ATOM   1010 N  N1    . C   A 1 47 ? 14.719  5.500   7.233   1.00 58.34  ? 47  C   A N1    1 
ATOM   1011 C  C2    . C   A 1 47 ? 13.442  5.858   6.801   1.00 56.87  ? 47  C   A C2    1 
ATOM   1012 O  O2    . C   A 1 47 ? 13.161  7.051   6.664   1.00 55.92  ? 47  C   A O2    1 
ATOM   1013 N  N3    . C   A 1 47 ? 12.525  4.901   6.550   1.00 57.45  ? 47  C   A N3    1 
ATOM   1014 C  C4    . C   A 1 47 ? 12.872  3.626   6.706   1.00 60.44  ? 47  C   A C4    1 
ATOM   1015 N  N4    . C   A 1 47 ? 11.960  2.695   6.457   1.00 59.51  ? 47  C   A N4    1 
ATOM   1016 C  C5    . C   A 1 47 ? 14.172  3.228   7.133   1.00 63.63  ? 47  C   A C5    1 
ATOM   1017 C  C6    . C   A 1 47 ? 15.061  4.194   7.373   1.00 62.48  ? 47  C   A C6    1 
ATOM   1018 P  P     . U   A 1 48 ? 15.754  7.657   12.156  1.00 68.04  ? 48  U   A P     1 
ATOM   1019 O  OP1   . U   A 1 48 ? 16.463  8.515   13.150  1.00 64.18  ? 48  U   A OP1   1 
ATOM   1020 O  OP2   . U   A 1 48 ? 15.533  6.210   12.463  1.00 62.71  ? 48  U   A OP2   1 
ATOM   1021 O  "O5'" . U   A 1 48 ? 14.372  8.330   11.747  1.00 57.18  ? 48  U   A "O5'" 1 
ATOM   1022 C  "C5'" . U   A 1 48 ? 14.292  9.719   11.509  1.00 55.82  ? 48  U   A "C5'" 1 
ATOM   1023 C  "C4'" . U   A 1 48 ? 12.958  10.113  10.923  1.00 55.24  ? 48  U   A "C4'" 1 
ATOM   1024 O  "O4'" . U   A 1 48 ? 12.707  9.388   9.692   1.00 54.71  ? 48  U   A "O4'" 1 
ATOM   1025 C  "C3'" . U   A 1 48 ? 11.737  9.803   11.751  1.00 51.52  ? 48  U   A "C3'" 1 
ATOM   1026 O  "O3'" . U   A 1 48 ? 11.569  10.689  12.832  1.00 51.37  ? 48  U   A "O3'" 1 
ATOM   1027 C  "C2'" . U   A 1 48 ? 10.637  9.896   10.714  1.00 49.25  ? 48  U   A "C2'" 1 
ATOM   1028 O  "O2'" . U   A 1 48 ? 10.394  11.252  10.382  1.00 48.23  ? 48  U   A "O2'" 1 
ATOM   1029 C  "C1'" . U   A 1 48 ? 11.314  9.234   9.522   1.00 49.33  ? 48  U   A "C1'" 1 
ATOM   1030 N  N1    . U   A 1 48 ? 11.014  7.805   9.441   1.00 50.21  ? 48  U   A N1    1 
ATOM   1031 C  C2    . U   A 1 48 ? 9.770   7.409   8.971   1.00 50.27  ? 48  U   A C2    1 
ATOM   1032 O  O2    . U   A 1 48 ? 8.906   8.203   8.641   1.00 49.67  ? 48  U   A O2    1 
ATOM   1033 N  N3    . U   A 1 48 ? 9.560   6.057   8.915   1.00 47.69  ? 48  U   A N3    1 
ATOM   1034 C  C4    . U   A 1 48 ? 10.469  5.090   9.267   1.00 51.04  ? 48  U   A C4    1 
ATOM   1035 O  O4    . U   A 1 48 ? 10.168  3.906   9.174   1.00 52.34  ? 48  U   A O4    1 
ATOM   1036 C  C5    . U   A 1 48 ? 11.732  5.576   9.726   1.00 53.77  ? 48  U   A C5    1 
ATOM   1037 C  C6    . U   A 1 48 ? 11.959  6.889   9.798   1.00 52.75  ? 48  U   A C6    1 
ATOM   1038 P  P     . A   A 1 49 ? 11.261  10.110  14.300  1.00 56.65  ? 49  A   A P     1 
ATOM   1039 O  OP1   . A   A 1 49 ? 11.715  11.138  15.276  1.00 57.77  ? 49  A   A OP1   1 
ATOM   1040 O  OP2   . A   A 1 49 ? 11.849  8.734   14.365  1.00 50.96  ? 49  A   A OP2   1 
ATOM   1041 O  "O5'" . A   A 1 49 ? 9.680   10.027  14.318  1.00 53.25  ? 49  A   A "O5'" 1 
ATOM   1042 C  "C5'" . A   A 1 49 ? 8.902   11.143  13.953  1.00 51.22  ? 49  A   A "C5'" 1 
ATOM   1043 C  "C4'" . A   A 1 49 ? 7.517   10.726  13.561  1.00 54.74  ? 49  A   A "C4'" 1 
ATOM   1044 O  "O4'" . A   A 1 49 ? 7.565   9.900   12.371  1.00 52.06  ? 49  A   A "O4'" 1 
ATOM   1045 C  "C3'" . A   A 1 49 ? 6.769   9.865   14.571  1.00 56.16  ? 49  A   A "C3'" 1 
ATOM   1046 O  "O3'" . A   A 1 49 ? 6.226   10.631  15.639  1.00 60.68  ? 49  A   A "O3'" 1 
ATOM   1047 C  "C2'" . A   A 1 49 ? 5.710   9.202   13.702  1.00 52.66  ? 49  A   A "C2'" 1 
ATOM   1048 O  "O2'" . A   A 1 49 ? 4.646   10.114  13.463  1.00 50.69  ? 49  A   A "O2'" 1 
ATOM   1049 C  "C1'" . A   A 1 49 ? 6.476   8.999   12.382  1.00 51.45  ? 49  A   A "C1'" 1 
ATOM   1050 N  N9    . A   A 1 49 ? 6.994   7.622   12.199  1.00 48.12  ? 49  A   A N9    1 
ATOM   1051 C  C8    . A   A 1 49 ? 8.280   7.176   12.340  1.00 49.03  ? 49  A   A C8    1 
ATOM   1052 N  N7    . A   A 1 49 ? 8.449   5.903   12.060  1.00 48.19  ? 49  A   A N7    1 
ATOM   1053 C  C5    . A   A 1 49 ? 7.185   5.475   11.694  1.00 46.39  ? 49  A   A C5    1 
ATOM   1054 C  C6    . A   A 1 49 ? 6.681   4.229   11.279  1.00 44.24  ? 49  A   A C6    1 
ATOM   1055 N  N6    . A   A 1 49 ? 7.378   3.104   11.147  1.00 44.57  ? 49  A   A N6    1 
ATOM   1056 N  N1    . A   A 1 49 ? 5.394   4.156   10.979  1.00 42.88  ? 49  A   A N1    1 
ATOM   1057 C  C2    . A   A 1 49 ? 4.661   5.259   11.095  1.00 45.37  ? 49  A   A C2    1 
ATOM   1058 N  N3    . A   A 1 49 ? 4.997   6.481   11.474  1.00 46.38  ? 49  A   A N3    1 
ATOM   1059 C  C4    . A   A 1 49 ? 6.295   6.526   11.764  1.00 46.85  ? 49  A   A C4    1 
ATOM   1060 P  P     . C   A 1 50 ? 6.129   10.013  17.129  1.00 67.03  ? 50  C   A P     1 
ATOM   1061 O  OP1   . C   A 1 50 ? 5.898   11.154  18.053  1.00 63.56  ? 50  C   A OP1   1 
ATOM   1062 O  OP2   . C   A 1 50 ? 7.325   9.121   17.341  1.00 53.83  ? 50  C   A OP2   1 
ATOM   1063 O  "O5'" . C   A 1 50 ? 4.826   9.130   17.043  1.00 60.96  ? 50  C   A "O5'" 1 
ATOM   1064 C  "C5'" . C   A 1 50 ? 4.914   7.737   17.200  1.00 60.23  ? 50  C   A "C5'" 1 
ATOM   1065 C  "C4'" . C   A 1 50 ? 3.632   7.064   16.834  1.00 59.81  ? 50  C   A "C4'" 1 
ATOM   1066 O  "O4'" . C   A 1 50 ? 3.843   6.335   15.600  1.00 57.32  ? 50  C   A "O4'" 1 
ATOM   1067 C  "C3'" . C   A 1 50 ? 3.165   6.050   17.854  1.00 61.75  ? 50  C   A "C3'" 1 
ATOM   1068 O  "O3'" . C   A 1 50 ? 1.748   5.931   17.803  1.00 64.96  ? 50  C   A "O3'" 1 
ATOM   1069 C  "C2'" . C   A 1 50 ? 3.819   4.758   17.375  1.00 59.80  ? 50  C   A "C2'" 1 
ATOM   1070 O  "O2'" . C   A 1 50 ? 3.137   3.574   17.744  1.00 62.32  ? 50  C   A "O2'" 1 
ATOM   1071 C  "C1'" . C   A 1 50 ? 3.863   4.941   15.850  1.00 56.43  ? 50  C   A "C1'" 1 
ATOM   1072 N  N1    . C   A 1 50 ? 5.094   4.388   15.264  1.00 51.88  ? 50  C   A N1    1 
ATOM   1073 C  C2    . C   A 1 50 ? 5.060   3.227   14.492  1.00 50.39  ? 50  C   A C2    1 
ATOM   1074 O  O2    . C   A 1 50 ? 3.968   2.706   14.208  1.00 49.68  ? 50  C   A O2    1 
ATOM   1075 N  N3    . C   A 1 50 ? 6.230   2.726   14.044  1.00 49.54  ? 50  C   A N3    1 
ATOM   1076 C  C4    . C   A 1 50 ? 7.393   3.321   14.348  1.00 48.99  ? 50  C   A C4    1 
ATOM   1077 N  N4    . C   A 1 50 ? 8.530   2.788   13.879  1.00 47.96  ? 50  C   A N4    1 
ATOM   1078 C  C5    . C   A 1 50 ? 7.441   4.489   15.145  1.00 48.29  ? 50  C   A C5    1 
ATOM   1079 C  C6    . C   A 1 50 ? 6.280   4.967   15.589  1.00 50.57  ? 50  C   A C6    1 
ATOM   1080 P  P     . U   A 1 51 ? 0.847   6.305   19.086  1.00 67.62  ? 51  U   A P     1 
ATOM   1081 O  OP1   . U   A 1 51 ? -0.195  5.259   19.190  1.00 64.10  ? 51  U   A OP1   1 
ATOM   1082 O  OP2   . U   A 1 51 ? 0.425   7.725   18.923  1.00 67.62  ? 51  U   A OP2   1 
ATOM   1083 O  "O5'" . U   A 1 51 ? 1.868   6.195   20.311  1.00 66.70  ? 51  U   A "O5'" 1 
ATOM   1084 C  "C5'" . U   A 1 51 ? 2.201   4.940   20.900  1.00 64.08  ? 51  U   A "C5'" 1 
ATOM   1085 C  "C4'" . U   A 1 51 ? 1.579   4.767   22.266  1.00 66.51  ? 51  U   A "C4'" 1 
ATOM   1086 O  "O4'" . U   A 1 51 ? 1.631   6.021   23.014  1.00 66.35  ? 51  U   A "O4'" 1 
ATOM   1087 C  "C3'" . U   A 1 51 ? 0.115   4.320   22.263  1.00 66.23  ? 51  U   A "C3'" 1 
ATOM   1088 O  "O3'" . U   A 1 51 ? -0.077  3.342   23.274  1.00 62.59  ? 51  U   A "O3'" 1 
ATOM   1089 C  "C2'" . U   A 1 51 ? -0.642  5.598   22.620  1.00 65.14  ? 51  U   A "C2'" 1 
ATOM   1090 O  "O2'" . U   A 1 51 ? -1.889  5.390   23.233  1.00 64.52  ? 51  U   A "O2'" 1 
ATOM   1091 C  "C1'" . U   A 1 51 ? 0.345   6.294   23.552  1.00 67.11  ? 51  U   A "C1'" 1 
ATOM   1092 N  N1    . U   A 1 51 ? 0.160   7.762   23.630  1.00 67.83  ? 51  U   A N1    1 
ATOM   1093 C  C2    . U   A 1 51 ? -0.614  8.273   24.667  1.00 67.04  ? 51  U   A C2    1 
ATOM   1094 O  O2    . U   A 1 51 ? -1.136  7.587   25.524  1.00 66.58  ? 51  U   A O2    1 
ATOM   1095 N  N3    . U   A 1 51 ? -0.756  9.634   24.686  1.00 66.51  ? 51  U   A N3    1 
ATOM   1096 C  C4    . U   A 1 51 ? -0.222  10.527  23.787  1.00 67.30  ? 51  U   A C4    1 
ATOM   1097 O  O4    . U   A 1 51 ? -0.439  11.728  23.936  1.00 68.93  ? 51  U   A O4    1 
ATOM   1098 C  C5    . U   A 1 51 ? 0.560   9.931   22.746  1.00 68.49  ? 51  U   A C5    1 
ATOM   1099 C  C6    . U   A 1 51 ? 0.724   8.604   22.702  1.00 68.11  ? 51  U   A C6    1 
ATOM   1100 P  P     . G   A 1 52 ? 0.298   1.812   22.973  1.00 64.45  ? 52  G   A P     1 
ATOM   1101 O  OP1   . G   A 1 52 ? -0.444  1.431   21.752  1.00 63.66  ? 52  G   A OP1   1 
ATOM   1102 O  OP2   . G   A 1 52 ? 0.061   1.047   24.220  1.00 65.12  ? 52  G   A OP2   1 
ATOM   1103 O  "O5'" . G   A 1 52 ? 1.869   1.866   22.662  1.00 65.80  ? 52  G   A "O5'" 1 
ATOM   1104 C  "C5'" . G   A 1 52 ? 2.829   1.527   23.656  1.00 64.19  ? 52  G   A "C5'" 1 
ATOM   1105 C  "C4'" . G   A 1 52 ? 4.246   1.639   23.133  1.00 65.55  ? 52  G   A "C4'" 1 
ATOM   1106 O  "O4'" . G   A 1 52 ? 4.322   2.698   22.149  1.00 65.61  ? 52  G   A "O4'" 1 
ATOM   1107 C  "C3'" . G   A 1 52 ? 5.310   1.987   24.171  1.00 68.21  ? 52  G   A "C3'" 1 
ATOM   1108 O  "O3'" . G   A 1 52 ? 5.824   0.839   24.834  1.00 70.94  ? 52  G   A "O3'" 1 
ATOM   1109 C  "C2'" . G   A 1 52 ? 6.368   2.753   23.380  1.00 65.75  ? 52  G   A "C2'" 1 
ATOM   1110 O  "O2'" . G   A 1 52 ? 7.310   1.856   22.809  1.00 67.43  ? 52  G   A "O2'" 1 
ATOM   1111 C  "C1'" . G   A 1 52 ? 5.548   3.387   22.253  1.00 64.86  ? 52  G   A "C1'" 1 
ATOM   1112 N  N9    . G   A 1 52 ? 5.253   4.819   22.477  1.00 66.32  ? 52  G   A N9    1 
ATOM   1113 C  C8    . G   A 1 52 ? 5.483   5.820   21.558  1.00 66.21  ? 52  G   A C8    1 
ATOM   1114 N  N7    . G   A 1 52 ? 5.104   7.005   21.950  1.00 64.49  ? 52  G   A N7    1 
ATOM   1115 C  C5    . G   A 1 52 ? 4.559   6.783   23.211  1.00 66.55  ? 52  G   A C5    1 
ATOM   1116 C  C6    . G   A 1 52 ? 3.971   7.701   24.136  1.00 67.53  ? 52  G   A C6    1 
ATOM   1117 O  O6    . G   A 1 52 ? 3.806   8.927   24.039  1.00 68.06  ? 52  G   A O6    1 
ATOM   1118 N  N1    . G   A 1 52 ? 3.547   7.064   25.290  1.00 65.90  ? 52  G   A N1    1 
ATOM   1119 C  C2    . G   A 1 52 ? 3.666   5.724   25.517  1.00 66.20  ? 52  G   A C2    1 
ATOM   1120 N  N2    . G   A 1 52 ? 3.188   5.306   26.689  1.00 67.82  ? 52  G   A N2    1 
ATOM   1121 N  N3    . G   A 1 52 ? 4.206   4.859   24.676  1.00 66.31  ? 52  G   A N3    1 
ATOM   1122 C  C4    . G   A 1 52 ? 4.636   5.442   23.544  1.00 66.02  ? 52  G   A C4    1 
HETATM 1123 CS CS    . CS  B 2 .  ? -0.855  4.601   -3.414  1.00 122.77 ? 101 CS  A CS    1 
HETATM 1124 CS CS    . CS  C 2 .  ? 7.673   1.562   -4.026  1.00 136.55 ? 102 CS  A CS    1 
HETATM 1125 CS CS    . CS  D 2 .  ? 18.927  7.321   4.391   1.00 152.49 ? 103 CS  A CS    1 
HETATM 1126 CS CS    . CS  E 2 .  ? -5.909  -8.731  10.054  1.00 132.92 ? 104 CS  A CS    1 
HETATM 1127 CS CS    . CS  F 2 .  ? -14.387 -0.521  7.986   1.00 148.93 ? 105 CS  A CS    1 
HETATM 1128 MG MG    . MG  G 3 .  ? -20.874 -10.092 2.675   1.00 58.13  ? 106 MG  A MG    1 
HETATM 1129 MG MG    . MG  H 3 .  ? 25.173  7.498   -22.934 1.00 68.49  ? 107 MG  A MG    1 
HETATM 1130 MG MG    . MG  I 3 .  ? 2.577   0.004   0.304   1.00 46.76  ? 108 MG  A MG    1 
HETATM 1131 MG MG    . MG  J 3 .  ? 3.829   1.722   -2.420  1.00 53.24  ? 109 MG  A MG    1 
HETATM 1132 MG MG    . MG  K 3 .  ? 3.729   2.848   0.452   1.00 52.52  ? 110 MG  A MG    1 
HETATM 1133 MG MG    . MG  L 3 .  ? 3.593   -0.159  11.736  1.00 51.55  ? 111 MG  A MG    1 
HETATM 1134 MG MG    . MG  M 3 .  ? 11.111  1.998   -1.839  1.00 76.01  ? 112 MG  A MG    1 
HETATM 1135 F  F     . F   N 4 .  ? 3.585   1.260   -0.574  1.00 54.02  ? 113 F   A F     1 
HETATM 1136 O  O     . HOH O 5 .  ? 1.343   -1.495  0.983   1.00 46.95  ? 201 HOH A O     1 
HETATM 1137 O  O     . HOH O 5 .  ? 4.340   0.676   10.009  1.00 43.36  ? 202 HOH A O     1 
HETATM 1138 O  O     . HOH O 5 .  ? 2.790   1.620   12.462  1.00 43.68  ? 203 HOH A O     1 
HETATM 1139 O  O     . HOH O 5 .  ? 2.041   -0.591  10.390  1.00 49.59  ? 204 HOH A O     1 
HETATM 1140 O  O     . HOH O 5 .  ? 5.235   0.539   12.723  1.00 43.88  ? 205 HOH A O     1 
HETATM 1141 O  O     . HOH O 5 .  ? -1.465  -0.172  12.056  1.00 41.83  ? 206 HOH A O     1 
HETATM 1142 O  O     . HOH O 5 .  ? -5.629  1.219   8.634   1.00 37.00  ? 207 HOH A O     1 
HETATM 1143 O  O     . HOH O 5 .  ? -21.072 -12.212 3.058   1.00 57.08  ? 208 HOH A O     1 
HETATM 1144 O  O     . HOH O 5 .  ? 14.077  3.051   -17.923 1.00 45.67  ? 209 HOH A O     1 
HETATM 1145 O  O     . HOH O 5 .  ? 9.611   0.605   -2.555  1.00 65.34  ? 210 HOH A O     1 
HETATM 1146 O  O     . HOH O 5 .  ? -18.994 -10.908 2.753   1.00 52.09  ? 211 HOH A O     1 
HETATM 1147 O  O     . HOH O 5 .  ? 21.105  8.329   -15.921 1.00 76.41  ? 212 HOH A O     1 
HETATM 1148 O  O     . HOH O 5 .  ? -16.069 -1.796  6.541   1.00 61.13  ? 213 HOH A O     1 
HETATM 1149 O  O     . HOH O 5 .  ? -14.548 1.691   9.247   1.00 84.84  ? 214 HOH A O     1 
HETATM 1150 O  O     . HOH O 5 .  ? 0.827   3.023   -2.527  1.00 55.64  ? 215 HOH A O     1 
HETATM 1151 O  O     . HOH O 5 .  ? -1.126  3.738   -1.217  1.00 58.39  ? 216 HOH A O     1 
HETATM 1152 O  O     . HOH O 5 .  ? 10.519  3.990   -1.507  1.00 63.36  ? 217 HOH A O     1 
HETATM 1153 O  O     . HOH O 5 .  ? 1.048   5.657   -2.027  1.00 60.25  ? 218 HOH A O     1 
HETATM 1154 O  O     . HOH O 5 .  ? 5.159   1.345   -3.903  1.00 57.76  ? 219 HOH A O     1 
# 
loop_
_pdbx_poly_seq_scheme.asym_id 
_pdbx_poly_seq_scheme.entity_id 
_pdbx_poly_seq_scheme.seq_id 
_pdbx_poly_seq_scheme.mon_id 
_pdbx_poly_seq_scheme.ndb_seq_num 
_pdbx_poly_seq_scheme.pdb_seq_num 
_pdbx_poly_seq_scheme.auth_seq_num 
_pdbx_poly_seq_scheme.pdb_mon_id 
_pdbx_poly_seq_scheme.auth_mon_id 
_pdbx_poly_seq_scheme.pdb_strand_id 
_pdbx_poly_seq_scheme.pdb_ins_code 
_pdbx_poly_seq_scheme.hetero 
A 1 1  GTP 1  1  1  GTP GTP A . n 
A 1 2  G   2  2  2  G   G   A . n 
A 1 3  G   3  3  3  G   G   A . n 
A 1 4  C   4  4  4  C   C   A . n 
A 1 5  G   5  5  5  G   G   A . n 
A 1 6  A   6  6  6  A   A   A . n 
A 1 7  U   7  7  7  U   U   A . n 
A 1 8  G   8  8  8  G   G   A . n 
A 1 9  A   9  9  9  A   A   A . n 
A 1 10 G   10 10 10 G   G   A . n 
A 1 11 G   11 11 11 G   G   A . n 
A 1 12 C   12 12 12 C   C   A . n 
A 1 13 C   13 13 13 C   C   A . n 
A 1 14 C   14 14 14 C   C   A . n 
A 1 15 G   15 15 15 G   G   A . n 
A 1 16 C   16 16 16 C   C   A . n 
A 1 17 C   17 17 17 C   C   A . n 
A 1 18 C   18 18 18 C   C   A . n 
A 1 19 A   19 19 19 A   A   A . n 
A 1 20 A   20 20 20 A   A   A . n 
A 1 21 A   21 21 21 A   A   A . n 
A 1 22 C   22 22 22 C   C   A . n 
A 1 23 U   23 23 23 U   U   A . n 
A 1 24 G   24 24 24 G   G   A . n 
A 1 25 C   25 25 25 C   C   A . n 
A 1 26 C   26 26 26 C   C   A . n 
A 1 27 C   27 27 27 C   C   A . n 
A 1 28 U   28 28 28 U   U   A . n 
A 1 29 G   29 29 29 G   G   A . n 
A 1 30 A   30 30 30 A   A   A . n 
A 1 31 A   31 31 31 A   A   A . n 
A 1 32 A   32 32 32 A   A   A . n 
A 1 33 A   33 33 33 A   A   A . n 
A 1 34 G   34 34 34 G   G   A . n 
A 1 35 G   35 35 35 G   G   A . n 
A 1 36 G   36 36 36 G   G   A . n 
A 1 37 C   37 37 37 C   C   A . n 
A 1 38 U   38 38 38 U   U   A . n 
A 1 39 G   39 39 39 G   G   A . n 
A 1 40 A   40 40 40 A   A   A . n 
A 1 41 U   41 41 41 U   U   A . n 
A 1 42 G   42 42 42 G   G   A . n 
A 1 43 G   43 43 43 G   G   A . n 
A 1 44 C   44 44 44 C   C   A . n 
A 1 45 C   45 45 45 C   C   A . n 
A 1 46 U   46 46 46 U   U   A . n 
A 1 47 C   47 47 47 C   C   A . n 
A 1 48 U   48 48 48 U   U   A . n 
A 1 49 A   49 49 49 A   A   A . n 
A 1 50 C   50 50 50 C   C   A . n 
A 1 51 U   51 51 51 U   U   A . n 
A 1 52 G   52 52 52 G   G   A . n 
# 
loop_
_pdbx_nonpoly_scheme.asym_id 
_pdbx_nonpoly_scheme.entity_id 
_pdbx_nonpoly_scheme.mon_id 
_pdbx_nonpoly_scheme.ndb_seq_num 
_pdbx_nonpoly_scheme.pdb_seq_num 
_pdbx_nonpoly_scheme.auth_seq_num 
_pdbx_nonpoly_scheme.pdb_mon_id 
_pdbx_nonpoly_scheme.auth_mon_id 
_pdbx_nonpoly_scheme.pdb_strand_id 
_pdbx_nonpoly_scheme.pdb_ins_code 
B 2 CS  1  101 1  CS  CS  A . 
C 2 CS  1  102 2  CS  CS  A . 
D 2 CS  1  103 3  CS  CS  A . 
E 2 CS  1  104 4  CS  CS  A . 
F 2 CS  1  105 5  CS  CS  A . 
G 3 MG  1  106 1  MG  MG  A . 
H 3 MG  1  107 2  MG  MG  A . 
I 3 MG  1  108 3  MG  MG  A . 
J 3 MG  1  109 4  MG  MG  A . 
K 3 MG  1  110 5  MG  MG  A . 
L 3 MG  1  111 6  MG  MG  A . 
M 3 MG  1  112 7  MG  MG  A . 
N 4 F   1  113 1  F   F   A . 
O 5 HOH 1  201 1  HOH HOH A . 
O 5 HOH 2  202 2  HOH HOH A . 
O 5 HOH 3  203 3  HOH HOH A . 
O 5 HOH 4  204 4  HOH HOH A . 
O 5 HOH 5  205 5  HOH HOH A . 
O 5 HOH 6  206 6  HOH HOH A . 
O 5 HOH 7  207 7  HOH HOH A . 
O 5 HOH 8  208 8  HOH HOH A . 
O 5 HOH 9  209 9  HOH HOH A . 
O 5 HOH 10 210 10 HOH HOH A . 
O 5 HOH 11 211 11 HOH HOH A . 
O 5 HOH 12 212 12 HOH HOH A . 
O 5 HOH 13 213 13 HOH HOH A . 
O 5 HOH 14 214 14 HOH HOH A . 
O 5 HOH 15 215 15 HOH HOH A . 
O 5 HOH 16 216 16 HOH HOH A . 
O 5 HOH 17 217 17 HOH HOH A . 
O 5 HOH 18 218 18 HOH HOH A . 
O 5 HOH 19 219 19 HOH HOH A . 
# 
_pdbx_struct_mod_residue.id               1 
_pdbx_struct_mod_residue.label_asym_id    A 
_pdbx_struct_mod_residue.label_comp_id    GTP 
_pdbx_struct_mod_residue.label_seq_id     1 
_pdbx_struct_mod_residue.auth_asym_id     A 
_pdbx_struct_mod_residue.auth_comp_id     GTP 
_pdbx_struct_mod_residue.auth_seq_id      1 
_pdbx_struct_mod_residue.PDB_ins_code     ? 
_pdbx_struct_mod_residue.parent_comp_id   G 
_pdbx_struct_mod_residue.details          "GUANOSINE-5'-TRIPHOSPHATE" 
# 
_pdbx_struct_assembly.id                   1 
_pdbx_struct_assembly.details              author_defined_assembly 
_pdbx_struct_assembly.method_details       ? 
_pdbx_struct_assembly.oligomeric_details   monomeric 
_pdbx_struct_assembly.oligomeric_count     1 
# 
_pdbx_struct_assembly_gen.assembly_id       1 
_pdbx_struct_assembly_gen.oper_expression   1 
_pdbx_struct_assembly_gen.asym_id_list      A,B,C,D,E,F,G,H,I,J,K,L,M,N,O 
# 
_pdbx_struct_oper_list.id                   1 
_pdbx_struct_oper_list.type                 'identity operation' 
_pdbx_struct_oper_list.name                 1_555 
_pdbx_struct_oper_list.symmetry_operation   x,y,z 
_pdbx_struct_oper_list.matrix[1][1]         1.0000000000 
_pdbx_struct_oper_list.matrix[1][2]         0.0000000000 
_pdbx_struct_oper_list.matrix[1][3]         0.0000000000 
_pdbx_struct_oper_list.vector[1]            0.0000000000 
_pdbx_struct_oper_list.matrix[2][1]         0.0000000000 
_pdbx_struct_oper_list.matrix[2][2]         1.0000000000 
_pdbx_struct_oper_list.matrix[2][3]         0.0000000000 
_pdbx_struct_oper_list.vector[2]            0.0000000000 
_pdbx_struct_oper_list.matrix[3][1]         0.0000000000 
_pdbx_struct_oper_list.matrix[3][2]         0.0000000000 
_pdbx_struct_oper_list.matrix[3][3]         1.0000000000 
_pdbx_struct_oper_list.vector[3]            0.0000000000 
# 
loop_
_pdbx_struct_conn_angle.id 
_pdbx_struct_conn_angle.ptnr1_label_atom_id 
_pdbx_struct_conn_angle.ptnr1_label_alt_id 
_pdbx_struct_conn_angle.ptnr1_label_asym_id 
_pdbx_struct_conn_angle.ptnr1_label_comp_id 
_pdbx_struct_conn_angle.ptnr1_label_seq_id 
_pdbx_struct_conn_angle.ptnr1_auth_atom_id 
_pdbx_struct_conn_angle.ptnr1_auth_asym_id 
_pdbx_struct_conn_angle.ptnr1_auth_comp_id 
_pdbx_struct_conn_angle.ptnr1_auth_seq_id 
_pdbx_struct_conn_angle.ptnr1_PDB_ins_code 
_pdbx_struct_conn_angle.ptnr1_symmetry 
_pdbx_struct_conn_angle.ptnr2_label_atom_id 
_pdbx_struct_conn_angle.ptnr2_label_alt_id 
_pdbx_struct_conn_angle.ptnr2_label_asym_id 
_pdbx_struct_conn_angle.ptnr2_label_comp_id 
_pdbx_struct_conn_angle.ptnr2_label_seq_id 
_pdbx_struct_conn_angle.ptnr2_auth_atom_id 
_pdbx_struct_conn_angle.ptnr2_auth_asym_id 
_pdbx_struct_conn_angle.ptnr2_auth_comp_id 
_pdbx_struct_conn_angle.ptnr2_auth_seq_id 
_pdbx_struct_conn_angle.ptnr2_PDB_ins_code 
_pdbx_struct_conn_angle.ptnr2_symmetry 
_pdbx_struct_conn_angle.ptnr3_label_atom_id 
_pdbx_struct_conn_angle.ptnr3_label_alt_id 
_pdbx_struct_conn_angle.ptnr3_label_asym_id 
_pdbx_struct_conn_angle.ptnr3_label_comp_id 
_pdbx_struct_conn_angle.ptnr3_label_seq_id 
_pdbx_struct_conn_angle.ptnr3_auth_atom_id 
_pdbx_struct_conn_angle.ptnr3_auth_asym_id 
_pdbx_struct_conn_angle.ptnr3_auth_comp_id 
_pdbx_struct_conn_angle.ptnr3_auth_seq_id 
_pdbx_struct_conn_angle.ptnr3_PDB_ins_code 
_pdbx_struct_conn_angle.ptnr3_symmetry 
_pdbx_struct_conn_angle.value 
_pdbx_struct_conn_angle.value_esd 
1  O3G ? A GTP 1  ? A GTP 1   ? 1_555 MG ? H MG . ? A MG 107 ? 1_555 O2G ? A GTP 1  ? A GTP 1   ? 1_555 55.0  ? 
2  OP1 ? A G   5  ? A G   5   ? 1_555 CS ? B CS . ? A CS 101 ? 1_555 O   ? O HOH .  ? A HOH 215 ? 1_555 69.6  ? 
3  OP1 ? A G   5  ? A G   5   ? 1_555 CS ? B CS . ? A CS 101 ? 1_555 O   ? O HOH .  ? A HOH 216 ? 1_555 128.7 ? 
4  O   ? O HOH .  ? A HOH 215 ? 1_555 CS ? B CS . ? A CS 101 ? 1_555 O   ? O HOH .  ? A HOH 216 ? 1_555 60.9  ? 
5  OP1 ? A G   5  ? A G   5   ? 1_555 CS ? B CS . ? A CS 101 ? 1_555 O   ? O HOH .  ? A HOH 218 ? 1_555 96.3  ? 
6  O   ? O HOH .  ? A HOH 215 ? 1_555 CS ? B CS . ? A CS 101 ? 1_555 O   ? O HOH .  ? A HOH 218 ? 1_555 64.3  ? 
7  O   ? O HOH .  ? A HOH 216 ? 1_555 CS ? B CS . ? A CS 101 ? 1_555 O   ? O HOH .  ? A HOH 218 ? 1_555 74.7  ? 
8  OP2 ? A A   6  ? A A   6   ? 1_555 MG ? I MG . ? A MG 108 ? 1_555 OP2 ? A U   7  ? A U   7   ? 1_555 86.6  ? 
9  OP2 ? A A   6  ? A A   6   ? 1_555 MG ? I MG . ? A MG 108 ? 1_555 OP1 ? A U   41 ? A U   41  ? 1_555 162.7 ? 
10 OP2 ? A U   7  ? A U   7   ? 1_555 MG ? I MG . ? A MG 108 ? 1_555 OP1 ? A U   41 ? A U   41  ? 1_555 88.9  ? 
11 OP2 ? A A   6  ? A A   6   ? 1_555 MG ? I MG . ? A MG 108 ? 1_555 OP2 ? A G   42 ? A G   42  ? 1_555 94.0  ? 
12 OP2 ? A U   7  ? A U   7   ? 1_555 MG ? I MG . ? A MG 108 ? 1_555 OP2 ? A G   42 ? A G   42  ? 1_555 158.0 ? 
13 OP1 ? A U   41 ? A U   41  ? 1_555 MG ? I MG . ? A MG 108 ? 1_555 OP2 ? A G   42 ? A G   42  ? 1_555 84.1  ? 
14 OP2 ? A A   6  ? A A   6   ? 1_555 MG ? I MG . ? A MG 108 ? 1_555 O   ? O HOH .  ? A HOH 201 ? 1_555 78.8  ? 
15 OP2 ? A U   7  ? A U   7   ? 1_555 MG ? I MG . ? A MG 108 ? 1_555 O   ? O HOH .  ? A HOH 201 ? 1_555 74.6  ? 
16 OP1 ? A U   41 ? A U   41  ? 1_555 MG ? I MG . ? A MG 108 ? 1_555 O   ? O HOH .  ? A HOH 201 ? 1_555 83.9  ? 
17 OP2 ? A G   42 ? A G   42  ? 1_555 MG ? I MG . ? A MG 108 ? 1_555 O   ? O HOH .  ? A HOH 201 ? 1_555 83.9  ? 
18 OP1 ? A A   6  ? A A   6   ? 1_555 MG ? J MG . ? A MG 109 ? 1_555 OP1 ? A G   42 ? A G   42  ? 1_555 83.8  ? 
19 OP1 ? A A   6  ? A A   6   ? 1_555 MG ? J MG . ? A MG 109 ? 1_555 O   ? O HOH .  ? A HOH 219 ? 1_555 106.2 ? 
20 OP1 ? A G   42 ? A G   42  ? 1_555 MG ? J MG . ? A MG 109 ? 1_555 O   ? O HOH .  ? A HOH 219 ? 1_555 75.7  ? 
21 OP1 ? A U   7  ? A U   7   ? 1_555 MG ? K MG . ? A MG 110 ? 1_555 OP2 ? A G   8  ? A G   8   ? 1_555 64.5  ? 
22 O6  ? A G   29 ? A G   29  ? 1_555 MG ? G MG . ? A MG 106 ? 1_555 O   ? O HOH .  ? A HOH 208 ? 1_555 158.1 ? 
23 O6  ? A G   29 ? A G   29  ? 1_555 MG ? G MG . ? A MG 106 ? 1_555 O   ? O HOH .  ? A HOH 211 ? 1_555 109.9 ? 
24 O   ? O HOH .  ? A HOH 208 ? 1_555 MG ? G MG . ? A MG 106 ? 1_555 O   ? O HOH .  ? A HOH 211 ? 1_555 71.8  ? 
25 O6  ? A G   35 ? A G   35  ? 1_555 CS ? F CS . ? A CS 105 ? 1_555 O   ? O HOH .  ? A HOH 213 ? 1_555 61.1  ? 
26 O6  ? A G   35 ? A G   35  ? 1_555 CS ? F CS . ? A CS 105 ? 1_555 O   ? O HOH .  ? A HOH 214 ? 1_555 132.5 ? 
27 O   ? O HOH .  ? A HOH 213 ? 1_555 CS ? F CS . ? A CS 105 ? 1_555 O   ? O HOH .  ? A HOH 214 ? 1_555 132.1 ? 
28 OP2 ? A A   40 ? A A   40  ? 1_555 MG ? L MG . ? A MG 111 ? 1_555 O   ? O HOH .  ? A HOH 202 ? 1_555 74.5  ? 
29 OP2 ? A A   40 ? A A   40  ? 1_555 MG ? L MG . ? A MG 111 ? 1_555 O   ? O HOH .  ? A HOH 203 ? 1_555 169.4 ? 
30 O   ? O HOH .  ? A HOH 202 ? 1_555 MG ? L MG . ? A MG 111 ? 1_555 O   ? O HOH .  ? A HOH 203 ? 1_555 94.9  ? 
31 OP2 ? A A   40 ? A A   40  ? 1_555 MG ? L MG . ? A MG 111 ? 1_555 O   ? O HOH .  ? A HOH 204 ? 1_555 82.3  ? 
32 O   ? O HOH .  ? A HOH 202 ? 1_555 MG ? L MG . ? A MG 111 ? 1_555 O   ? O HOH .  ? A HOH 204 ? 1_555 79.3  ? 
33 O   ? O HOH .  ? A HOH 203 ? 1_555 MG ? L MG . ? A MG 111 ? 1_555 O   ? O HOH .  ? A HOH 204 ? 1_555 96.6  ? 
34 OP2 ? A A   40 ? A A   40  ? 1_555 MG ? L MG . ? A MG 111 ? 1_555 O   ? O HOH .  ? A HOH 205 ? 1_555 97.4  ? 
35 O   ? O HOH .  ? A HOH 202 ? 1_555 MG ? L MG . ? A MG 111 ? 1_555 O   ? O HOH .  ? A HOH 205 ? 1_555 88.5  ? 
36 O   ? O HOH .  ? A HOH 203 ? 1_555 MG ? L MG . ? A MG 111 ? 1_555 O   ? O HOH .  ? A HOH 205 ? 1_555 81.3  ? 
37 O   ? O HOH .  ? A HOH 204 ? 1_555 MG ? L MG . ? A MG 111 ? 1_555 O   ? O HOH .  ? A HOH 205 ? 1_555 167.4 ? 
38 O   ? O HOH .  ? A HOH 210 ? 1_555 CS ? C CS . ? A CS 102 ? 1_555 O   ? O HOH .  ? A HOH 219 ? 1_555 132.8 ? 
39 O   ? O HOH .  ? A HOH 210 ? 1_555 MG ? M MG . ? A MG 112 ? 1_555 O   ? O HOH .  ? A HOH 217 ? 1_555 117.8 ? 
# 
loop_
_pdbx_audit_revision_history.ordinal 
_pdbx_audit_revision_history.data_content_type 
_pdbx_audit_revision_history.major_revision 
_pdbx_audit_revision_history.minor_revision 
_pdbx_audit_revision_history.revision_date 
1 'Structure model' 1 0 2012-05-09 
2 'Structure model' 1 1 2012-06-20 
3 'Structure model' 1 2 2013-02-13 
4 'Structure model' 1 3 2023-09-13 
# 
_pdbx_audit_revision_details.ordinal             1 
_pdbx_audit_revision_details.revision_ordinal    1 
_pdbx_audit_revision_details.data_content_type   'Structure model' 
_pdbx_audit_revision_details.provider            repository 
_pdbx_audit_revision_details.type                'Initial release' 
_pdbx_audit_revision_details.description         ? 
_pdbx_audit_revision_details.details             ? 
# 
loop_
_pdbx_audit_revision_group.ordinal 
_pdbx_audit_revision_group.revision_ordinal 
_pdbx_audit_revision_group.data_content_type 
_pdbx_audit_revision_group.group 
1 2 'Structure model' 'Database references'    
2 3 'Structure model' 'Structure summary'      
3 4 'Structure model' 'Data collection'        
4 4 'Structure model' 'Database references'    
5 4 'Structure model' 'Derived calculations'   
6 4 'Structure model' 'Refinement description' 
# 
loop_
_pdbx_audit_revision_category.ordinal 
_pdbx_audit_revision_category.revision_ordinal 
_pdbx_audit_revision_category.data_content_type 
_pdbx_audit_revision_category.category 
1 4 'Structure model' chem_comp_atom                
2 4 'Structure model' chem_comp_bond                
3 4 'Structure model' database_2                    
4 4 'Structure model' pdbx_initial_refinement_model 
5 4 'Structure model' pdbx_struct_conn_angle        
6 4 'Structure model' struct_conn                   
7 4 'Structure model' struct_site                   
# 
loop_
_pdbx_audit_revision_item.ordinal 
_pdbx_audit_revision_item.revision_ordinal 
_pdbx_audit_revision_item.data_content_type 
_pdbx_audit_revision_item.item 
1  4 'Structure model' '_database_2.pdbx_DOI'                        
2  4 'Structure model' '_database_2.pdbx_database_accession'         
3  4 'Structure model' '_pdbx_struct_conn_angle.ptnr1_auth_comp_id'  
4  4 'Structure model' '_pdbx_struct_conn_angle.ptnr1_auth_seq_id'   
5  4 'Structure model' '_pdbx_struct_conn_angle.ptnr1_label_asym_id' 
6  4 'Structure model' '_pdbx_struct_conn_angle.ptnr1_label_atom_id' 
7  4 'Structure model' '_pdbx_struct_conn_angle.ptnr1_label_comp_id' 
8  4 'Structure model' '_pdbx_struct_conn_angle.ptnr1_label_seq_id'  
9  4 'Structure model' '_pdbx_struct_conn_angle.ptnr2_auth_comp_id'  
10 4 'Structure model' '_pdbx_struct_conn_angle.ptnr2_auth_seq_id'   
11 4 'Structure model' '_pdbx_struct_conn_angle.ptnr2_label_asym_id' 
12 4 'Structure model' '_pdbx_struct_conn_angle.ptnr2_label_atom_id' 
13 4 'Structure model' '_pdbx_struct_conn_angle.ptnr2_label_comp_id' 
14 4 'Structure model' '_pdbx_struct_conn_angle.ptnr3_auth_comp_id'  
15 4 'Structure model' '_pdbx_struct_conn_angle.ptnr3_auth_seq_id'   
16 4 'Structure model' '_pdbx_struct_conn_angle.ptnr3_label_asym_id' 
17 4 'Structure model' '_pdbx_struct_conn_angle.ptnr3_label_atom_id' 
18 4 'Structure model' '_pdbx_struct_conn_angle.ptnr3_label_comp_id' 
19 4 'Structure model' '_pdbx_struct_conn_angle.ptnr3_label_seq_id'  
20 4 'Structure model' '_pdbx_struct_conn_angle.value'               
21 4 'Structure model' '_struct_conn.pdbx_dist_value'                
22 4 'Structure model' '_struct_conn.pdbx_leaving_atom_flag'         
23 4 'Structure model' '_struct_conn.ptnr1_auth_comp_id'             
24 4 'Structure model' '_struct_conn.ptnr1_auth_seq_id'              
25 4 'Structure model' '_struct_conn.ptnr1_label_asym_id'            
26 4 'Structure model' '_struct_conn.ptnr1_label_atom_id'            
27 4 'Structure model' '_struct_conn.ptnr1_label_comp_id'            
28 4 'Structure model' '_struct_conn.ptnr1_label_seq_id'             
29 4 'Structure model' '_struct_conn.ptnr2_auth_comp_id'             
30 4 'Structure model' '_struct_conn.ptnr2_auth_seq_id'              
31 4 'Structure model' '_struct_conn.ptnr2_label_asym_id'            
32 4 'Structure model' '_struct_conn.ptnr2_label_atom_id'            
33 4 'Structure model' '_struct_conn.ptnr2_label_comp_id'            
34 4 'Structure model' '_struct_site.pdbx_auth_asym_id'              
35 4 'Structure model' '_struct_site.pdbx_auth_comp_id'              
36 4 'Structure model' '_struct_site.pdbx_auth_seq_id'               
# 
loop_
_software.name 
_software.classification 
_software.version 
_software.citation_id 
_software.pdbx_ordinal 
ADSC     'data collection' .                            ? 1 
PHENIX   'model building'  .                            ? 2 
PHENIX   refinement        '(phenix.refine: 1.7.3_928)' ? 3 
HKL-2000 'data reduction'  .                            ? 4 
HKL-2000 'data scaling'    .                            ? 5 
PHENIX   phasing           .                            ? 6 
# 
loop_
_pdbx_validate_close_contact.id 
_pdbx_validate_close_contact.PDB_model_num 
_pdbx_validate_close_contact.auth_atom_id_1 
_pdbx_validate_close_contact.auth_asym_id_1 
_pdbx_validate_close_contact.auth_comp_id_1 
_pdbx_validate_close_contact.auth_seq_id_1 
_pdbx_validate_close_contact.PDB_ins_code_1 
_pdbx_validate_close_contact.label_alt_id_1 
_pdbx_validate_close_contact.auth_atom_id_2 
_pdbx_validate_close_contact.auth_asym_id_2 
_pdbx_validate_close_contact.auth_comp_id_2 
_pdbx_validate_close_contact.auth_seq_id_2 
_pdbx_validate_close_contact.PDB_ins_code_2 
_pdbx_validate_close_contact.label_alt_id_2 
_pdbx_validate_close_contact.dist 
1 1 "O5'" A A 40 ? ? O A HOH 202 ? ? 2.04 
2 1 "O3'" A A 6  ? ? O A HOH 216 ? ? 2.04 
3 1 OP1   A A 6  ? ? O A HOH 215 ? ? 2.17 
# 
loop_
_pdbx_validate_rmsd_angle.id 
_pdbx_validate_rmsd_angle.PDB_model_num 
_pdbx_validate_rmsd_angle.auth_atom_id_1 
_pdbx_validate_rmsd_angle.auth_asym_id_1 
_pdbx_validate_rmsd_angle.auth_comp_id_1 
_pdbx_validate_rmsd_angle.auth_seq_id_1 
_pdbx_validate_rmsd_angle.PDB_ins_code_1 
_pdbx_validate_rmsd_angle.label_alt_id_1 
_pdbx_validate_rmsd_angle.auth_atom_id_2 
_pdbx_validate_rmsd_angle.auth_asym_id_2 
_pdbx_validate_rmsd_angle.auth_comp_id_2 
_pdbx_validate_rmsd_angle.auth_seq_id_2 
_pdbx_validate_rmsd_angle.PDB_ins_code_2 
_pdbx_validate_rmsd_angle.label_alt_id_2 
_pdbx_validate_rmsd_angle.auth_atom_id_3 
_pdbx_validate_rmsd_angle.auth_asym_id_3 
_pdbx_validate_rmsd_angle.auth_comp_id_3 
_pdbx_validate_rmsd_angle.auth_seq_id_3 
_pdbx_validate_rmsd_angle.PDB_ins_code_3 
_pdbx_validate_rmsd_angle.label_alt_id_3 
_pdbx_validate_rmsd_angle.angle_value 
_pdbx_validate_rmsd_angle.angle_target_value 
_pdbx_validate_rmsd_angle.angle_deviation 
_pdbx_validate_rmsd_angle.angle_standard_deviation 
_pdbx_validate_rmsd_angle.linker_flag 
1 1 "C3'" A GTP 1  ? ? "O3'" A GTP 1  ? ? P  A G 2  ? ? 107.03 119.70 -12.67 1.20 Y 
2 1 C5    A G   29 ? ? C6    A G   29 ? ? O6 A G 29 ? ? 124.40 128.60 -4.20  0.60 N 
# 
loop_
_chem_comp_atom.comp_id 
_chem_comp_atom.atom_id 
_chem_comp_atom.type_symbol 
_chem_comp_atom.pdbx_aromatic_flag 
_chem_comp_atom.pdbx_stereo_config 
_chem_comp_atom.pdbx_ordinal 
A   OP3    O  N N 1   
A   P      P  N N 2   
A   OP1    O  N N 3   
A   OP2    O  N N 4   
A   "O5'"  O  N N 5   
A   "C5'"  C  N N 6   
A   "C4'"  C  N R 7   
A   "O4'"  O  N N 8   
A   "C3'"  C  N S 9   
A   "O3'"  O  N N 10  
A   "C2'"  C  N R 11  
A   "O2'"  O  N N 12  
A   "C1'"  C  N R 13  
A   N9     N  Y N 14  
A   C8     C  Y N 15  
A   N7     N  Y N 16  
A   C5     C  Y N 17  
A   C6     C  Y N 18  
A   N6     N  N N 19  
A   N1     N  Y N 20  
A   C2     C  Y N 21  
A   N3     N  Y N 22  
A   C4     C  Y N 23  
A   HOP3   H  N N 24  
A   HOP2   H  N N 25  
A   "H5'"  H  N N 26  
A   "H5''" H  N N 27  
A   "H4'"  H  N N 28  
A   "H3'"  H  N N 29  
A   "HO3'" H  N N 30  
A   "H2'"  H  N N 31  
A   "HO2'" H  N N 32  
A   "H1'"  H  N N 33  
A   H8     H  N N 34  
A   H61    H  N N 35  
A   H62    H  N N 36  
A   H2     H  N N 37  
C   OP3    O  N N 38  
C   P      P  N N 39  
C   OP1    O  N N 40  
C   OP2    O  N N 41  
C   "O5'"  O  N N 42  
C   "C5'"  C  N N 43  
C   "C4'"  C  N R 44  
C   "O4'"  O  N N 45  
C   "C3'"  C  N S 46  
C   "O3'"  O  N N 47  
C   "C2'"  C  N R 48  
C   "O2'"  O  N N 49  
C   "C1'"  C  N R 50  
C   N1     N  N N 51  
C   C2     C  N N 52  
C   O2     O  N N 53  
C   N3     N  N N 54  
C   C4     C  N N 55  
C   N4     N  N N 56  
C   C5     C  N N 57  
C   C6     C  N N 58  
C   HOP3   H  N N 59  
C   HOP2   H  N N 60  
C   "H5'"  H  N N 61  
C   "H5''" H  N N 62  
C   "H4'"  H  N N 63  
C   "H3'"  H  N N 64  
C   "HO3'" H  N N 65  
C   "H2'"  H  N N 66  
C   "HO2'" H  N N 67  
C   "H1'"  H  N N 68  
C   H41    H  N N 69  
C   H42    H  N N 70  
C   H5     H  N N 71  
C   H6     H  N N 72  
CS  CS     CS N N 73  
F   F      F  N N 74  
G   OP3    O  N N 75  
G   P      P  N N 76  
G   OP1    O  N N 77  
G   OP2    O  N N 78  
G   "O5'"  O  N N 79  
G   "C5'"  C  N N 80  
G   "C4'"  C  N R 81  
G   "O4'"  O  N N 82  
G   "C3'"  C  N S 83  
G   "O3'"  O  N N 84  
G   "C2'"  C  N R 85  
G   "O2'"  O  N N 86  
G   "C1'"  C  N R 87  
G   N9     N  Y N 88  
G   C8     C  Y N 89  
G   N7     N  Y N 90  
G   C5     C  Y N 91  
G   C6     C  N N 92  
G   O6     O  N N 93  
G   N1     N  N N 94  
G   C2     C  N N 95  
G   N2     N  N N 96  
G   N3     N  N N 97  
G   C4     C  Y N 98  
G   HOP3   H  N N 99  
G   HOP2   H  N N 100 
G   "H5'"  H  N N 101 
G   "H5''" H  N N 102 
G   "H4'"  H  N N 103 
G   "H3'"  H  N N 104 
G   "HO3'" H  N N 105 
G   "H2'"  H  N N 106 
G   "HO2'" H  N N 107 
G   "H1'"  H  N N 108 
G   H8     H  N N 109 
G   H1     H  N N 110 
G   H21    H  N N 111 
G   H22    H  N N 112 
GTP PG     P  N N 113 
GTP O1G    O  N N 114 
GTP O2G    O  N N 115 
GTP O3G    O  N N 116 
GTP O3B    O  N N 117 
GTP PB     P  N N 118 
GTP O1B    O  N N 119 
GTP O2B    O  N N 120 
GTP O3A    O  N N 121 
GTP PA     P  N N 122 
GTP O1A    O  N N 123 
GTP O2A    O  N N 124 
GTP "O5'"  O  N N 125 
GTP "C5'"  C  N N 126 
GTP "C4'"  C  N R 127 
GTP "O4'"  O  N N 128 
GTP "C3'"  C  N S 129 
GTP "O3'"  O  N N 130 
GTP "C2'"  C  N R 131 
GTP "O2'"  O  N N 132 
GTP "C1'"  C  N R 133 
GTP N9     N  Y N 134 
GTP C8     C  Y N 135 
GTP N7     N  Y N 136 
GTP C5     C  Y N 137 
GTP C6     C  N N 138 
GTP O6     O  N N 139 
GTP N1     N  N N 140 
GTP C2     C  N N 141 
GTP N2     N  N N 142 
GTP N3     N  N N 143 
GTP C4     C  Y N 144 
GTP HOG2   H  N N 145 
GTP HOG3   H  N N 146 
GTP HOB2   H  N N 147 
GTP HOA2   H  N N 148 
GTP "H5'"  H  N N 149 
GTP "H5''" H  N N 150 
GTP "H4'"  H  N N 151 
GTP "H3'"  H  N N 152 
GTP "HO3'" H  N N 153 
GTP "H2'"  H  N N 154 
GTP "HO2'" H  N N 155 
GTP "H1'"  H  N N 156 
GTP H8     H  N N 157 
GTP HN1    H  N N 158 
GTP HN21   H  N N 159 
GTP HN22   H  N N 160 
HOH O      O  N N 161 
HOH H1     H  N N 162 
HOH H2     H  N N 163 
MG  MG     MG N N 164 
U   OP3    O  N N 165 
U   P      P  N N 166 
U   OP1    O  N N 167 
U   OP2    O  N N 168 
U   "O5'"  O  N N 169 
U   "C5'"  C  N N 170 
U   "C4'"  C  N R 171 
U   "O4'"  O  N N 172 
U   "C3'"  C  N S 173 
U   "O3'"  O  N N 174 
U   "C2'"  C  N R 175 
U   "O2'"  O  N N 176 
U   "C1'"  C  N R 177 
U   N1     N  N N 178 
U   C2     C  N N 179 
U   O2     O  N N 180 
U   N3     N  N N 181 
U   C4     C  N N 182 
U   O4     O  N N 183 
U   C5     C  N N 184 
U   C6     C  N N 185 
U   HOP3   H  N N 186 
U   HOP2   H  N N 187 
U   "H5'"  H  N N 188 
U   "H5''" H  N N 189 
U   "H4'"  H  N N 190 
U   "H3'"  H  N N 191 
U   "HO3'" H  N N 192 
U   "H2'"  H  N N 193 
U   "HO2'" H  N N 194 
U   "H1'"  H  N N 195 
U   H3     H  N N 196 
U   H5     H  N N 197 
U   H6     H  N N 198 
# 
loop_
_chem_comp_bond.comp_id 
_chem_comp_bond.atom_id_1 
_chem_comp_bond.atom_id_2 
_chem_comp_bond.value_order 
_chem_comp_bond.pdbx_aromatic_flag 
_chem_comp_bond.pdbx_stereo_config 
_chem_comp_bond.pdbx_ordinal 
A   OP3   P      sing N N 1   
A   OP3   HOP3   sing N N 2   
A   P     OP1    doub N N 3   
A   P     OP2    sing N N 4   
A   P     "O5'"  sing N N 5   
A   OP2   HOP2   sing N N 6   
A   "O5'" "C5'"  sing N N 7   
A   "C5'" "C4'"  sing N N 8   
A   "C5'" "H5'"  sing N N 9   
A   "C5'" "H5''" sing N N 10  
A   "C4'" "O4'"  sing N N 11  
A   "C4'" "C3'"  sing N N 12  
A   "C4'" "H4'"  sing N N 13  
A   "O4'" "C1'"  sing N N 14  
A   "C3'" "O3'"  sing N N 15  
A   "C3'" "C2'"  sing N N 16  
A   "C3'" "H3'"  sing N N 17  
A   "O3'" "HO3'" sing N N 18  
A   "C2'" "O2'"  sing N N 19  
A   "C2'" "C1'"  sing N N 20  
A   "C2'" "H2'"  sing N N 21  
A   "O2'" "HO2'" sing N N 22  
A   "C1'" N9     sing N N 23  
A   "C1'" "H1'"  sing N N 24  
A   N9    C8     sing Y N 25  
A   N9    C4     sing Y N 26  
A   C8    N7     doub Y N 27  
A   C8    H8     sing N N 28  
A   N7    C5     sing Y N 29  
A   C5    C6     sing Y N 30  
A   C5    C4     doub Y N 31  
A   C6    N6     sing N N 32  
A   C6    N1     doub Y N 33  
A   N6    H61    sing N N 34  
A   N6    H62    sing N N 35  
A   N1    C2     sing Y N 36  
A   C2    N3     doub Y N 37  
A   C2    H2     sing N N 38  
A   N3    C4     sing Y N 39  
C   OP3   P      sing N N 40  
C   OP3   HOP3   sing N N 41  
C   P     OP1    doub N N 42  
C   P     OP2    sing N N 43  
C   P     "O5'"  sing N N 44  
C   OP2   HOP2   sing N N 45  
C   "O5'" "C5'"  sing N N 46  
C   "C5'" "C4'"  sing N N 47  
C   "C5'" "H5'"  sing N N 48  
C   "C5'" "H5''" sing N N 49  
C   "C4'" "O4'"  sing N N 50  
C   "C4'" "C3'"  sing N N 51  
C   "C4'" "H4'"  sing N N 52  
C   "O4'" "C1'"  sing N N 53  
C   "C3'" "O3'"  sing N N 54  
C   "C3'" "C2'"  sing N N 55  
C   "C3'" "H3'"  sing N N 56  
C   "O3'" "HO3'" sing N N 57  
C   "C2'" "O2'"  sing N N 58  
C   "C2'" "C1'"  sing N N 59  
C   "C2'" "H2'"  sing N N 60  
C   "O2'" "HO2'" sing N N 61  
C   "C1'" N1     sing N N 62  
C   "C1'" "H1'"  sing N N 63  
C   N1    C2     sing N N 64  
C   N1    C6     sing N N 65  
C   C2    O2     doub N N 66  
C   C2    N3     sing N N 67  
C   N3    C4     doub N N 68  
C   C4    N4     sing N N 69  
C   C4    C5     sing N N 70  
C   N4    H41    sing N N 71  
C   N4    H42    sing N N 72  
C   C5    C6     doub N N 73  
C   C5    H5     sing N N 74  
C   C6    H6     sing N N 75  
G   OP3   P      sing N N 76  
G   OP3   HOP3   sing N N 77  
G   P     OP1    doub N N 78  
G   P     OP2    sing N N 79  
G   P     "O5'"  sing N N 80  
G   OP2   HOP2   sing N N 81  
G   "O5'" "C5'"  sing N N 82  
G   "C5'" "C4'"  sing N N 83  
G   "C5'" "H5'"  sing N N 84  
G   "C5'" "H5''" sing N N 85  
G   "C4'" "O4'"  sing N N 86  
G   "C4'" "C3'"  sing N N 87  
G   "C4'" "H4'"  sing N N 88  
G   "O4'" "C1'"  sing N N 89  
G   "C3'" "O3'"  sing N N 90  
G   "C3'" "C2'"  sing N N 91  
G   "C3'" "H3'"  sing N N 92  
G   "O3'" "HO3'" sing N N 93  
G   "C2'" "O2'"  sing N N 94  
G   "C2'" "C1'"  sing N N 95  
G   "C2'" "H2'"  sing N N 96  
G   "O2'" "HO2'" sing N N 97  
G   "C1'" N9     sing N N 98  
G   "C1'" "H1'"  sing N N 99  
G   N9    C8     sing Y N 100 
G   N9    C4     sing Y N 101 
G   C8    N7     doub Y N 102 
G   C8    H8     sing N N 103 
G   N7    C5     sing Y N 104 
G   C5    C6     sing N N 105 
G   C5    C4     doub Y N 106 
G   C6    O6     doub N N 107 
G   C6    N1     sing N N 108 
G   N1    C2     sing N N 109 
G   N1    H1     sing N N 110 
G   C2    N2     sing N N 111 
G   C2    N3     doub N N 112 
G   N2    H21    sing N N 113 
G   N2    H22    sing N N 114 
G   N3    C4     sing N N 115 
GTP PG    O1G    doub N N 116 
GTP PG    O2G    sing N N 117 
GTP PG    O3G    sing N N 118 
GTP PG    O3B    sing N N 119 
GTP O2G   HOG2   sing N N 120 
GTP O3G   HOG3   sing N N 121 
GTP O3B   PB     sing N N 122 
GTP PB    O1B    doub N N 123 
GTP PB    O2B    sing N N 124 
GTP PB    O3A    sing N N 125 
GTP O2B   HOB2   sing N N 126 
GTP O3A   PA     sing N N 127 
GTP PA    O1A    doub N N 128 
GTP PA    O2A    sing N N 129 
GTP PA    "O5'"  sing N N 130 
GTP O2A   HOA2   sing N N 131 
GTP "O5'" "C5'"  sing N N 132 
GTP "C5'" "C4'"  sing N N 133 
GTP "C5'" "H5'"  sing N N 134 
GTP "C5'" "H5''" sing N N 135 
GTP "C4'" "O4'"  sing N N 136 
GTP "C4'" "C3'"  sing N N 137 
GTP "C4'" "H4'"  sing N N 138 
GTP "O4'" "C1'"  sing N N 139 
GTP "C3'" "O3'"  sing N N 140 
GTP "C3'" "C2'"  sing N N 141 
GTP "C3'" "H3'"  sing N N 142 
GTP "O3'" "HO3'" sing N N 143 
GTP "C2'" "O2'"  sing N N 144 
GTP "C2'" "C1'"  sing N N 145 
GTP "C2'" "H2'"  sing N N 146 
GTP "O2'" "HO2'" sing N N 147 
GTP "C1'" N9     sing N N 148 
GTP "C1'" "H1'"  sing N N 149 
GTP N9    C8     sing Y N 150 
GTP N9    C4     sing Y N 151 
GTP C8    N7     doub Y N 152 
GTP C8    H8     sing N N 153 
GTP N7    C5     sing Y N 154 
GTP C5    C6     sing N N 155 
GTP C5    C4     doub Y N 156 
GTP C6    O6     doub N N 157 
GTP C6    N1     sing N N 158 
GTP N1    C2     sing N N 159 
GTP N1    HN1    sing N N 160 
GTP C2    N2     sing N N 161 
GTP C2    N3     doub N N 162 
GTP N2    HN21   sing N N 163 
GTP N2    HN22   sing N N 164 
GTP N3    C4     sing N N 165 
HOH O     H1     sing N N 166 
HOH O     H2     sing N N 167 
U   OP3   P      sing N N 168 
U   OP3   HOP3   sing N N 169 
U   P     OP1    doub N N 170 
U   P     OP2    sing N N 171 
U   P     "O5'"  sing N N 172 
U   OP2   HOP2   sing N N 173 
U   "O5'" "C5'"  sing N N 174 
U   "C5'" "C4'"  sing N N 175 
U   "C5'" "H5'"  sing N N 176 
U   "C5'" "H5''" sing N N 177 
U   "C4'" "O4'"  sing N N 178 
U   "C4'" "C3'"  sing N N 179 
U   "C4'" "H4'"  sing N N 180 
U   "O4'" "C1'"  sing N N 181 
U   "C3'" "O3'"  sing N N 182 
U   "C3'" "C2'"  sing N N 183 
U   "C3'" "H3'"  sing N N 184 
U   "O3'" "HO3'" sing N N 185 
U   "C2'" "O2'"  sing N N 186 
U   "C2'" "C1'"  sing N N 187 
U   "C2'" "H2'"  sing N N 188 
U   "O2'" "HO2'" sing N N 189 
U   "C1'" N1     sing N N 190 
U   "C1'" "H1'"  sing N N 191 
U   N1    C2     sing N N 192 
U   N1    C6     sing N N 193 
U   C2    O2     doub N N 194 
U   C2    N3     sing N N 195 
U   N3    C4     sing N N 196 
U   N3    H3     sing N N 197 
U   C4    O4     doub N N 198 
U   C4    C5     sing N N 199 
U   C5    C6     doub N N 200 
U   C5    H5     sing N N 201 
U   C6    H6     sing N N 202 
# 
loop_
_ndb_struct_conf_na.entry_id 
_ndb_struct_conf_na.feature 
4ENA 'double helix'         
4ENA 'a-form double helix'  
4ENA tetraloop              
4ENA 'mismatched base pair' 
# 
loop_
_ndb_struct_na_base_pair.model_number 
_ndb_struct_na_base_pair.i_label_asym_id 
_ndb_struct_na_base_pair.i_label_comp_id 
_ndb_struct_na_base_pair.i_label_seq_id 
_ndb_struct_na_base_pair.i_symmetry 
_ndb_struct_na_base_pair.j_label_asym_id 
_ndb_struct_na_base_pair.j_label_comp_id 
_ndb_struct_na_base_pair.j_label_seq_id 
_ndb_struct_na_base_pair.j_symmetry 
_ndb_struct_na_base_pair.shear 
_ndb_struct_na_base_pair.stretch 
_ndb_struct_na_base_pair.stagger 
_ndb_struct_na_base_pair.buckle 
_ndb_struct_na_base_pair.propeller 
_ndb_struct_na_base_pair.opening 
_ndb_struct_na_base_pair.pair_number 
_ndb_struct_na_base_pair.pair_name 
_ndb_struct_na_base_pair.i_auth_asym_id 
_ndb_struct_na_base_pair.i_auth_seq_id 
_ndb_struct_na_base_pair.i_PDB_ins_code 
_ndb_struct_na_base_pair.j_auth_asym_id 
_ndb_struct_na_base_pair.j_auth_seq_id 
_ndb_struct_na_base_pair.j_PDB_ins_code 
_ndb_struct_na_base_pair.hbond_type_28 
_ndb_struct_na_base_pair.hbond_type_12 
1 A G 2  1_555 A C 17 1_555 0.766  0.204  0.667  9.480   -7.621  -2.954  1  A_G2:C17_A  A 2  ? A 17 ? 19 1 
1 A G 3  1_555 A C 16 1_555 -0.284 -0.295 0.430  6.004   -9.687  -0.773  2  A_G3:C16_A  A 3  ? A 16 ? 19 1 
1 A C 4  1_555 A G 15 1_555 0.224  -0.234 0.190  0.663   -12.878 3.648   3  A_C4:G15_A  A 4  ? A 15 ? 19 1 
1 A G 5  1_555 A C 14 1_555 0.198  0.071  0.131  8.490   7.318   1.798   4  A_G5:C14_A  A 5  ? A 14 ? 19 1 
1 A G 42 1_555 A C 13 1_555 -0.518 -0.072 -0.096 3.314   -8.478  3.110   5  A_G42:C13_A A 42 ? A 13 ? 19 1 
1 A G 43 1_555 A C 12 1_555 -0.141 -0.134 -0.151 10.862  -3.149  1.602   6  A_G43:C12_A A 43 ? A 12 ? 19 1 
1 A C 44 1_555 A G 11 1_555 0.440  -0.016 -0.770 16.737  0.608   0.852   7  A_C44:G11_A A 44 ? A 11 ? 19 1 
1 A C 45 1_555 A G 10 1_555 -0.142 0.205  -0.639 7.541   0.981   0.254   8  A_C45:G10_A A 45 ? A 10 ? 19 1 
1 A U 46 1_555 A A 9  1_555 0.427  0.007  0.004  2.771   -6.575  6.369   9  A_U46:A9_A  A 46 ? A 9  ? 20 1 
1 A C 47 1_555 A G 8  1_555 0.735  0.014  0.080  -2.072  0.026   7.262   10 A_C47:G8_A  A 47 ? A 8  ? 19 1 
1 A U 48 1_555 A A 40 1_555 4.315  -2.338 -0.413 -16.672 -3.919  -92.998 11 A_U48:A40_A A 48 ? A 40 ? 24 4 
1 A A 6  1_555 A U 38 1_555 -0.106 1.279  0.463  -1.203  4.744   164.294 12 A_A6:U38_A  A 6  ? A 38 ? 21 2 
1 A G 24 1_555 A C 37 1_555 0.361  0.293  0.024  6.316   -4.846  -9.158  13 A_G24:C37_A A 24 ? A 37 ? ?  1 
1 A C 25 1_555 A G 36 1_555 0.562  0.029  -0.131 12.871  -6.788  7.417   14 A_C25:G36_A A 25 ? A 36 ? 19 1 
1 A C 26 1_555 A G 35 1_555 -0.208 0.124  -0.150 11.355  -9.602  5.532   15 A_C26:G35_A A 26 ? A 35 ? 19 1 
1 A C 27 1_555 A G 34 1_555 0.438  -0.354 -0.064 -1.873  -6.560  -2.368  16 A_C27:G34_A A 27 ? A 34 ? 19 1 
1 A U 28 1_555 A A 33 1_555 0.016  -0.002 -0.195 -0.063  -3.120  3.381   17 A_U28:A33_A A 28 ? A 33 ? 20 1 
1 A G 29 1_555 A A 32 1_555 7.384  -4.982 0.470  12.063  13.045  -10.573 18 A_G29:A32_A A 29 ? A 32 ? ?  ? 
# 
loop_
_ndb_struct_na_base_pair_step.model_number 
_ndb_struct_na_base_pair_step.i_label_asym_id_1 
_ndb_struct_na_base_pair_step.i_label_comp_id_1 
_ndb_struct_na_base_pair_step.i_label_seq_id_1 
_ndb_struct_na_base_pair_step.i_symmetry_1 
_ndb_struct_na_base_pair_step.j_label_asym_id_1 
_ndb_struct_na_base_pair_step.j_label_comp_id_1 
_ndb_struct_na_base_pair_step.j_label_seq_id_1 
_ndb_struct_na_base_pair_step.j_symmetry_1 
_ndb_struct_na_base_pair_step.i_label_asym_id_2 
_ndb_struct_na_base_pair_step.i_label_comp_id_2 
_ndb_struct_na_base_pair_step.i_label_seq_id_2 
_ndb_struct_na_base_pair_step.i_symmetry_2 
_ndb_struct_na_base_pair_step.j_label_asym_id_2 
_ndb_struct_na_base_pair_step.j_label_comp_id_2 
_ndb_struct_na_base_pair_step.j_label_seq_id_2 
_ndb_struct_na_base_pair_step.j_symmetry_2 
_ndb_struct_na_base_pair_step.shift 
_ndb_struct_na_base_pair_step.slide 
_ndb_struct_na_base_pair_step.rise 
_ndb_struct_na_base_pair_step.tilt 
_ndb_struct_na_base_pair_step.roll 
_ndb_struct_na_base_pair_step.twist 
_ndb_struct_na_base_pair_step.x_displacement 
_ndb_struct_na_base_pair_step.y_displacement 
_ndb_struct_na_base_pair_step.helical_rise 
_ndb_struct_na_base_pair_step.inclination 
_ndb_struct_na_base_pair_step.tip 
_ndb_struct_na_base_pair_step.helical_twist 
_ndb_struct_na_base_pair_step.step_number 
_ndb_struct_na_base_pair_step.step_name 
_ndb_struct_na_base_pair_step.i_auth_asym_id_1 
_ndb_struct_na_base_pair_step.i_auth_seq_id_1 
_ndb_struct_na_base_pair_step.i_PDB_ins_code_1 
_ndb_struct_na_base_pair_step.j_auth_asym_id_1 
_ndb_struct_na_base_pair_step.j_auth_seq_id_1 
_ndb_struct_na_base_pair_step.j_PDB_ins_code_1 
_ndb_struct_na_base_pair_step.i_auth_asym_id_2 
_ndb_struct_na_base_pair_step.i_auth_seq_id_2 
_ndb_struct_na_base_pair_step.i_PDB_ins_code_2 
_ndb_struct_na_base_pair_step.j_auth_asym_id_2 
_ndb_struct_na_base_pair_step.j_auth_seq_id_2 
_ndb_struct_na_base_pair_step.j_PDB_ins_code_2 
1 A G 2  1_555 A C 17 1_555 A G 3  1_555 A C 16 1_555 0.194  -2.109 3.203  -0.184  2.358    30.412  -4.457 -0.403 3.034  4.486  
0.350  30.502   1  AA_G2G3:C16C17_AA   A 2  ? A 17 ? A 3  ? A 16 ? 
1 A G 3  1_555 A C 16 1_555 A C 4  1_555 A G 15 1_555 0.324  -1.760 3.407  4.224   -2.008   33.900  -2.656 0.157  3.516  -3.423 
-7.201 34.212   2  AA_G3C4:G15C16_AA   A 3  ? A 16 ? A 4  ? A 15 ? 
1 A C 4  1_555 A G 15 1_555 A G 5  1_555 A C 14 1_555 -0.300 -1.661 2.881  2.946   7.225    32.119  -3.928 0.938  2.424  12.823 
-5.228 33.029   3  AA_C4G5:C14G15_AA   A 4  ? A 15 ? A 5  ? A 14 ? 
1 A G 5  1_555 A C 14 1_555 A G 42 1_555 A C 13 1_555 0.326  -2.149 3.325  4.467   4.617    28.759  -5.187 0.288  2.967  9.152  
-8.854 29.453   4  AA_G5G42:C13C14_AA  A 5  ? A 14 ? A 42 ? A 13 ? 
1 A G 42 1_555 A C 13 1_555 A G 43 1_555 A C 12 1_555 0.039  -1.451 3.049  1.311   4.794    34.500  -3.081 0.115  2.828  8.032  
-2.197 34.845   5  AA_G42G43:C12C13_AA A 42 ? A 13 ? A 43 ? A 12 ? 
1 A G 43 1_555 A C 12 1_555 A C 44 1_555 A G 11 1_555 -0.217 -1.278 3.079  4.370   9.185    34.084  -3.288 0.923  2.611  15.254 
-7.258 35.526   6  AA_G43C44:G11C12_AA A 43 ? A 12 ? A 44 ? A 11 ? 
1 A C 44 1_555 A G 11 1_555 A C 45 1_555 A G 10 1_555 -0.091 -1.596 3.333  2.234   27.534   30.148  -4.890 0.342  1.434  43.249 
-3.509 40.672   7  AA_C44C45:G10G11_AA A 44 ? A 11 ? A 45 ? A 10 ? 
1 A C 45 1_555 A G 10 1_555 A U 46 1_555 A A 9  1_555 0.954  -1.848 3.415  -5.192  7.124    28.837  -4.941 -2.847 2.684  13.899 
10.131 30.127   8  AA_C45U46:A9G10_AA  A 45 ? A 10 ? A 46 ? A 9  ? 
1 A U 46 1_555 A A 9  1_555 A C 47 1_555 A G 8  1_555 -0.195 -2.181 3.173  -1.934  7.711    32.396  -4.953 0.052  2.606  13.567 
3.403  33.332   9  AA_U46C47:G8A9_AA   A 46 ? A 9  ? A 47 ? A 8  ? 
1 A C 47 1_555 A G 8  1_555 A U 48 1_555 A A 40 1_555 -3.080 -2.130 3.525  7.402   7.308    81.236  -1.814 2.543  3.117  5.592  
-5.664 81.785   10 AA_C47U48:A40G8_AA  A 47 ? A 8  ? A 48 ? A 40 ? 
1 A A 6  1_555 A U 38 1_555 A G 24 1_555 A C 37 1_555 -1.155 -3.491 -1.923 109.989 -135.551 -56.784 0.686  -1.439 -2.659 68.882 
55.893 -175.216 11 AA_A6G24:C37U38_AA  A 6  ? A 38 ? A 24 ? A 37 ? 
1 A G 24 1_555 A C 37 1_555 A C 25 1_555 A G 36 1_555 0.409  -1.768 3.163  -0.523  1.146    29.362  -3.720 -0.913 3.086  2.259  
1.032  29.389   12 AA_G24C25:G36C37_AA A 24 ? A 37 ? A 25 ? A 36 ? 
1 A C 25 1_555 A G 36 1_555 A C 26 1_555 A G 35 1_555 -0.244 -2.334 3.286  -3.010  6.045    26.069  -6.455 -0.194 2.696  13.123 
6.534  26.915   13 AA_C25C26:G35G36_AA A 25 ? A 36 ? A 26 ? A 35 ? 
1 A C 26 1_555 A G 35 1_555 A C 27 1_555 A G 34 1_555 -0.354 -1.780 3.596  -1.503  6.229    35.737  -3.779 0.347  3.262  10.050 
2.426  36.289   14 AA_C26C27:G34G35_AA A 26 ? A 35 ? A 27 ? A 34 ? 
1 A C 27 1_555 A G 34 1_555 A U 28 1_555 A A 33 1_555 0.619  -1.727 3.091  4.220   6.277    30.117  -4.322 -0.421 2.743  11.846 
-7.964 31.031   15 AA_C27U28:A33G34_AA A 27 ? A 34 ? A 28 ? A 33 ? 
1 A U 28 1_555 A A 33 1_555 A G 29 1_555 A A 32 1_555 -2.153 -1.106 3.026  -1.986  8.285    51.313  -1.768 2.335  2.903  9.492  
2.276  51.968   16 AA_U28G29:A32A33_AA A 28 ? A 33 ? A 29 ? A 32 ? 
# 
loop_
_pdbx_entity_nonpoly.entity_id 
_pdbx_entity_nonpoly.name 
_pdbx_entity_nonpoly.comp_id 
2 'CESIUM ION'    CS  
3 'MAGNESIUM ION' MG  
4 'FLUORIDE ION'  F   
5 water           HOH 
# 
_pdbx_initial_refinement_model.id               1 
_pdbx_initial_refinement_model.entity_id_list   ? 
_pdbx_initial_refinement_model.type             'experimental model' 
_pdbx_initial_refinement_model.source_name      PDB 
_pdbx_initial_refinement_model.accession_code   4ENB 
_pdbx_initial_refinement_model.details          'PDB ENTRY 4ENB' 
# 
